data_8IO0
#
_entry.id   8IO0
#
_cell.length_a   1.00
_cell.length_b   1.00
_cell.length_c   1.00
_cell.angle_alpha   90.00
_cell.angle_beta   90.00
_cell.angle_gamma   90.00
#
_symmetry.space_group_name_H-M   'P 1'
#
loop_
_entity.id
_entity.type
_entity.pdbx_description
1 polymer 'Potassium/sodium hyperpolarization-activated cyclic nucleotide-gated channel 3'
2 non-polymer "ADENOSINE-3',5'-CYCLIC-MONOPHOSPHATE"
#
_entity_poly.entity_id   1
_entity_poly.type   'polypeptide(L)'
_entity_poly.pdbx_seq_one_letter_code
;MEAEQRPAAGASEGATPGLEAVPPVAPPPATAASGPIPKSGPEPKRRHLGTLLQPTVNKFSLRVFGSHKAVEIEQERVKS
AGAWIIHPYSDFRFYWDLIMLLLMVGNLIVLPVGITFFKEENSPPWIVFNVLSDTFFLLDLVLNFRTGIVVEEGAEILLA
PRAIRTRYLRTWFLVDLISSIPVDYIFLVVELEPRLDAEVYKTARALRIVRFTKILSLLRLLRLSRLIRYIHQWEEIFHM
TYDLASAVVRIFNLIGMMLLLCHWDGCLQFLVPMLQDFPPDCWVSINHMVNHSWGRQYSHALFKAMSHMLCIGYGQQAPV
GMPDVWLTMLSMIVGATCYAMFIGHATALIQSLDSSRRQYQEKYKQVEQYMSFHKLPADTRQRIHEYYEHRYQGKMFDEE
SILGELSEPLREEIINFTCRGLVAHMPLFAHADPSFVTAVLTKLRFEVFQPGDLVVREGSVGRKMYFIQHGLLSVLARGA
RDTRLTDGSYFGEICLLTRGRRTASVRADTYCRLYSLSVDHFNAVLEEFPMMRRAFETVAMDRLLRIGKKNSILQRKRSE
PSPGSSGGIMEQHLVQHDRDMARGVRGRAPSTGAQLSGKPVLWEPLVHAPLQAAAVTSNVAIALTHQRGPLPLSPDSPAT
LLARSAWRSAGSPASPLVPVRAGPWASTSRLPAPPARTLHASLSRAGRSQVSLLGPPPGGGGRRLGPRGRPLSASQPSLP
QRATGDGSPGRKGSGSERLPPSGLLAKPPRTAQPPRPPVPEPATPRGLQLSANM
;
_entity_poly.pdbx_strand_id   A,B,C,D
#
# COMPACT_ATOMS: atom_id res chain seq x y z
N GLY A 50 36.54 -27.36 23.42
CA GLY A 50 37.22 -26.08 23.46
C GLY A 50 36.93 -25.21 22.26
N THR A 51 36.34 -25.81 21.23
CA THR A 51 36.00 -25.09 20.02
C THR A 51 34.61 -24.47 20.06
N LEU A 52 33.92 -24.56 21.19
CA LEU A 52 32.56 -24.06 21.28
C LEU A 52 32.50 -22.54 21.30
N LEU A 53 33.62 -21.87 21.58
CA LEU A 53 33.65 -20.42 21.47
C LEU A 53 33.77 -19.96 20.03
N GLN A 54 34.14 -20.82 19.13
CA GLN A 54 34.31 -20.45 17.74
C GLN A 54 33.03 -20.72 16.97
N PRO A 55 32.71 -19.88 15.98
CA PRO A 55 31.52 -20.14 15.17
C PRO A 55 31.73 -21.31 14.23
N THR A 56 30.84 -22.30 14.33
CA THR A 56 30.97 -23.52 13.58
C THR A 56 30.48 -23.31 12.15
N VAL A 57 30.66 -24.31 11.30
CA VAL A 57 30.31 -24.22 9.89
C VAL A 57 28.84 -24.60 9.76
N ASN A 58 27.99 -23.59 9.57
CA ASN A 58 26.56 -23.82 9.45
C ASN A 58 25.97 -23.03 8.30
N LYS A 59 24.65 -23.12 8.13
CA LYS A 59 24.00 -22.47 7.01
C LYS A 59 23.99 -20.96 7.18
N PHE A 60 23.70 -20.48 8.39
CA PHE A 60 23.83 -19.05 8.66
C PHE A 60 25.28 -18.61 8.57
N SER A 61 26.20 -19.49 8.98
CA SER A 61 27.62 -19.18 8.89
C SER A 61 28.07 -19.04 7.44
N LEU A 62 27.57 -19.92 6.57
CA LEU A 62 27.89 -19.79 5.15
C LEU A 62 27.22 -18.57 4.53
N ARG A 63 25.99 -18.25 4.92
CA ARG A 63 25.32 -17.13 4.29
C ARG A 63 25.82 -15.79 4.82
N VAL A 64 26.50 -15.76 5.97
CA VAL A 64 27.08 -14.52 6.45
C VAL A 64 28.53 -14.40 6.01
N PHE A 65 29.35 -15.39 6.36
CA PHE A 65 30.79 -15.29 6.10
C PHE A 65 31.09 -15.49 4.62
N GLY A 66 30.46 -16.46 3.99
CA GLY A 66 30.75 -16.74 2.59
C GLY A 66 31.13 -18.19 2.35
N SER A 67 32.36 -18.43 1.94
CA SER A 67 32.83 -19.78 1.72
C SER A 67 33.32 -20.40 3.02
N HIS A 68 33.86 -21.61 2.95
CA HIS A 68 34.45 -22.24 4.13
C HIS A 68 35.73 -21.52 4.54
N LYS A 69 36.43 -20.92 3.58
CA LYS A 69 37.67 -20.22 3.89
C LYS A 69 37.41 -18.98 4.72
N ALA A 70 36.31 -18.27 4.46
CA ALA A 70 35.98 -17.10 5.27
C ALA A 70 35.58 -17.51 6.68
N VAL A 71 34.95 -18.68 6.81
CA VAL A 71 34.62 -19.22 8.13
C VAL A 71 35.91 -19.58 8.87
N GLU A 72 36.91 -20.11 8.15
CA GLU A 72 38.19 -20.40 8.78
C GLU A 72 38.94 -19.14 9.17
N ILE A 73 38.78 -18.08 8.38
CA ILE A 73 39.37 -16.79 8.73
C ILE A 73 38.73 -16.22 9.99
N GLU A 74 37.40 -16.34 10.10
CA GLU A 74 36.71 -15.89 11.31
C GLU A 74 37.11 -16.75 12.51
N GLN A 75 37.29 -18.05 12.31
CA GLN A 75 37.72 -18.92 13.39
C GLN A 75 39.15 -18.60 13.84
N GLU A 76 40.01 -18.23 12.90
CA GLU A 76 41.36 -17.80 13.26
C GLU A 76 41.34 -16.44 13.96
N ARG A 77 40.42 -15.56 13.57
CA ARG A 77 40.29 -14.28 14.25
C ARG A 77 39.79 -14.46 15.67
N VAL A 78 38.95 -15.46 15.90
CA VAL A 78 38.57 -15.82 17.27
C VAL A 78 39.77 -16.42 18.01
N LYS A 79 40.51 -17.31 17.36
CA LYS A 79 41.66 -17.96 17.94
C LYS A 79 42.89 -17.06 18.02
N SER A 80 42.76 -15.78 17.66
CA SER A 80 43.81 -14.80 17.95
C SER A 80 44.08 -14.73 19.44
N ALA A 81 43.03 -14.61 20.25
CA ALA A 81 43.14 -14.83 21.68
C ALA A 81 42.60 -16.21 22.03
N GLY A 82 42.80 -16.63 23.27
CA GLY A 82 42.40 -17.97 23.66
C GLY A 82 41.71 -18.04 25.00
N ALA A 83 40.47 -18.56 25.01
CA ALA A 83 39.59 -18.64 26.18
C ALA A 83 39.35 -17.28 26.82
N TRP A 84 39.39 -16.21 26.01
CA TRP A 84 39.04 -14.88 26.48
C TRP A 84 37.94 -14.23 25.65
N ILE A 85 37.57 -14.81 24.50
CA ILE A 85 36.63 -14.19 23.59
C ILE A 85 35.53 -15.20 23.28
N ILE A 86 34.28 -14.75 23.36
CA ILE A 86 33.13 -15.53 22.93
C ILE A 86 32.59 -14.92 21.67
N HIS A 87 32.66 -15.67 20.57
CA HIS A 87 32.14 -15.17 19.31
C HIS A 87 30.62 -15.17 19.36
N PRO A 88 29.97 -14.10 18.87
CA PRO A 88 28.53 -13.95 19.09
C PRO A 88 27.68 -14.89 18.25
N TYR A 89 28.26 -15.64 17.34
CA TYR A 89 27.52 -16.63 16.57
C TYR A 89 27.84 -18.04 17.00
N SER A 90 28.65 -18.21 18.02
CA SER A 90 29.07 -19.53 18.46
C SER A 90 27.93 -20.25 19.16
N ASP A 91 28.08 -21.57 19.27
CA ASP A 91 27.03 -22.39 19.88
C ASP A 91 26.96 -22.21 21.39
N PHE A 92 27.99 -21.64 21.99
CA PHE A 92 27.94 -21.37 23.43
C PHE A 92 26.95 -20.27 23.74
N ARG A 93 26.89 -19.24 22.88
CA ARG A 93 25.91 -18.18 23.08
C ARG A 93 24.49 -18.69 22.86
N PHE A 94 24.31 -19.60 21.91
CA PHE A 94 23.06 -20.33 21.76
C PHE A 94 22.67 -21.07 23.04
N TYR A 95 23.58 -21.92 23.50
CA TYR A 95 23.36 -22.77 24.66
C TYR A 95 23.15 -21.97 25.93
N TRP A 96 23.63 -20.74 25.98
CA TRP A 96 23.41 -19.85 27.11
C TRP A 96 22.11 -19.07 27.00
N ASP A 97 21.83 -18.49 25.83
CA ASP A 97 20.65 -17.66 25.65
C ASP A 97 19.37 -18.47 25.72
N LEU A 98 19.41 -19.74 25.34
CA LEU A 98 18.21 -20.57 25.46
C LEU A 98 17.84 -20.77 26.92
N ILE A 99 18.83 -20.81 27.80
CA ILE A 99 18.54 -20.87 29.23
C ILE A 99 18.06 -19.52 29.74
N MET A 100 18.75 -18.45 29.32
CA MET A 100 18.50 -17.15 29.91
C MET A 100 17.14 -16.59 29.51
N LEU A 101 16.65 -16.92 28.31
CA LEU A 101 15.32 -16.46 27.92
C LEU A 101 14.24 -17.11 28.77
N LEU A 102 14.38 -18.41 29.05
CA LEU A 102 13.40 -19.08 29.87
C LEU A 102 13.44 -18.57 31.30
N LEU A 103 14.64 -18.32 31.83
CA LEU A 103 14.74 -17.75 33.18
C LEU A 103 14.15 -16.36 33.25
N MET A 104 14.37 -15.55 32.21
CA MET A 104 13.86 -14.19 32.22
C MET A 104 12.35 -14.17 32.12
N VAL A 105 11.76 -15.07 31.32
CA VAL A 105 10.31 -15.13 31.22
C VAL A 105 9.71 -15.62 32.53
N GLY A 106 10.35 -16.60 33.16
CA GLY A 106 9.87 -17.09 34.44
C GLY A 106 9.91 -16.02 35.52
N ASN A 107 10.97 -15.21 35.55
CA ASN A 107 11.03 -14.15 36.55
C ASN A 107 10.02 -13.05 36.25
N LEU A 108 9.92 -12.62 35.00
CA LEU A 108 9.01 -11.54 34.66
C LEU A 108 7.55 -11.93 34.80
N ILE A 109 7.22 -13.22 34.84
CA ILE A 109 5.88 -13.62 35.20
C ILE A 109 5.72 -13.77 36.70
N VAL A 110 6.65 -14.43 37.38
CA VAL A 110 6.37 -14.84 38.76
C VAL A 110 6.57 -13.71 39.75
N LEU A 111 7.63 -12.90 39.58
CA LEU A 111 8.04 -11.94 40.60
C LEU A 111 7.01 -10.92 41.07
N PRO A 112 6.18 -10.29 40.22
CA PRO A 112 5.19 -9.35 40.79
C PRO A 112 4.10 -10.03 41.56
N VAL A 113 3.69 -11.22 41.12
CA VAL A 113 2.68 -11.97 41.85
C VAL A 113 3.21 -12.37 43.21
N GLY A 114 4.50 -12.69 43.29
CA GLY A 114 5.10 -12.98 44.56
C GLY A 114 5.26 -11.77 45.45
N ILE A 115 5.51 -10.60 44.86
CA ILE A 115 5.68 -9.42 45.69
C ILE A 115 4.35 -8.93 46.23
N THR A 116 3.37 -8.75 45.35
CA THR A 116 2.17 -8.01 45.74
C THR A 116 1.20 -8.85 46.55
N PHE A 117 0.92 -10.07 46.13
CA PHE A 117 -0.20 -10.78 46.73
C PHE A 117 0.17 -11.52 48.00
N PHE A 118 1.37 -12.08 48.09
CA PHE A 118 1.74 -12.82 49.28
C PHE A 118 2.09 -11.87 50.41
N LYS A 119 1.71 -12.27 51.63
CA LYS A 119 1.96 -11.44 52.81
C LYS A 119 3.34 -11.72 53.40
N GLU A 120 3.57 -12.96 53.81
CA GLU A 120 4.85 -13.35 54.40
C GLU A 120 5.84 -13.60 53.29
N GLU A 121 6.77 -12.66 53.11
CA GLU A 121 7.78 -12.75 52.06
C GLU A 121 9.02 -13.51 52.49
N ASN A 122 8.97 -14.16 53.66
CA ASN A 122 10.13 -14.89 54.16
C ASN A 122 10.00 -16.39 53.99
N SER A 123 9.23 -16.85 53.01
CA SER A 123 9.15 -18.28 52.77
C SER A 123 10.46 -18.76 52.14
N PRO A 124 10.92 -19.96 52.48
CA PRO A 124 12.21 -20.45 51.96
C PRO A 124 12.29 -20.62 50.45
N PRO A 125 11.31 -21.23 49.72
CA PRO A 125 11.57 -21.45 48.29
C PRO A 125 11.57 -20.18 47.47
N TRP A 126 10.88 -19.15 47.97
CA TRP A 126 10.96 -17.83 47.37
C TRP A 126 12.38 -17.26 47.47
N ILE A 127 13.03 -17.46 48.61
CA ILE A 127 14.39 -16.97 48.80
C ILE A 127 15.37 -17.76 47.95
N VAL A 128 15.13 -19.07 47.82
CA VAL A 128 15.96 -19.92 46.97
C VAL A 128 15.84 -19.49 45.52
N PHE A 129 14.60 -19.21 45.09
CA PHE A 129 14.34 -18.79 43.72
C PHE A 129 14.99 -17.45 43.41
N ASN A 130 14.94 -16.51 44.37
CA ASN A 130 15.58 -15.22 44.17
C ASN A 130 17.10 -15.34 44.13
N VAL A 131 17.67 -16.22 44.96
CA VAL A 131 19.12 -16.41 44.97
C VAL A 131 19.60 -17.03 43.67
N LEU A 132 18.85 -18.00 43.15
CA LEU A 132 19.18 -18.61 41.87
C LEU A 132 19.09 -17.61 40.73
N SER A 133 18.03 -16.79 40.73
CA SER A 133 17.86 -15.78 39.69
C SER A 133 18.99 -14.76 39.72
N ASP A 134 19.37 -14.29 40.91
CA ASP A 134 20.48 -13.34 41.02
C ASP A 134 21.78 -13.97 40.58
N THR A 135 21.97 -15.26 40.86
CA THR A 135 23.18 -15.96 40.47
C THR A 135 23.32 -16.04 38.96
N PHE A 136 22.28 -16.52 38.28
CA PHE A 136 22.36 -16.65 36.82
C PHE A 136 22.42 -15.29 36.13
N PHE A 137 21.66 -14.31 36.62
CA PHE A 137 21.73 -13.02 35.96
C PHE A 137 22.99 -12.23 36.31
N LEU A 138 23.76 -12.66 37.31
CA LEU A 138 25.08 -12.06 37.47
C LEU A 138 26.12 -12.75 36.60
N LEU A 139 26.03 -14.09 36.52
CA LEU A 139 26.90 -14.85 35.63
C LEU A 139 26.69 -14.47 34.18
N ASP A 140 25.48 -14.03 33.82
CA ASP A 140 25.24 -13.59 32.46
C ASP A 140 26.04 -12.34 32.14
N LEU A 141 26.14 -11.41 33.09
CA LEU A 141 26.94 -10.21 32.87
C LEU A 141 28.42 -10.54 32.81
N VAL A 142 28.85 -11.48 33.65
CA VAL A 142 30.24 -11.93 33.62
C VAL A 142 30.60 -12.55 32.28
N LEU A 143 29.71 -13.39 31.74
CA LEU A 143 29.95 -13.97 30.42
C LEU A 143 29.75 -12.94 29.32
N ASN A 144 28.99 -11.87 29.59
CA ASN A 144 28.85 -10.80 28.61
C ASN A 144 30.15 -10.06 28.42
N PHE A 145 30.95 -9.95 29.49
CA PHE A 145 32.22 -9.24 29.43
C PHE A 145 33.18 -9.81 28.38
N ARG A 146 33.15 -11.12 28.17
CA ARG A 146 34.07 -11.72 27.20
C ARG A 146 33.41 -11.88 25.84
N THR A 147 32.14 -11.51 25.71
CA THR A 147 31.39 -11.83 24.52
C THR A 147 31.71 -10.86 23.38
N GLY A 148 31.37 -11.28 22.15
CA GLY A 148 31.55 -10.44 21.00
C GLY A 148 30.33 -9.60 20.69
N ILE A 149 30.53 -8.57 19.87
CA ILE A 149 29.50 -7.57 19.59
C ILE A 149 29.39 -7.40 18.08
N VAL A 150 28.18 -7.56 17.56
CA VAL A 150 27.92 -7.38 16.14
C VAL A 150 27.49 -5.94 15.91
N VAL A 151 28.06 -5.31 14.88
CA VAL A 151 27.68 -3.97 14.49
C VAL A 151 27.30 -3.94 13.01
N GLU A 156 32.16 -7.80 12.94
CA GLU A 156 32.01 -8.22 14.33
C GLU A 156 33.21 -7.82 15.15
N ILE A 157 33.03 -6.86 16.04
CA ILE A 157 34.11 -6.31 16.86
C ILE A 157 34.44 -7.35 17.93
N LEU A 158 35.49 -8.12 17.69
CA LEU A 158 35.92 -9.15 18.63
C LEU A 158 37.10 -8.71 19.49
N LEU A 159 37.44 -7.42 19.47
CA LEU A 159 38.54 -6.89 20.28
C LEU A 159 38.12 -6.87 21.74
N ALA A 160 38.70 -7.77 22.54
CA ALA A 160 38.18 -7.99 23.89
C ALA A 160 38.53 -6.86 24.87
N PRO A 161 39.80 -6.47 25.09
CA PRO A 161 40.05 -5.55 26.21
C PRO A 161 39.63 -4.11 25.96
N ARG A 162 39.40 -3.72 24.72
CA ARG A 162 39.12 -2.33 24.40
C ARG A 162 37.68 -2.10 23.97
N ALA A 163 37.21 -2.81 22.94
CA ALA A 163 35.90 -2.51 22.38
C ALA A 163 34.77 -2.99 23.30
N ILE A 164 34.97 -4.13 23.96
CA ILE A 164 33.91 -4.72 24.76
C ILE A 164 33.65 -3.88 26.01
N ARG A 165 34.71 -3.49 26.71
CA ARG A 165 34.57 -2.75 27.96
C ARG A 165 34.00 -1.36 27.72
N THR A 166 34.49 -0.67 26.70
CA THR A 166 33.97 0.66 26.37
C THR A 166 32.56 0.59 25.83
N ARG A 167 32.23 -0.45 25.04
CA ARG A 167 30.89 -0.57 24.53
C ARG A 167 29.88 -0.92 25.61
N TYR A 168 30.30 -1.64 26.65
CA TYR A 168 29.39 -1.82 27.79
C TYR A 168 29.23 -0.55 28.58
N LEU A 169 30.35 0.05 28.98
CA LEU A 169 30.30 1.24 29.83
C LEU A 169 29.72 2.45 29.12
N ARG A 170 29.57 2.40 27.80
CA ARG A 170 28.88 3.45 27.06
C ARG A 170 27.40 3.17 26.85
N THR A 171 27.01 1.91 26.63
CA THR A 171 25.67 1.62 26.15
C THR A 171 24.79 0.86 27.14
N TRP A 172 25.19 -0.34 27.57
CA TRP A 172 24.24 -1.20 28.26
C TRP A 172 24.88 -1.90 29.46
N PHE A 173 25.67 -1.19 30.25
CA PHE A 173 26.17 -1.84 31.46
C PHE A 173 25.34 -1.49 32.67
N LEU A 174 24.83 -0.26 32.72
CA LEU A 174 24.17 0.24 33.91
C LEU A 174 22.85 -0.47 34.17
N VAL A 175 22.06 -0.69 33.11
CA VAL A 175 20.75 -1.31 33.25
C VAL A 175 20.90 -2.76 33.68
N ASP A 176 21.85 -3.48 33.08
CA ASP A 176 22.09 -4.87 33.45
C ASP A 176 22.67 -4.97 34.85
N LEU A 177 23.46 -3.98 35.26
CA LEU A 177 24.04 -4.00 36.60
C LEU A 177 22.97 -3.77 37.66
N ILE A 178 22.05 -2.84 37.40
CA ILE A 178 20.96 -2.56 38.32
C ILE A 178 20.03 -3.76 38.41
N SER A 179 19.65 -4.32 37.26
CA SER A 179 18.76 -5.46 37.26
C SER A 179 19.42 -6.73 37.79
N SER A 180 20.75 -6.77 37.85
CA SER A 180 21.40 -8.00 38.28
C SER A 180 21.36 -8.17 39.79
N ILE A 181 21.92 -7.23 40.52
CA ILE A 181 22.21 -7.41 41.95
C ILE A 181 20.94 -7.30 42.80
N PRO A 182 20.82 -8.06 43.88
CA PRO A 182 19.66 -7.93 44.75
C PRO A 182 19.75 -6.71 45.67
N VAL A 183 18.94 -5.70 45.39
CA VAL A 183 19.03 -4.45 46.13
C VAL A 183 18.41 -4.59 47.51
N ASP A 184 17.30 -5.34 47.60
CA ASP A 184 16.51 -5.38 48.82
C ASP A 184 17.23 -6.11 49.96
N TYR A 185 18.03 -7.11 49.62
CA TYR A 185 18.76 -7.85 50.65
C TYR A 185 19.86 -6.98 51.24
N ILE A 186 20.41 -6.05 50.45
CA ILE A 186 21.41 -5.12 50.93
C ILE A 186 20.82 -4.18 51.97
N PHE A 187 19.66 -3.58 51.65
CA PHE A 187 19.00 -2.69 52.60
C PHE A 187 18.46 -3.46 53.80
N LEU A 188 18.21 -4.75 53.62
CA LEU A 188 17.82 -5.58 54.76
C LEU A 188 18.99 -5.82 55.70
N VAL A 189 20.19 -6.04 55.14
CA VAL A 189 21.37 -6.24 55.97
C VAL A 189 21.75 -4.94 56.68
N VAL A 190 21.67 -3.81 55.97
CA VAL A 190 22.06 -2.53 56.55
C VAL A 190 21.07 -2.11 57.63
N GLU A 191 19.78 -2.08 57.30
CA GLU A 191 18.76 -1.72 58.28
C GLU A 191 18.33 -2.95 59.08
N ARG A 205 8.08 1.99 62.77
CA ARG A 205 8.36 2.47 61.43
C ARG A 205 8.81 1.33 60.53
N ALA A 206 8.42 0.11 60.88
CA ALA A 206 8.83 -1.05 60.10
C ALA A 206 8.06 -1.16 58.80
N LEU A 207 6.84 -0.62 58.74
CA LEU A 207 6.00 -0.78 57.56
C LEU A 207 6.52 0.03 56.38
N ARG A 208 7.04 1.24 56.66
CA ARG A 208 7.68 2.03 55.61
C ARG A 208 8.94 1.34 55.09
N ILE A 209 9.67 0.66 55.99
CA ILE A 209 10.86 -0.07 55.59
C ILE A 209 10.49 -1.27 54.70
N VAL A 210 9.41 -1.98 55.05
CA VAL A 210 8.98 -3.14 54.27
C VAL A 210 8.47 -2.70 52.89
N ARG A 211 7.71 -1.60 52.84
CA ARG A 211 7.25 -1.07 51.56
C ARG A 211 8.42 -0.57 50.72
N PHE A 212 9.42 0.01 51.37
CA PHE A 212 10.63 0.46 50.70
C PHE A 212 11.39 -0.72 50.10
N THR A 213 11.48 -1.82 50.85
CA THR A 213 12.12 -3.03 50.31
C THR A 213 11.32 -3.65 49.18
N LYS A 214 9.99 -3.54 49.22
CA LYS A 214 9.18 -4.08 48.13
C LYS A 214 9.42 -3.30 46.85
N ILE A 215 9.45 -1.97 46.94
CA ILE A 215 9.69 -1.16 45.75
C ILE A 215 11.13 -1.34 45.27
N LEU A 216 12.08 -1.58 46.19
CA LEU A 216 13.44 -1.89 45.76
C LEU A 216 13.53 -3.25 45.09
N SER A 217 12.78 -4.24 45.58
CA SER A 217 12.74 -5.54 44.94
C SER A 217 12.07 -5.50 43.58
N LEU A 218 11.27 -4.46 43.30
CA LEU A 218 10.78 -4.23 41.96
C LEU A 218 11.85 -3.77 40.97
N LEU A 219 13.10 -3.61 41.35
CA LEU A 219 14.14 -3.25 40.38
C LEU A 219 14.56 -4.43 39.52
N ARG A 220 14.06 -5.63 39.79
CA ARG A 220 14.33 -6.78 38.95
C ARG A 220 13.71 -6.65 37.57
N LEU A 221 12.77 -5.75 37.39
CA LEU A 221 11.99 -5.63 36.17
C LEU A 221 12.78 -5.05 35.01
N LEU A 222 14.02 -4.61 35.22
CA LEU A 222 14.83 -4.09 34.13
C LEU A 222 15.50 -5.19 33.31
N ARG A 223 15.24 -6.45 33.64
CA ARG A 223 15.69 -7.57 32.82
C ARG A 223 14.92 -7.66 31.51
N LEU A 224 13.79 -6.95 31.40
CA LEU A 224 13.05 -6.83 30.16
C LEU A 224 13.91 -6.24 29.04
N SER A 225 14.76 -5.28 29.37
CA SER A 225 15.63 -4.69 28.35
C SER A 225 16.65 -5.67 27.83
N ARG A 226 17.07 -6.63 28.64
CA ARG A 226 17.98 -7.64 28.15
C ARG A 226 17.23 -8.69 27.34
N LEU A 227 16.02 -9.04 27.78
CA LEU A 227 15.18 -9.98 27.04
C LEU A 227 14.89 -9.47 25.64
N ILE A 228 14.61 -8.18 25.52
CA ILE A 228 14.30 -7.59 24.21
C ILE A 228 15.51 -7.64 23.30
N ARG A 229 16.70 -7.40 23.88
CA ARG A 229 17.93 -7.43 23.10
C ARG A 229 18.23 -8.84 22.58
N TYR A 230 18.09 -9.84 23.45
CA TYR A 230 18.34 -11.21 22.98
C TYR A 230 17.28 -11.71 22.02
N ILE A 231 16.02 -11.30 22.19
CA ILE A 231 14.99 -11.73 21.26
C ILE A 231 15.22 -11.09 19.89
N HIS A 232 15.64 -9.83 19.86
CA HIS A 232 15.95 -9.22 18.57
C HIS A 232 17.19 -9.81 17.94
N GLN A 233 18.16 -10.26 18.74
CA GLN A 233 19.31 -10.93 18.14
C GLN A 233 18.93 -12.28 17.55
N TRP A 234 18.03 -13.01 18.23
CA TRP A 234 17.54 -14.27 17.68
C TRP A 234 16.78 -14.02 16.38
N GLU A 235 15.88 -13.03 16.38
CA GLU A 235 15.05 -12.79 15.22
C GLU A 235 15.87 -12.30 14.05
N GLU A 236 16.97 -11.58 14.32
CA GLU A 236 17.92 -11.27 13.26
C GLU A 236 18.65 -12.51 12.76
N ILE A 237 18.86 -13.50 13.63
CA ILE A 237 19.47 -14.74 13.13
C ILE A 237 18.50 -15.50 12.25
N PHE A 238 17.29 -15.76 12.70
CA PHE A 238 16.42 -16.71 12.01
C PHE A 238 15.58 -16.11 10.89
N HIS A 239 15.99 -14.99 10.31
CA HIS A 239 15.49 -14.66 8.98
C HIS A 239 16.31 -15.31 7.88
N MET A 240 17.34 -16.07 8.25
CA MET A 240 18.32 -16.48 7.25
C MET A 240 18.44 -17.99 7.20
N THR A 241 18.27 -18.66 8.34
CA THR A 241 18.24 -20.12 8.31
C THR A 241 16.89 -20.62 7.81
N TYR A 242 15.83 -19.89 8.12
CA TYR A 242 14.50 -20.23 7.65
C TYR A 242 13.89 -18.98 7.03
N ASP A 243 13.22 -19.16 5.89
CA ASP A 243 12.47 -18.06 5.31
C ASP A 243 11.19 -17.86 6.11
N LEU A 244 11.07 -16.69 6.73
CA LEU A 244 9.92 -16.40 7.57
C LEU A 244 9.30 -15.09 7.10
N ALA A 245 7.98 -15.03 7.11
CA ALA A 245 7.31 -13.76 6.88
C ALA A 245 7.59 -12.83 8.04
N SER A 246 8.02 -11.61 7.72
CA SER A 246 8.47 -10.67 8.74
C SER A 246 7.33 -10.21 9.62
N ALA A 247 6.15 -10.03 9.02
CA ALA A 247 5.01 -9.49 9.76
C ALA A 247 4.54 -10.46 10.84
N VAL A 248 4.73 -11.76 10.63
CA VAL A 248 4.34 -12.74 11.64
C VAL A 248 5.23 -12.61 12.87
N VAL A 249 6.53 -12.41 12.65
CA VAL A 249 7.48 -12.23 13.74
C VAL A 249 7.14 -10.96 14.51
N ARG A 250 6.85 -9.88 13.79
CA ARG A 250 6.52 -8.61 14.43
C ARG A 250 5.25 -8.73 15.26
N ILE A 251 4.25 -9.43 14.75
CA ILE A 251 2.97 -9.44 15.43
C ILE A 251 3.00 -10.38 16.61
N PHE A 252 3.78 -11.46 16.56
CA PHE A 252 3.86 -12.29 17.76
C PHE A 252 4.73 -11.65 18.83
N ASN A 253 5.71 -10.86 18.42
CA ASN A 253 6.45 -10.04 19.38
C ASN A 253 5.52 -9.05 20.08
N LEU A 254 4.62 -8.43 19.32
CA LEU A 254 3.69 -7.47 19.90
C LEU A 254 2.68 -8.14 20.82
N ILE A 255 2.23 -9.34 20.45
CA ILE A 255 1.26 -10.06 21.28
C ILE A 255 1.88 -10.44 22.62
N GLY A 256 3.14 -10.89 22.60
CA GLY A 256 3.84 -11.16 23.84
C GLY A 256 4.00 -9.93 24.70
N MET A 257 4.31 -8.79 24.08
CA MET A 257 4.45 -7.55 24.84
C MET A 257 3.13 -7.11 25.46
N MET A 258 2.02 -7.25 24.72
CA MET A 258 0.72 -6.83 25.24
C MET A 258 0.28 -7.70 26.41
N LEU A 259 0.46 -9.01 26.29
CA LEU A 259 0.10 -9.91 27.39
C LEU A 259 0.92 -9.62 28.62
N LEU A 260 2.20 -9.32 28.44
CA LEU A 260 3.05 -9.00 29.56
C LEU A 260 2.62 -7.70 30.24
N LEU A 261 2.23 -6.70 29.44
CA LEU A 261 1.82 -5.43 30.03
C LEU A 261 0.51 -5.54 30.80
N CYS A 262 -0.41 -6.35 30.30
CA CYS A 262 -1.66 -6.54 31.05
C CYS A 262 -1.40 -7.29 32.35
N HIS A 263 -0.47 -8.24 32.32
CA HIS A 263 -0.09 -8.92 33.56
C HIS A 263 0.62 -8.00 34.52
N TRP A 264 1.33 -6.98 34.02
CA TRP A 264 1.89 -6.00 34.95
C TRP A 264 0.80 -5.18 35.60
N ASP A 265 -0.18 -4.72 34.81
CA ASP A 265 -1.14 -3.75 35.32
C ASP A 265 -2.08 -4.37 36.34
N GLY A 266 -2.34 -5.67 36.21
CA GLY A 266 -3.11 -6.34 37.25
C GLY A 266 -2.41 -6.31 38.60
N CYS A 267 -1.13 -6.66 38.61
CA CYS A 267 -0.34 -6.64 39.83
C CYS A 267 -0.20 -5.24 40.37
N LEU A 268 -0.13 -4.24 39.48
CA LEU A 268 0.06 -2.87 39.92
C LEU A 268 -1.21 -2.33 40.57
N GLN A 269 -2.36 -2.65 39.99
CA GLN A 269 -3.61 -2.12 40.52
C GLN A 269 -4.06 -2.87 41.76
N PHE A 270 -3.42 -4.00 42.05
CA PHE A 270 -3.59 -4.50 43.41
C PHE A 270 -2.51 -3.93 44.34
N LEU A 271 -1.34 -3.60 43.79
CA LEU A 271 -0.21 -3.20 44.63
C LEU A 271 -0.44 -1.85 45.28
N VAL A 272 -1.08 -0.94 44.57
CA VAL A 272 -1.24 0.40 45.11
C VAL A 272 -2.18 0.46 46.32
N PRO A 273 -3.33 -0.26 46.39
CA PRO A 273 -4.03 -0.28 47.68
C PRO A 273 -3.35 -1.09 48.78
N MET A 274 -2.36 -1.91 48.44
CA MET A 274 -1.56 -2.55 49.48
C MET A 274 -0.77 -1.54 50.28
N LEU A 275 -0.07 -0.64 49.59
CA LEU A 275 0.82 0.28 50.26
C LEU A 275 0.10 1.34 51.07
N GLN A 276 -1.18 1.55 50.82
CA GLN A 276 -1.96 2.48 51.62
C GLN A 276 -2.82 1.80 52.66
N ASP A 277 -2.54 0.52 52.94
CA ASP A 277 -3.21 -0.27 53.99
C ASP A 277 -4.71 -0.35 53.77
N PHE A 278 -5.13 -0.41 52.50
CA PHE A 278 -6.51 -0.52 52.04
C PHE A 278 -7.43 0.56 52.58
N PRO A 279 -7.39 1.78 52.05
CA PRO A 279 -8.36 2.81 52.43
C PRO A 279 -9.76 2.40 52.04
N PRO A 280 -10.80 2.99 52.66
CA PRO A 280 -12.17 2.60 52.28
C PRO A 280 -12.59 3.10 50.91
N ASP A 281 -11.81 4.00 50.30
CA ASP A 281 -12.16 4.50 48.99
C ASP A 281 -11.75 3.52 47.88
N CYS A 282 -10.81 2.61 48.17
CA CYS A 282 -10.30 1.75 47.12
C CYS A 282 -11.30 0.66 46.78
N TRP A 283 -11.13 0.07 45.60
CA TRP A 283 -12.13 -0.87 45.10
C TRP A 283 -12.11 -2.18 45.85
N VAL A 284 -10.99 -2.52 46.48
CA VAL A 284 -10.88 -3.78 47.21
C VAL A 284 -11.77 -3.74 48.43
N SER A 285 -11.74 -2.64 49.17
CA SER A 285 -12.60 -2.47 50.33
C SER A 285 -14.06 -2.37 49.94
N ILE A 286 -14.35 -1.76 48.79
CA ILE A 286 -15.72 -1.61 48.35
C ILE A 286 -16.31 -2.95 47.96
N ASN A 287 -15.54 -3.77 47.26
CA ASN A 287 -16.02 -5.10 46.91
C ASN A 287 -15.87 -6.09 48.06
N HIS A 288 -15.28 -5.67 49.18
CA HIS A 288 -15.15 -6.47 50.41
C HIS A 288 -14.39 -7.76 50.14
N MET A 289 -13.22 -7.63 49.54
CA MET A 289 -12.44 -8.77 49.12
C MET A 289 -11.01 -8.68 49.62
N VAL A 290 -10.85 -8.16 50.83
CA VAL A 290 -9.54 -8.11 51.43
C VAL A 290 -9.11 -9.50 51.88
N ASN A 291 -10.02 -10.27 52.44
CA ASN A 291 -9.69 -11.53 53.09
C ASN A 291 -9.96 -12.75 52.22
N HIS A 292 -9.91 -12.61 50.91
CA HIS A 292 -10.02 -13.77 50.05
C HIS A 292 -8.62 -14.30 49.73
N SER A 293 -8.57 -15.42 49.03
CA SER A 293 -7.30 -16.00 48.64
C SER A 293 -6.65 -15.16 47.55
N TRP A 294 -5.38 -15.43 47.30
CA TRP A 294 -4.62 -14.59 46.38
C TRP A 294 -5.04 -14.83 44.94
N GLY A 295 -5.55 -16.01 44.64
CA GLY A 295 -5.96 -16.30 43.28
C GLY A 295 -7.16 -15.50 42.85
N ARG A 296 -8.15 -15.37 43.73
CA ARG A 296 -9.35 -14.64 43.39
C ARG A 296 -9.08 -13.14 43.34
N GLN A 297 -8.20 -12.67 44.22
CA GLN A 297 -7.79 -11.28 44.17
C GLN A 297 -7.04 -10.97 42.89
N TYR A 298 -6.18 -11.90 42.46
CA TYR A 298 -5.48 -11.72 41.20
C TYR A 298 -6.44 -11.74 40.02
N SER A 299 -7.48 -12.56 40.10
CA SER A 299 -8.47 -12.61 39.03
C SER A 299 -9.22 -11.31 38.91
N HIS A 300 -9.69 -10.76 40.01
CA HIS A 300 -10.41 -9.49 39.95
C HIS A 300 -9.50 -8.35 39.53
N ALA A 301 -8.25 -8.35 39.98
CA ALA A 301 -7.34 -7.28 39.59
C ALA A 301 -7.00 -7.36 38.11
N LEU A 302 -6.83 -8.57 37.58
CA LEU A 302 -6.55 -8.69 36.16
C LEU A 302 -7.75 -8.33 35.32
N PHE A 303 -8.95 -8.62 35.80
CA PHE A 303 -10.15 -8.19 35.09
C PHE A 303 -10.24 -6.68 35.04
N LYS A 304 -9.95 -6.02 36.17
CA LYS A 304 -9.97 -4.56 36.20
C LYS A 304 -8.93 -3.97 35.27
N ALA A 305 -7.74 -4.55 35.23
CA ALA A 305 -6.67 -4.01 34.40
C ALA A 305 -6.97 -4.23 32.93
N MET A 306 -7.51 -5.38 32.56
CA MET A 306 -7.83 -5.63 31.17
C MET A 306 -9.00 -4.79 30.72
N SER A 307 -9.95 -4.54 31.60
CA SER A 307 -11.08 -3.70 31.22
C SER A 307 -10.65 -2.25 31.07
N HIS A 308 -9.66 -1.79 31.83
CA HIS A 308 -9.13 -0.47 31.53
C HIS A 308 -8.33 -0.48 30.25
N MET A 309 -7.65 -1.58 29.98
CA MET A 309 -6.74 -1.61 28.85
C MET A 309 -7.47 -1.70 27.53
N LEU A 310 -8.57 -2.43 27.47
CA LEU A 310 -9.33 -2.53 26.24
C LEU A 310 -10.45 -1.51 26.16
N CYS A 311 -10.40 -0.48 27.00
CA CYS A 311 -11.31 0.67 26.95
C CYS A 311 -12.77 0.25 27.13
N ILE A 312 -13.09 -0.22 28.33
CA ILE A 312 -14.42 -0.76 28.61
C ILE A 312 -15.24 0.14 29.50
N GLY A 313 -14.75 0.40 30.70
CA GLY A 313 -15.55 1.05 31.72
C GLY A 313 -15.85 0.10 32.83
N TYR A 314 -15.18 0.26 33.96
CA TYR A 314 -15.15 -0.82 34.94
C TYR A 314 -16.23 -0.74 36.00
N GLY A 315 -16.20 0.28 36.84
CA GLY A 315 -16.97 0.23 38.07
C GLY A 315 -18.32 0.90 37.92
N GLN A 316 -19.08 0.85 39.01
CA GLN A 316 -20.26 1.71 39.09
C GLN A 316 -19.85 3.17 39.19
N GLN A 317 -19.12 3.51 40.24
CA GLN A 317 -18.74 4.89 40.46
C GLN A 317 -17.50 5.25 39.66
N ALA A 318 -17.26 6.54 39.53
CA ALA A 318 -15.95 7.02 39.13
C ALA A 318 -14.95 6.71 40.23
N PRO A 319 -13.69 6.47 39.89
CA PRO A 319 -12.68 6.21 40.94
C PRO A 319 -12.45 7.45 41.79
N VAL A 320 -12.56 7.27 43.09
CA VAL A 320 -12.66 8.39 44.02
C VAL A 320 -11.27 8.80 44.47
N GLY A 321 -10.45 7.83 44.85
CA GLY A 321 -9.12 8.15 45.33
C GLY A 321 -8.23 8.67 44.22
N MET A 322 -7.45 9.70 44.54
CA MET A 322 -6.61 10.33 43.54
C MET A 322 -5.52 9.45 42.94
N PRO A 323 -4.80 8.56 43.67
CA PRO A 323 -3.88 7.67 42.95
C PRO A 323 -4.55 6.63 42.08
N ASP A 324 -5.83 6.34 42.31
CA ASP A 324 -6.52 5.42 41.41
C ASP A 324 -6.77 6.05 40.06
N VAL A 325 -7.03 7.35 40.05
CA VAL A 325 -7.40 8.05 38.83
C VAL A 325 -6.24 8.07 37.85
N TRP A 326 -5.04 8.34 38.36
CA TRP A 326 -3.91 8.47 37.46
C TRP A 326 -3.43 7.13 36.95
N LEU A 327 -3.52 6.07 37.76
CA LEU A 327 -3.22 4.74 37.27
C LEU A 327 -4.21 4.31 36.21
N THR A 328 -5.47 4.64 36.42
CA THR A 328 -6.52 4.35 35.46
C THR A 328 -6.21 5.03 34.13
N MET A 329 -5.89 6.31 34.18
CA MET A 329 -5.62 7.06 32.95
C MET A 329 -4.36 6.56 32.26
N LEU A 330 -3.36 6.17 33.04
CA LEU A 330 -2.13 5.63 32.47
C LEU A 330 -2.39 4.33 31.74
N SER A 331 -3.14 3.41 32.37
CA SER A 331 -3.41 2.14 31.75
C SER A 331 -4.32 2.29 30.54
N MET A 332 -5.21 3.28 30.56
CA MET A 332 -6.05 3.54 29.40
C MET A 332 -5.24 4.01 28.21
N ILE A 333 -4.29 4.92 28.45
CA ILE A 333 -3.46 5.42 27.36
C ILE A 333 -2.58 4.32 26.78
N VAL A 334 -1.99 3.50 27.66
CA VAL A 334 -1.13 2.40 27.21
C VAL A 334 -1.93 1.38 26.39
N GLY A 335 -3.15 1.09 26.84
CA GLY A 335 -3.96 0.13 26.12
C GLY A 335 -4.43 0.64 24.78
N ALA A 336 -4.75 1.92 24.71
CA ALA A 336 -5.18 2.51 23.44
C ALA A 336 -4.05 2.48 22.42
N THR A 337 -2.83 2.83 22.84
CA THR A 337 -1.72 2.82 21.89
C THR A 337 -1.36 1.40 21.46
N CYS A 338 -1.40 0.45 22.40
CA CYS A 338 -1.07 -0.93 22.03
C CYS A 338 -2.10 -1.51 21.08
N TYR A 339 -3.37 -1.16 21.29
CA TYR A 339 -4.40 -1.68 20.41
C TYR A 339 -4.31 -1.04 19.03
N ALA A 340 -3.89 0.23 18.97
CA ALA A 340 -3.69 0.88 17.69
C ALA A 340 -2.55 0.23 16.91
N MET A 341 -1.44 -0.07 17.57
CA MET A 341 -0.34 -0.72 16.87
C MET A 341 -0.69 -2.14 16.48
N PHE A 342 -1.57 -2.79 17.25
CA PHE A 342 -2.02 -4.11 16.88
C PHE A 342 -2.88 -4.08 15.62
N ILE A 343 -3.75 -3.07 15.50
CA ILE A 343 -4.53 -2.90 14.29
C ILE A 343 -3.62 -2.64 13.10
N GLY A 344 -2.56 -1.86 13.30
CA GLY A 344 -1.62 -1.59 12.23
C GLY A 344 -0.89 -2.82 11.75
N HIS A 345 -0.42 -3.65 12.67
CA HIS A 345 0.27 -4.88 12.28
C HIS A 345 -0.68 -5.86 11.60
N ALA A 346 -1.94 -5.91 12.06
CA ALA A 346 -2.89 -6.81 11.42
C ALA A 346 -3.20 -6.36 10.00
N THR A 347 -3.29 -5.05 9.79
CA THR A 347 -3.56 -4.54 8.45
C THR A 347 -2.39 -4.82 7.51
N ALA A 348 -1.17 -4.60 8.00
CA ALA A 348 0.00 -4.87 7.19
C ALA A 348 0.16 -6.36 6.91
N LEU A 349 -0.29 -7.21 7.81
CA LEU A 349 -0.25 -8.64 7.51
C LEU A 349 -1.29 -9.03 6.48
N ILE A 350 -2.49 -8.45 6.56
CA ILE A 350 -3.55 -8.84 5.64
C ILE A 350 -3.25 -8.37 4.22
N GLN A 351 -2.63 -7.20 4.07
CA GLN A 351 -2.32 -6.70 2.73
C GLN A 351 -1.23 -7.51 2.03
N SER A 352 -0.54 -8.40 2.73
CA SER A 352 0.49 -9.20 2.10
C SER A 352 0.11 -10.66 1.99
N LEU A 353 -1.14 -10.96 1.64
CA LEU A 353 -1.54 -12.36 1.53
C LEU A 353 -1.69 -12.80 0.08
N ASP A 354 -2.43 -12.04 -0.71
CA ASP A 354 -2.76 -12.44 -2.08
C ASP A 354 -2.37 -11.36 -3.06
N SER A 355 -1.15 -10.87 -2.91
CA SER A 355 -0.65 -9.78 -3.75
C SER A 355 -0.50 -10.20 -5.20
N SER A 356 -0.20 -11.48 -5.43
CA SER A 356 -0.12 -11.98 -6.80
C SER A 356 -1.47 -11.93 -7.48
N ARG A 357 -2.54 -12.25 -6.76
CA ARG A 357 -3.87 -12.13 -7.33
C ARG A 357 -4.33 -10.69 -7.41
N ARG A 358 -3.82 -9.84 -6.53
CA ARG A 358 -4.19 -8.43 -6.52
C ARG A 358 -3.57 -7.67 -7.68
N GLN A 359 -2.35 -8.01 -8.05
CA GLN A 359 -1.72 -7.34 -9.18
C GLN A 359 -2.38 -7.71 -10.49
N TYR A 360 -2.87 -8.95 -10.62
CA TYR A 360 -3.66 -9.33 -11.78
C TYR A 360 -4.93 -8.51 -11.87
N GLN A 361 -5.56 -8.27 -10.73
CA GLN A 361 -6.77 -7.48 -10.69
C GLN A 361 -6.50 -6.04 -11.12
N GLU A 362 -5.41 -5.46 -10.61
CA GLU A 362 -5.05 -4.09 -10.98
C GLU A 362 -4.71 -3.98 -12.45
N LYS A 363 -4.02 -4.99 -12.98
CA LYS A 363 -3.66 -4.96 -14.40
C LYS A 363 -4.89 -5.06 -15.28
N TYR A 364 -5.87 -5.88 -14.89
CA TYR A 364 -7.07 -5.93 -15.72
C TYR A 364 -7.91 -4.67 -15.59
N LYS A 365 -7.90 -4.04 -14.41
CA LYS A 365 -8.52 -2.72 -14.29
C LYS A 365 -7.87 -1.73 -15.24
N GLN A 366 -6.55 -1.82 -15.37
CA GLN A 366 -5.83 -0.95 -16.28
C GLN A 366 -6.22 -1.23 -17.73
N VAL A 367 -6.40 -2.51 -18.05
CA VAL A 367 -6.75 -2.89 -19.41
C VAL A 367 -8.13 -2.39 -19.79
N GLU A 368 -9.10 -2.55 -18.89
CA GLU A 368 -10.43 -2.08 -19.22
C GLU A 368 -10.52 -0.56 -19.15
N GLN A 369 -9.60 0.08 -18.42
CA GLN A 369 -9.46 1.53 -18.53
C GLN A 369 -9.02 1.94 -19.93
N TYR A 370 -8.02 1.23 -20.47
CA TYR A 370 -7.58 1.50 -21.84
C TYR A 370 -8.68 1.17 -22.85
N MET A 371 -9.47 0.13 -22.58
CA MET A 371 -10.58 -0.23 -23.45
C MET A 371 -11.62 0.88 -23.45
N SER A 372 -11.86 1.48 -22.29
CA SER A 372 -12.84 2.56 -22.21
C SER A 372 -12.32 3.82 -22.87
N PHE A 373 -10.99 4.01 -22.88
CA PHE A 373 -10.44 5.26 -23.42
C PHE A 373 -10.65 5.38 -24.91
N HIS A 374 -10.61 4.26 -25.63
CA HIS A 374 -10.82 4.33 -27.07
C HIS A 374 -12.22 3.94 -27.48
N LYS A 375 -13.11 3.71 -26.51
CA LYS A 375 -14.54 3.47 -26.74
C LYS A 375 -14.76 2.23 -27.59
N LEU A 376 -14.12 1.14 -27.20
CA LEU A 376 -14.14 -0.07 -27.99
C LEU A 376 -15.51 -0.74 -27.91
N PRO A 377 -15.88 -1.51 -28.93
CA PRO A 377 -17.14 -2.25 -28.88
C PRO A 377 -17.11 -3.37 -27.85
N ALA A 378 -18.28 -3.94 -27.62
CA ALA A 378 -18.44 -4.92 -26.54
C ALA A 378 -17.82 -6.26 -26.92
N ASP A 379 -18.04 -6.70 -28.17
CA ASP A 379 -17.53 -8.00 -28.60
C ASP A 379 -16.01 -8.01 -28.64
N THR A 380 -15.41 -6.89 -29.06
CA THR A 380 -13.96 -6.76 -29.00
C THR A 380 -13.47 -6.80 -27.55
N ARG A 381 -14.22 -6.15 -26.65
CA ARG A 381 -13.82 -6.11 -25.25
C ARG A 381 -13.86 -7.49 -24.62
N GLN A 382 -14.89 -8.27 -24.93
CA GLN A 382 -14.93 -9.62 -24.38
C GLN A 382 -13.94 -10.54 -25.08
N ARG A 383 -13.59 -10.24 -26.33
CA ARG A 383 -12.54 -11.01 -26.98
C ARG A 383 -11.19 -10.78 -26.29
N ILE A 384 -10.92 -9.54 -25.91
CA ILE A 384 -9.73 -9.23 -25.12
C ILE A 384 -9.78 -9.93 -23.78
N HIS A 385 -10.95 -9.96 -23.16
CA HIS A 385 -11.12 -10.58 -21.86
C HIS A 385 -10.87 -12.09 -21.94
N GLU A 386 -11.36 -12.72 -23.00
CA GLU A 386 -11.10 -14.15 -23.21
C GLU A 386 -9.63 -14.40 -23.49
N TYR A 387 -8.98 -13.46 -24.18
CA TYR A 387 -7.55 -13.61 -24.45
C TYR A 387 -6.75 -13.60 -23.16
N TYR A 388 -7.09 -12.71 -22.23
CA TYR A 388 -6.35 -12.68 -20.98
C TYR A 388 -6.67 -13.87 -20.11
N GLU A 389 -7.92 -14.33 -20.14
CA GLU A 389 -8.27 -15.51 -19.34
C GLU A 389 -7.57 -16.75 -19.85
N HIS A 390 -7.34 -16.84 -21.15
CA HIS A 390 -6.65 -18.02 -21.64
C HIS A 390 -5.17 -17.80 -21.83
N ARG A 391 -4.67 -16.60 -21.53
CA ARG A 391 -3.24 -16.34 -21.54
C ARG A 391 -2.63 -16.42 -20.16
N TYR A 392 -3.13 -15.67 -19.19
CA TYR A 392 -2.46 -15.57 -17.91
C TYR A 392 -3.08 -16.41 -16.81
N GLN A 393 -4.37 -16.75 -16.92
CA GLN A 393 -5.10 -17.57 -15.95
C GLN A 393 -5.06 -16.98 -14.55
N GLY A 394 -5.23 -15.66 -14.48
CA GLY A 394 -5.28 -14.98 -13.20
C GLY A 394 -3.93 -14.77 -12.55
N LYS A 395 -2.84 -14.98 -13.27
CA LYS A 395 -1.51 -14.94 -12.70
C LYS A 395 -0.73 -13.77 -13.32
N MET A 396 -0.31 -12.84 -12.48
CA MET A 396 0.34 -11.62 -12.96
C MET A 396 1.84 -11.75 -12.84
N PHE A 397 2.46 -12.53 -13.72
CA PHE A 397 3.89 -12.78 -13.68
C PHE A 397 4.58 -12.16 -14.87
N ASP A 398 5.84 -11.79 -14.69
CA ASP A 398 6.67 -11.18 -15.73
C ASP A 398 7.65 -12.24 -16.22
N GLU A 399 7.34 -12.85 -17.37
CA GLU A 399 8.15 -13.95 -17.87
C GLU A 399 9.51 -13.46 -18.35
N GLU A 400 9.62 -12.19 -18.71
CA GLU A 400 10.90 -11.67 -19.17
C GLU A 400 11.89 -11.53 -18.03
N SER A 401 11.46 -10.90 -16.92
CA SER A 401 12.39 -10.56 -15.85
C SER A 401 12.80 -11.80 -15.06
N ILE A 402 11.89 -12.76 -14.94
CA ILE A 402 12.20 -13.97 -14.18
C ILE A 402 13.22 -14.81 -14.93
N LEU A 403 13.06 -14.93 -16.26
CA LEU A 403 14.06 -15.63 -17.05
C LEU A 403 15.34 -14.82 -17.14
N GLY A 404 15.25 -13.50 -16.98
CA GLY A 404 16.45 -12.69 -17.00
C GLY A 404 17.26 -12.84 -15.73
N GLU A 405 16.59 -13.06 -14.60
CA GLU A 405 17.31 -13.10 -13.34
C GLU A 405 18.04 -14.42 -13.14
N LEU A 406 17.67 -15.44 -13.91
CA LEU A 406 18.26 -16.76 -13.75
C LEU A 406 19.60 -16.88 -14.44
N SER A 407 20.18 -18.07 -14.44
CA SER A 407 21.38 -18.37 -15.18
C SER A 407 21.02 -19.24 -16.38
N GLU A 408 22.02 -19.48 -17.23
CA GLU A 408 21.80 -20.25 -18.45
C GLU A 408 21.37 -21.71 -18.23
N PRO A 409 22.00 -22.52 -17.35
CA PRO A 409 21.52 -23.92 -17.23
C PRO A 409 20.14 -24.05 -16.64
N LEU A 410 19.73 -23.10 -15.80
CA LEU A 410 18.37 -23.10 -15.30
C LEU A 410 17.37 -22.86 -16.41
N ARG A 411 17.68 -21.92 -17.30
CA ARG A 411 16.83 -21.68 -18.47
C ARG A 411 16.76 -22.91 -19.34
N GLU A 412 17.88 -23.59 -19.52
CA GLU A 412 17.90 -24.79 -20.36
C GLU A 412 17.05 -25.90 -19.76
N GLU A 413 17.12 -26.07 -18.45
CA GLU A 413 16.34 -27.12 -17.80
C GLU A 413 14.85 -26.82 -17.83
N ILE A 414 14.49 -25.55 -17.62
CA ILE A 414 13.09 -25.15 -17.67
C ILE A 414 12.52 -25.34 -19.07
N ILE A 415 13.25 -24.94 -20.10
CA ILE A 415 12.71 -25.04 -21.45
C ILE A 415 12.67 -26.49 -21.91
N ASN A 416 13.60 -27.31 -21.44
CA ASN A 416 13.52 -28.74 -21.71
C ASN A 416 12.28 -29.37 -21.10
N PHE A 417 11.97 -29.00 -19.86
CA PHE A 417 10.77 -29.56 -19.23
C PHE A 417 9.49 -29.01 -19.86
N THR A 418 9.54 -27.81 -20.40
CA THR A 418 8.31 -27.32 -21.01
C THR A 418 8.11 -27.83 -22.42
N CYS A 419 9.17 -28.25 -23.11
CA CYS A 419 9.03 -28.59 -24.52
C CYS A 419 9.53 -29.98 -24.86
N ARG A 420 9.60 -30.90 -23.88
CA ARG A 420 9.94 -32.28 -24.21
C ARG A 420 8.88 -32.94 -25.07
N GLY A 421 7.64 -32.44 -25.06
CA GLY A 421 6.65 -32.94 -26.00
C GLY A 421 7.00 -32.61 -27.43
N LEU A 422 7.41 -31.37 -27.67
CA LEU A 422 7.88 -30.98 -28.99
C LEU A 422 9.16 -31.71 -29.36
N VAL A 423 9.97 -32.06 -28.36
CA VAL A 423 11.12 -32.91 -28.62
C VAL A 423 10.67 -34.29 -29.09
N ALA A 424 9.68 -34.87 -28.42
CA ALA A 424 9.27 -36.23 -28.68
C ALA A 424 8.53 -36.41 -30.00
N HIS A 425 7.68 -35.46 -30.38
CA HIS A 425 6.89 -35.66 -31.59
C HIS A 425 7.68 -35.35 -32.85
N MET A 426 8.52 -34.35 -32.80
CA MET A 426 9.26 -33.92 -33.97
C MET A 426 10.37 -34.93 -34.29
N PRO A 427 10.45 -35.41 -35.53
CA PRO A 427 11.52 -36.36 -35.87
C PRO A 427 12.86 -35.68 -36.04
N LEU A 428 12.87 -34.39 -36.37
CA LEU A 428 14.12 -33.68 -36.57
C LEU A 428 14.85 -33.46 -35.25
N PHE A 429 14.09 -33.38 -34.16
CA PHE A 429 14.72 -33.23 -32.85
C PHE A 429 15.01 -34.58 -32.22
N ALA A 430 14.47 -35.65 -32.80
CA ALA A 430 14.67 -36.97 -32.23
C ALA A 430 16.08 -37.49 -32.50
N HIS A 431 16.65 -37.12 -33.64
CA HIS A 431 17.91 -37.72 -34.04
C HIS A 431 19.09 -36.81 -33.74
N ALA A 432 18.87 -35.50 -33.65
CA ALA A 432 19.97 -34.56 -33.58
C ALA A 432 20.59 -34.54 -32.18
N ASP A 433 21.69 -33.81 -32.06
CA ASP A 433 22.38 -33.60 -30.80
C ASP A 433 21.52 -32.81 -29.86
N PRO A 434 21.51 -33.13 -28.57
CA PRO A 434 20.70 -32.35 -27.63
C PRO A 434 21.24 -30.96 -27.41
N SER A 435 22.53 -30.74 -27.71
CA SER A 435 23.07 -29.39 -27.74
C SER A 435 22.35 -28.54 -28.78
N PHE A 436 22.15 -29.11 -29.98
CA PHE A 436 21.38 -28.44 -31.02
C PHE A 436 19.94 -28.23 -30.58
N VAL A 437 19.38 -29.20 -29.86
CA VAL A 437 18.00 -29.13 -29.42
C VAL A 437 17.81 -27.97 -28.45
N THR A 438 18.71 -27.86 -27.47
CA THR A 438 18.64 -26.75 -26.53
C THR A 438 18.94 -25.43 -27.20
N ALA A 439 19.84 -25.43 -28.19
CA ALA A 439 20.17 -24.20 -28.87
C ALA A 439 19.00 -23.69 -29.69
N VAL A 440 18.17 -24.60 -30.19
CA VAL A 440 16.93 -24.18 -30.81
C VAL A 440 15.93 -23.70 -29.76
N LEU A 441 15.79 -24.47 -28.67
CA LEU A 441 14.68 -24.26 -27.76
C LEU A 441 14.85 -23.00 -26.92
N THR A 442 16.08 -22.55 -26.73
CA THR A 442 16.28 -21.36 -25.91
C THR A 442 15.85 -20.08 -26.63
N LYS A 443 15.63 -20.16 -27.93
CA LYS A 443 15.29 -18.97 -28.68
C LYS A 443 13.85 -18.94 -29.15
N LEU A 444 12.95 -19.67 -28.50
CA LEU A 444 11.56 -19.63 -28.90
C LEU A 444 10.80 -18.56 -28.14
N ARG A 445 9.59 -18.27 -28.61
CA ARG A 445 8.69 -17.34 -27.93
C ARG A 445 7.30 -17.93 -27.88
N PHE A 446 6.68 -17.84 -26.71
CA PHE A 446 5.38 -18.45 -26.47
C PHE A 446 4.27 -17.53 -26.94
N GLU A 447 3.38 -18.04 -27.78
CA GLU A 447 2.29 -17.24 -28.34
C GLU A 447 0.98 -18.00 -28.27
N VAL A 448 -0.12 -17.26 -28.12
CA VAL A 448 -1.46 -17.82 -27.92
C VAL A 448 -2.38 -17.17 -28.94
N PHE A 449 -3.14 -17.98 -29.67
CA PHE A 449 -4.09 -17.45 -30.62
C PHE A 449 -5.51 -17.86 -30.27
N GLN A 450 -6.48 -17.07 -30.74
CA GLN A 450 -7.90 -17.31 -30.60
C GLN A 450 -8.42 -17.95 -31.88
N PRO A 451 -9.48 -18.77 -31.79
CA PRO A 451 -9.93 -19.47 -33.00
C PRO A 451 -10.59 -18.53 -33.99
N GLY A 452 -10.49 -18.89 -35.26
CA GLY A 452 -10.90 -18.02 -36.34
C GLY A 452 -9.81 -17.10 -36.84
N ASP A 453 -8.77 -16.89 -36.05
CA ASP A 453 -7.70 -15.99 -36.47
C ASP A 453 -6.83 -16.64 -37.53
N LEU A 454 -6.29 -15.81 -38.40
CA LEU A 454 -5.39 -16.27 -39.46
C LEU A 454 -3.98 -15.96 -39.00
N VAL A 455 -3.19 -17.00 -38.75
CA VAL A 455 -1.82 -16.78 -38.29
C VAL A 455 -0.96 -16.28 -39.43
N VAL A 456 -0.96 -16.99 -40.55
CA VAL A 456 -0.22 -16.57 -41.72
C VAL A 456 -1.19 -16.45 -42.89
N ARG A 457 -1.20 -15.27 -43.51
CA ARG A 457 -2.00 -15.01 -44.69
C ARG A 457 -1.11 -15.12 -45.92
N GLU A 458 -1.71 -15.56 -47.02
CA GLU A 458 -0.96 -15.82 -48.24
C GLU A 458 -0.40 -14.53 -48.84
N GLY A 459 0.80 -14.62 -49.38
CA GLY A 459 1.45 -13.44 -49.92
C GLY A 459 1.85 -12.48 -48.82
N SER A 460 2.51 -12.98 -47.79
CA SER A 460 3.03 -12.15 -46.73
C SER A 460 4.47 -11.83 -47.06
N VAL A 461 5.16 -11.21 -46.10
CA VAL A 461 6.57 -10.93 -46.30
C VAL A 461 7.41 -12.15 -45.92
N GLY A 462 6.96 -12.92 -44.94
CA GLY A 462 7.71 -14.08 -44.49
C GLY A 462 8.67 -13.71 -43.38
N ARG A 463 8.40 -14.17 -42.18
CA ARG A 463 9.12 -13.63 -41.04
C ARG A 463 9.57 -14.68 -40.02
N LYS A 464 8.82 -15.77 -39.87
CA LYS A 464 8.90 -16.58 -38.65
C LYS A 464 8.42 -17.99 -38.93
N MET A 465 8.83 -18.92 -38.07
CA MET A 465 8.40 -20.31 -38.07
C MET A 465 7.57 -20.55 -36.82
N TYR A 466 6.68 -21.53 -36.88
CA TYR A 466 5.84 -21.83 -35.72
C TYR A 466 5.92 -23.31 -35.38
N PHE A 467 5.83 -23.60 -34.09
CA PHE A 467 5.69 -24.96 -33.58
C PHE A 467 4.44 -25.02 -32.73
N ILE A 468 3.86 -26.21 -32.61
CA ILE A 468 2.50 -26.34 -32.11
C ILE A 468 2.51 -27.10 -30.79
N GLN A 469 2.20 -26.40 -29.72
CA GLN A 469 2.11 -27.04 -28.42
C GLN A 469 0.78 -27.76 -28.25
N HIS A 470 -0.33 -27.04 -28.38
CA HIS A 470 -1.64 -27.63 -28.19
C HIS A 470 -2.53 -27.26 -29.37
N GLY A 471 -3.75 -27.78 -29.34
CA GLY A 471 -4.75 -27.42 -30.31
C GLY A 471 -4.48 -28.05 -31.67
N LEU A 472 -5.41 -27.79 -32.58
CA LEU A 472 -5.26 -28.19 -33.96
C LEU A 472 -5.48 -26.98 -34.85
N LEU A 473 -4.84 -27.01 -36.01
CA LEU A 473 -4.85 -25.89 -36.93
C LEU A 473 -5.27 -26.38 -38.30
N SER A 474 -5.96 -25.51 -39.03
CA SER A 474 -6.47 -25.83 -40.35
C SER A 474 -5.82 -24.92 -41.38
N VAL A 475 -5.18 -25.52 -42.36
CA VAL A 475 -4.71 -24.84 -43.55
C VAL A 475 -5.65 -25.20 -44.67
N THR A 483 -6.27 -30.82 -45.29
CA THR A 483 -4.86 -30.51 -44.92
C THR A 483 -4.69 -30.08 -43.48
N ARG A 484 -5.50 -30.65 -42.57
CA ARG A 484 -5.49 -30.21 -41.19
C ARG A 484 -4.35 -30.87 -40.42
N LEU A 485 -3.94 -30.24 -39.33
CA LEU A 485 -2.86 -30.73 -38.50
C LEU A 485 -3.07 -30.37 -37.04
N THR A 486 -2.79 -31.31 -36.15
CA THR A 486 -3.02 -31.20 -34.73
C THR A 486 -1.72 -30.84 -34.00
N ASP A 487 -1.75 -30.97 -32.68
CA ASP A 487 -0.61 -30.63 -31.82
C ASP A 487 0.59 -31.53 -32.12
N GLY A 488 1.77 -31.01 -31.82
CA GLY A 488 2.98 -31.70 -32.19
C GLY A 488 3.45 -31.44 -33.60
N SER A 489 2.72 -30.65 -34.36
CA SER A 489 3.12 -30.35 -35.73
C SER A 489 3.86 -29.01 -35.77
N TYR A 490 4.13 -28.55 -36.99
CA TYR A 490 4.95 -27.37 -37.21
C TYR A 490 4.65 -26.82 -38.59
N PHE A 491 4.87 -25.52 -38.77
CA PHE A 491 4.71 -24.87 -40.06
C PHE A 491 5.51 -23.57 -40.06
N GLY A 492 5.40 -22.85 -41.16
CA GLY A 492 6.24 -21.69 -41.34
C GLY A 492 7.64 -22.00 -41.80
N GLU A 493 7.85 -23.16 -42.43
CA GLU A 493 9.20 -23.63 -42.69
C GLU A 493 9.81 -22.99 -43.92
N ILE A 494 9.19 -23.21 -45.08
CA ILE A 494 9.89 -23.03 -46.35
C ILE A 494 10.02 -21.56 -46.70
N CYS A 495 9.23 -20.70 -46.05
CA CYS A 495 9.27 -19.29 -46.40
C CYS A 495 10.50 -18.62 -45.82
N LEU A 496 11.10 -19.24 -44.80
CA LEU A 496 12.36 -18.72 -44.27
C LEU A 496 13.50 -19.06 -45.21
N LEU A 497 13.46 -20.24 -45.82
CA LEU A 497 14.54 -20.65 -46.71
C LEU A 497 14.42 -19.96 -48.06
N THR A 498 13.21 -19.97 -48.63
CA THR A 498 13.03 -19.41 -49.97
C THR A 498 13.03 -17.89 -49.95
N ARG A 499 12.83 -17.29 -48.77
CA ARG A 499 12.74 -15.85 -48.54
C ARG A 499 11.64 -15.20 -49.38
N GLY A 500 10.60 -15.95 -49.70
CA GLY A 500 9.58 -15.44 -50.60
C GLY A 500 8.33 -15.01 -49.86
N ARG A 501 7.19 -15.18 -50.51
CA ARG A 501 5.92 -14.85 -49.86
C ARG A 501 5.30 -16.10 -49.28
N ARG A 502 4.13 -15.94 -48.67
CA ARG A 502 3.47 -17.05 -47.99
C ARG A 502 2.64 -17.82 -48.99
N THR A 503 2.81 -19.14 -48.99
CA THR A 503 2.12 -19.97 -49.97
C THR A 503 0.67 -20.19 -49.57
N ALA A 504 0.45 -20.80 -48.41
CA ALA A 504 -0.91 -21.15 -48.02
C ALA A 504 -1.27 -20.38 -46.76
N SER A 505 -2.55 -20.41 -46.43
CA SER A 505 -3.10 -19.65 -45.32
C SER A 505 -3.49 -20.57 -44.19
N VAL A 506 -3.15 -20.17 -42.97
CA VAL A 506 -3.33 -21.00 -41.78
C VAL A 506 -4.38 -20.35 -40.89
N ARG A 507 -5.38 -21.12 -40.49
CA ARG A 507 -6.42 -20.65 -39.58
C ARG A 507 -6.23 -21.26 -38.21
N ALA A 508 -6.91 -20.67 -37.23
CA ALA A 508 -6.95 -21.20 -35.89
C ALA A 508 -8.31 -21.85 -35.65
N ASP A 509 -8.30 -23.10 -35.21
CA ASP A 509 -9.55 -23.82 -35.03
C ASP A 509 -10.02 -23.72 -33.58
N THR A 510 -9.09 -23.73 -32.64
CA THR A 510 -9.38 -23.61 -31.23
C THR A 510 -8.42 -22.61 -30.62
N TYR A 511 -8.38 -22.57 -29.30
CA TYR A 511 -7.24 -22.02 -28.61
C TYR A 511 -6.01 -22.87 -28.88
N CYS A 512 -4.98 -22.26 -29.42
CA CYS A 512 -3.80 -22.98 -29.86
C CYS A 512 -2.54 -22.30 -29.34
N ARG A 513 -1.81 -22.99 -28.48
CA ARG A 513 -0.56 -22.48 -27.95
C ARG A 513 0.55 -22.77 -28.93
N LEU A 514 1.30 -21.74 -29.30
CA LEU A 514 2.33 -21.89 -30.31
C LEU A 514 3.64 -21.32 -29.81
N TYR A 515 4.73 -21.94 -30.24
CA TYR A 515 6.05 -21.39 -30.07
C TYR A 515 6.58 -20.91 -31.40
N SER A 516 7.15 -19.71 -31.39
CA SER A 516 7.55 -19.03 -32.61
C SER A 516 9.07 -18.89 -32.65
N LEU A 517 9.60 -18.87 -33.85
CA LEU A 517 11.04 -18.79 -34.06
C LEU A 517 11.37 -17.69 -35.05
N SER A 518 12.28 -16.79 -34.66
CA SER A 518 12.66 -15.68 -35.52
C SER A 518 13.72 -16.11 -36.52
N VAL A 519 13.72 -15.44 -37.68
CA VAL A 519 14.57 -15.86 -38.79
C VAL A 519 16.03 -15.54 -38.53
N ASP A 520 16.32 -14.48 -37.79
CA ASP A 520 17.70 -14.14 -37.49
C ASP A 520 18.30 -15.14 -36.52
N HIS A 521 17.54 -15.51 -35.50
CA HIS A 521 17.95 -16.59 -34.60
C HIS A 521 18.08 -17.90 -35.35
N PHE A 522 17.20 -18.12 -36.34
CA PHE A 522 17.23 -19.35 -37.13
C PHE A 522 18.51 -19.43 -37.94
N ASN A 523 18.90 -18.34 -38.58
CA ASN A 523 20.15 -18.33 -39.34
C ASN A 523 21.36 -18.40 -38.44
N ALA A 524 21.27 -17.86 -37.22
CA ALA A 524 22.38 -17.99 -36.28
C ALA A 524 22.57 -19.44 -35.85
N VAL A 525 21.46 -20.15 -35.61
CA VAL A 525 21.56 -21.56 -35.24
C VAL A 525 22.06 -22.40 -36.41
N LEU A 526 21.67 -22.03 -37.63
CA LEU A 526 22.22 -22.72 -38.80
C LEU A 526 23.71 -22.44 -38.97
N GLU A 527 24.15 -21.25 -38.60
CA GLU A 527 25.58 -20.96 -38.59
C GLU A 527 26.29 -21.78 -37.53
N GLU A 528 25.62 -22.08 -36.43
CA GLU A 528 26.23 -22.91 -35.41
C GLU A 528 26.23 -24.39 -35.80
N PHE A 529 25.30 -24.80 -36.66
CA PHE A 529 25.13 -26.21 -36.99
C PHE A 529 24.84 -26.37 -38.47
N PRO A 530 25.81 -26.86 -39.25
CA PRO A 530 25.62 -26.90 -40.71
C PRO A 530 24.83 -28.10 -41.21
N MET A 531 24.76 -29.20 -40.47
CA MET A 531 24.13 -30.40 -41.03
C MET A 531 22.61 -30.30 -40.95
N MET A 532 22.11 -29.64 -39.92
CA MET A 532 20.68 -29.46 -39.81
C MET A 532 20.14 -28.48 -40.84
N ARG A 533 21.01 -27.64 -41.43
CA ARG A 533 20.64 -26.87 -42.61
C ARG A 533 20.19 -27.78 -43.73
N ARG A 534 20.98 -28.82 -44.01
CA ARG A 534 20.61 -29.77 -45.04
C ARG A 534 19.37 -30.57 -44.63
N ALA A 535 19.23 -30.83 -43.33
CA ALA A 535 18.02 -31.49 -42.84
C ALA A 535 16.76 -30.67 -43.11
N PHE A 536 16.83 -29.37 -42.82
CA PHE A 536 15.70 -28.48 -43.10
C PHE A 536 15.46 -28.34 -44.59
N GLU A 537 16.52 -28.38 -45.39
CA GLU A 537 16.35 -28.28 -46.84
C GLU A 537 15.63 -29.51 -47.39
N THR A 538 16.00 -30.70 -46.88
CA THR A 538 15.32 -31.92 -47.29
C THR A 538 13.86 -31.93 -46.86
N VAL A 539 13.57 -31.49 -45.63
CA VAL A 539 12.18 -31.54 -45.19
C VAL A 539 11.37 -30.42 -45.84
N ALA A 540 12.04 -29.36 -46.29
CA ALA A 540 11.34 -28.31 -47.02
C ALA A 540 11.01 -28.75 -48.43
N MET A 541 11.90 -29.53 -49.06
CA MET A 541 11.58 -30.10 -50.35
C MET A 541 10.46 -31.13 -50.24
N ASP A 542 10.44 -31.88 -49.14
CA ASP A 542 9.34 -32.81 -48.89
C ASP A 542 8.03 -32.06 -48.68
N ARG A 543 8.10 -30.91 -48.03
CA ARG A 543 6.92 -30.08 -47.81
C ARG A 543 6.41 -29.50 -49.13
N LEU A 544 7.35 -29.12 -50.01
CA LEU A 544 6.98 -28.68 -51.35
C LEU A 544 6.32 -29.80 -52.15
N LEU A 545 6.80 -31.03 -51.97
CA LEU A 545 6.14 -32.17 -52.58
C LEU A 545 4.73 -32.37 -52.02
N ARG A 546 4.56 -32.04 -50.75
CA ARG A 546 3.21 -32.03 -50.17
C ARG A 546 2.46 -30.77 -50.59
N GLY B 50 24.50 43.33 12.39
CA GLY B 50 23.58 43.91 11.44
C GLY B 50 23.24 42.99 10.29
N THR B 51 24.01 41.91 10.16
CA THR B 51 23.81 40.94 9.10
C THR B 51 22.84 39.82 9.50
N LEU B 52 22.25 39.90 10.68
CA LEU B 52 21.38 38.85 11.16
C LEU B 52 20.05 38.81 10.43
N LEU B 53 19.68 39.88 9.74
CA LEU B 53 18.49 39.85 8.92
C LEU B 53 18.73 39.12 7.60
N GLN B 54 19.95 38.91 7.22
CA GLN B 54 20.25 38.25 5.97
C GLN B 54 20.44 36.76 6.20
N PRO B 55 20.03 35.92 5.23
CA PRO B 55 20.24 34.49 5.38
C PRO B 55 21.70 34.12 5.21
N THR B 56 22.25 33.45 6.22
CA THR B 56 23.65 33.12 6.25
C THR B 56 23.92 31.90 5.37
N VAL B 57 25.19 31.55 5.19
CA VAL B 57 25.60 30.46 4.32
C VAL B 57 25.55 29.18 5.15
N ASN B 58 24.51 28.38 4.92
CA ASN B 58 24.33 27.14 5.66
C ASN B 58 23.96 26.00 4.74
N LYS B 59 23.72 24.82 5.32
CA LYS B 59 23.44 23.65 4.52
C LYS B 59 22.06 23.73 3.87
N PHE B 60 21.06 24.20 4.62
CA PHE B 60 19.75 24.46 4.03
C PHE B 60 19.85 25.60 3.02
N SER B 61 20.70 26.58 3.30
CA SER B 61 20.89 27.69 2.38
C SER B 61 21.50 27.23 1.07
N LEU B 62 22.47 26.32 1.14
CA LEU B 62 23.05 25.76 -0.08
C LEU B 62 22.06 24.87 -0.81
N ARG B 63 21.26 24.09 -0.08
CA ARG B 63 20.36 23.17 -0.77
C ARG B 63 19.13 23.89 -1.33
N VAL B 64 18.83 25.10 -0.86
CA VAL B 64 17.73 25.86 -1.44
C VAL B 64 18.23 26.80 -2.53
N PHE B 65 19.18 27.68 -2.19
CA PHE B 65 19.62 28.69 -3.13
C PHE B 65 20.50 28.10 -4.22
N GLY B 66 21.41 27.21 -3.87
CA GLY B 66 22.32 26.65 -4.85
C GLY B 66 23.78 26.82 -4.47
N SER B 67 24.52 27.59 -5.24
CA SER B 67 25.92 27.85 -4.95
C SER B 67 26.04 29.00 -3.96
N HIS B 68 27.27 29.39 -3.65
CA HIS B 68 27.50 30.55 -2.79
C HIS B 68 27.09 31.83 -3.49
N LYS B 69 27.17 31.86 -4.82
CA LYS B 69 26.81 33.05 -5.58
C LYS B 69 25.31 33.32 -5.49
N ALA B 70 24.49 32.27 -5.50
CA ALA B 70 23.05 32.47 -5.35
C ALA B 70 22.70 32.95 -3.96
N VAL B 71 23.47 32.50 -2.95
CA VAL B 71 23.29 33.00 -1.59
C VAL B 71 23.67 34.47 -1.52
N GLU B 72 24.72 34.88 -2.25
CA GLU B 72 25.08 36.28 -2.29
C GLU B 72 24.05 37.12 -3.03
N ILE B 73 23.42 36.54 -4.04
CA ILE B 73 22.34 37.23 -4.75
C ILE B 73 21.14 37.43 -3.83
N GLU B 74 20.80 36.40 -3.04
CA GLU B 74 19.71 36.54 -2.07
C GLU B 74 20.07 37.55 -0.99
N GLN B 75 21.32 37.58 -0.56
CA GLN B 75 21.76 38.55 0.44
C GLN B 75 21.71 39.97 -0.11
N GLU B 76 22.03 40.15 -1.39
CA GLU B 76 21.91 41.45 -2.02
C GLU B 76 20.44 41.84 -2.20
N ARG B 77 19.58 40.87 -2.48
CA ARG B 77 18.15 41.16 -2.58
C ARG B 77 17.57 41.56 -1.24
N VAL B 78 18.10 41.00 -0.15
CA VAL B 78 17.72 41.48 1.18
C VAL B 78 18.28 42.88 1.41
N LYS B 79 19.53 43.11 1.04
CA LYS B 79 20.19 44.39 1.22
C LYS B 79 19.74 45.44 0.21
N SER B 80 18.75 45.13 -0.64
CA SER B 80 18.09 46.16 -1.44
C SER B 80 17.49 47.24 -0.56
N ALA B 81 16.74 46.84 0.47
CA ALA B 81 16.37 47.76 1.53
C ALA B 81 17.26 47.51 2.75
N GLY B 82 17.17 48.37 3.74
CA GLY B 82 18.04 48.28 4.89
C GLY B 82 17.34 48.48 6.21
N ALA B 83 17.41 47.47 7.10
CA ALA B 83 16.74 47.42 8.40
C ALA B 83 15.23 47.60 8.28
N TRP B 84 14.66 47.16 7.14
CA TRP B 84 13.22 47.14 6.97
C TRP B 84 12.68 45.78 6.59
N ILE B 85 13.54 44.81 6.26
CA ILE B 85 13.12 43.52 5.76
C ILE B 85 13.79 42.44 6.60
N ILE B 86 13.01 41.46 7.05
CA ILE B 86 13.52 40.27 7.72
C ILE B 86 13.36 39.10 6.78
N HIS B 87 14.48 38.53 6.35
CA HIS B 87 14.42 37.38 5.46
C HIS B 87 13.95 36.17 6.25
N PRO B 88 13.05 35.36 5.68
CA PRO B 88 12.41 34.30 6.47
C PRO B 88 13.31 33.13 6.77
N TYR B 89 14.52 33.07 6.23
CA TYR B 89 15.46 32.03 6.55
C TYR B 89 16.60 32.53 7.42
N SER B 90 16.56 33.78 7.82
CA SER B 90 17.63 34.37 8.59
C SER B 90 17.63 33.83 10.02
N ASP B 91 18.76 34.03 10.70
CA ASP B 91 18.90 33.51 12.06
C ASP B 91 18.10 34.32 13.07
N PHE B 92 17.66 35.52 12.69
CA PHE B 92 16.82 36.29 13.60
C PHE B 92 15.45 35.67 13.75
N ARG B 93 14.91 35.13 12.65
CA ARG B 93 13.62 34.44 12.73
C ARG B 93 13.73 33.15 13.53
N PHE B 94 14.86 32.46 13.41
CA PHE B 94 15.19 31.34 14.30
C PHE B 94 15.18 31.76 15.76
N TYR B 95 15.98 32.77 16.08
CA TYR B 95 16.17 33.25 17.43
C TYR B 95 14.89 33.81 18.03
N TRP B 96 13.95 34.24 17.20
CA TRP B 96 12.65 34.70 17.66
C TRP B 96 11.64 33.57 17.82
N ASP B 97 11.55 32.68 16.84
CA ASP B 97 10.57 31.61 16.87
C ASP B 97 10.86 30.60 17.96
N LEU B 98 12.12 30.41 18.32
CA LEU B 98 12.43 29.50 19.42
C LEU B 98 11.89 30.03 20.74
N ILE B 99 11.85 31.35 20.89
CA ILE B 99 11.23 31.93 22.07
C ILE B 99 9.71 31.83 21.98
N MET B 100 9.17 32.16 20.80
CA MET B 100 7.73 32.29 20.68
C MET B 100 7.02 30.95 20.78
N LEU B 101 7.65 29.86 20.35
CA LEU B 101 7.03 28.55 20.49
C LEU B 101 6.92 28.15 21.95
N LEU B 102 7.96 28.42 22.74
CA LEU B 102 7.91 28.09 24.15
C LEU B 102 6.89 28.95 24.89
N LEU B 103 6.80 30.24 24.53
CA LEU B 103 5.79 31.08 25.15
C LEU B 103 4.38 30.65 24.78
N MET B 104 4.18 30.24 23.52
CA MET B 104 2.85 29.82 23.09
C MET B 104 2.44 28.53 23.76
N VAL B 105 3.38 27.59 23.94
CA VAL B 105 3.05 26.34 24.61
C VAL B 105 2.74 26.60 26.08
N GLY B 106 3.52 27.49 26.71
CA GLY B 106 3.26 27.83 28.10
C GLY B 106 1.90 28.48 28.30
N ASN B 107 1.51 29.37 27.39
CA ASN B 107 0.19 29.99 27.52
C ASN B 107 -0.92 28.99 27.25
N LEU B 108 -0.81 28.20 26.20
CA LEU B 108 -1.86 27.25 25.86
C LEU B 108 -2.01 26.14 26.87
N ILE B 109 -1.02 25.89 27.72
CA ILE B 109 -1.21 25.00 28.85
C ILE B 109 -1.76 25.73 30.06
N VAL B 110 -1.19 26.89 30.42
CA VAL B 110 -1.50 27.45 31.73
C VAL B 110 -2.83 28.18 31.76
N LEU B 111 -3.14 28.95 30.70
CA LEU B 111 -4.27 29.88 30.73
C LEU B 111 -5.65 29.30 31.05
N PRO B 112 -6.08 28.14 30.54
CA PRO B 112 -7.42 27.65 30.95
C PRO B 112 -7.47 27.20 32.38
N VAL B 113 -6.39 26.61 32.88
CA VAL B 113 -6.34 26.20 34.27
C VAL B 113 -6.40 27.42 35.18
N GLY B 114 -5.78 28.52 34.75
CA GLY B 114 -5.88 29.74 35.50
C GLY B 114 -7.25 30.38 35.44
N ILE B 115 -7.94 30.25 34.31
CA ILE B 115 -9.25 30.86 34.21
C ILE B 115 -10.29 30.08 34.99
N THR B 116 -10.36 28.78 34.77
CA THR B 116 -11.51 28.02 35.25
C THR B 116 -11.41 27.69 36.73
N PHE B 117 -10.27 27.22 37.20
CA PHE B 117 -10.23 26.65 38.53
C PHE B 117 -10.02 27.68 39.62
N PHE B 118 -9.22 28.71 39.37
CA PHE B 118 -8.97 29.69 40.41
C PHE B 118 -10.15 30.63 40.55
N LYS B 119 -10.43 31.02 41.80
CA LYS B 119 -11.56 31.90 42.09
C LYS B 119 -11.16 33.37 41.97
N GLU B 120 -10.19 33.79 42.78
CA GLU B 120 -9.73 35.18 42.76
C GLU B 120 -8.77 35.36 41.61
N GLU B 121 -9.23 36.01 40.54
CA GLU B 121 -8.42 36.23 39.35
C GLU B 121 -7.57 37.50 39.43
N ASN B 122 -7.52 38.14 40.60
CA ASN B 122 -6.76 39.37 40.77
C ASN B 122 -5.44 39.15 41.47
N SER B 123 -4.86 37.96 41.40
CA SER B 123 -3.55 37.76 41.99
C SER B 123 -2.49 38.47 41.15
N PRO B 124 -1.46 39.04 41.77
CA PRO B 124 -0.44 39.79 41.02
C PRO B 124 0.35 38.99 40.00
N PRO B 125 0.89 37.77 40.28
CA PRO B 125 1.76 37.17 39.25
C PRO B 125 1.00 36.70 38.03
N TRP B 126 -0.30 36.42 38.20
CA TRP B 126 -1.16 36.14 37.06
C TRP B 126 -1.27 37.36 36.14
N ILE B 127 -1.39 38.55 36.73
CA ILE B 127 -1.49 39.77 35.94
C ILE B 127 -0.17 40.09 35.26
N VAL B 128 0.94 39.81 35.96
CA VAL B 128 2.27 40.00 35.38
C VAL B 128 2.47 39.07 34.19
N PHE B 129 2.04 37.81 34.36
CA PHE B 129 2.18 36.81 33.31
C PHE B 129 1.34 37.17 32.09
N ASN B 130 0.12 37.68 32.31
CA ASN B 130 -0.72 38.09 31.20
C ASN B 130 -0.15 39.31 30.48
N VAL B 131 0.42 40.25 31.23
CA VAL B 131 1.00 41.45 30.62
C VAL B 131 2.22 41.09 29.78
N LEU B 132 3.06 40.18 30.28
CA LEU B 132 4.21 39.71 29.52
C LEU B 132 3.79 38.99 28.25
N SER B 133 2.77 38.13 28.36
CA SER B 133 2.29 37.39 27.20
C SER B 133 1.73 38.33 26.14
N ASP B 134 0.95 39.32 26.55
CA ASP B 134 0.41 40.29 25.60
C ASP B 134 1.51 41.11 24.97
N THR B 135 2.56 41.42 25.73
CA THR B 135 3.68 42.19 25.22
C THR B 135 4.42 41.44 24.12
N PHE B 136 4.81 40.19 24.39
CA PHE B 136 5.55 39.43 23.40
C PHE B 136 4.69 39.08 22.19
N PHE B 137 3.41 38.74 22.41
CA PHE B 137 2.59 38.42 21.25
C PHE B 137 2.14 39.65 20.48
N LEU B 138 2.33 40.86 21.02
CA LEU B 138 2.12 42.03 20.18
C LEU B 138 3.39 42.38 19.41
N LEU B 139 4.55 42.26 20.07
CA LEU B 139 5.83 42.46 19.40
C LEU B 139 6.04 41.45 18.29
N ASP B 140 5.46 40.26 18.41
CA ASP B 140 5.58 39.28 17.34
C ASP B 140 4.86 39.76 16.08
N LEU B 141 3.70 40.38 16.23
CA LEU B 141 2.99 40.91 15.07
C LEU B 141 3.74 42.09 14.46
N VAL B 142 4.32 42.92 15.33
CA VAL B 142 5.13 44.05 14.85
C VAL B 142 6.33 43.57 14.04
N LEU B 143 7.01 42.53 14.53
CA LEU B 143 8.12 41.97 13.77
C LEU B 143 7.64 41.18 12.57
N ASN B 144 6.39 40.71 12.59
CA ASN B 144 5.83 40.03 11.43
C ASN B 144 5.66 40.99 10.27
N PHE B 145 5.35 42.25 10.58
CA PHE B 145 5.14 43.27 9.55
C PHE B 145 6.34 43.45 8.62
N ARG B 146 7.55 43.30 9.15
CA ARG B 146 8.74 43.50 8.32
C ARG B 146 9.25 42.18 7.77
N THR B 147 8.61 41.07 8.11
CA THR B 147 9.16 39.77 7.80
C THR B 147 8.89 39.37 6.35
N GLY B 148 9.66 38.39 5.87
CA GLY B 148 9.48 37.88 4.53
C GLY B 148 8.53 36.70 4.50
N ILE B 149 8.04 36.39 3.29
CA ILE B 149 7.00 35.40 3.10
C ILE B 149 7.44 34.43 2.00
N VAL B 150 7.45 33.15 2.31
CA VAL B 150 7.80 32.12 1.35
C VAL B 150 6.53 31.64 0.66
N VAL B 151 6.59 31.51 -0.67
CA VAL B 151 5.48 30.98 -1.44
C VAL B 151 5.96 29.82 -2.30
N GLU B 156 10.73 33.76 -2.79
CA GLU B 156 10.48 34.42 -1.52
C GLU B 156 10.14 35.89 -1.75
N ILE B 157 8.89 36.25 -1.51
CA ILE B 157 8.40 37.60 -1.75
C ILE B 157 8.94 38.49 -0.63
N LEU B 158 10.01 39.21 -0.92
CA LEU B 158 10.63 40.10 0.05
C LEU B 158 10.24 41.55 -0.14
N LEU B 159 9.24 41.83 -0.98
CA LEU B 159 8.77 43.19 -1.23
C LEU B 159 8.02 43.68 0.00
N ALA B 160 8.64 44.62 0.74
CA ALA B 160 8.11 44.97 2.06
C ALA B 160 6.83 45.82 2.00
N PRO B 161 6.77 46.98 1.33
CA PRO B 161 5.59 47.84 1.53
C PRO B 161 4.34 47.35 0.83
N ARG B 162 4.45 46.45 -0.13
CA ARG B 162 3.30 46.04 -0.92
C ARG B 162 2.85 44.61 -0.63
N ALA B 163 3.76 43.64 -0.76
CA ALA B 163 3.35 42.24 -0.67
C ALA B 163 3.05 41.84 0.78
N ILE B 164 3.81 42.39 1.73
CA ILE B 164 3.68 41.98 3.12
C ILE B 164 2.36 42.48 3.70
N ARG B 165 2.05 43.75 3.47
CA ARG B 165 0.85 44.36 4.04
C ARG B 165 -0.42 43.75 3.45
N THR B 166 -0.44 43.57 2.14
CA THR B 166 -1.60 42.96 1.49
C THR B 166 -1.73 41.49 1.83
N ARG B 167 -0.61 40.77 1.97
CA ARG B 167 -0.68 39.38 2.33
C ARG B 167 -1.13 39.17 3.77
N TYR B 168 -0.81 40.11 4.67
CA TYR B 168 -1.40 40.02 6.01
C TYR B 168 -2.87 40.34 6.00
N LEU B 169 -3.23 41.50 5.42
CA LEU B 169 -4.62 41.94 5.44
C LEU B 169 -5.54 41.06 4.61
N ARG B 170 -4.99 40.18 3.78
CA ARG B 170 -5.78 39.20 3.06
C ARG B 170 -5.88 37.86 3.79
N THR B 171 -4.83 37.42 4.47
CA THR B 171 -4.77 36.03 4.94
C THR B 171 -4.79 35.89 6.45
N TRP B 172 -3.82 36.45 7.17
CA TRP B 172 -3.64 36.08 8.57
C TRP B 172 -3.35 37.28 9.45
N PHE B 173 -4.05 38.38 9.27
CA PHE B 173 -3.85 39.49 10.20
C PHE B 173 -4.90 39.51 11.29
N LEU B 174 -6.13 39.12 10.94
CA LEU B 174 -7.25 39.26 11.86
C LEU B 174 -7.13 38.33 13.05
N VAL B 175 -6.74 37.07 12.80
CA VAL B 175 -6.64 36.08 13.87
C VAL B 175 -5.53 36.45 14.84
N ASP B 176 -4.38 36.88 14.31
CA ASP B 176 -3.27 37.28 15.16
C ASP B 176 -3.59 38.56 15.91
N LEU B 177 -4.38 39.45 15.30
CA LEU B 177 -4.75 40.69 15.97
C LEU B 177 -5.71 40.42 17.13
N ILE B 178 -6.67 39.52 16.93
CA ILE B 178 -7.62 39.16 17.97
C ILE B 178 -6.89 38.45 19.10
N SER B 179 -6.04 37.49 18.77
CA SER B 179 -5.32 36.75 19.79
C SER B 179 -4.25 37.58 20.48
N SER B 180 -3.85 38.71 19.89
CA SER B 180 -2.79 39.49 20.50
C SER B 180 -3.28 40.33 21.67
N ILE B 181 -4.23 41.21 21.43
CA ILE B 181 -4.58 42.26 22.39
C ILE B 181 -5.40 41.70 23.55
N PRO B 182 -5.23 42.23 24.76
CA PRO B 182 -6.05 41.77 25.88
C PRO B 182 -7.45 42.38 25.87
N VAL B 183 -8.44 41.56 25.55
CA VAL B 183 -9.80 42.06 25.40
C VAL B 183 -10.43 42.34 26.75
N ASP B 184 -10.15 41.49 27.74
CA ASP B 184 -10.85 41.54 29.01
C ASP B 184 -10.49 42.78 29.83
N TYR B 185 -9.25 43.23 29.71
CA TYR B 185 -8.83 44.42 30.45
C TYR B 185 -9.50 45.67 29.88
N ILE B 186 -9.81 45.66 28.58
CA ILE B 186 -10.52 46.76 27.95
C ILE B 186 -11.94 46.88 28.50
N PHE B 187 -12.66 45.75 28.54
CA PHE B 187 -14.02 45.75 29.08
C PHE B 187 -14.01 46.00 30.58
N LEU B 188 -12.90 45.68 31.24
CA LEU B 188 -12.77 46.02 32.66
C LEU B 188 -12.61 47.51 32.87
N VAL B 189 -11.84 48.17 31.99
CA VAL B 189 -11.67 49.62 32.09
C VAL B 189 -12.97 50.34 31.74
N VAL B 190 -13.67 49.87 30.71
CA VAL B 190 -14.90 50.53 30.28
C VAL B 190 -16.00 50.33 31.31
N GLU B 191 -16.27 49.09 31.70
CA GLU B 191 -17.28 48.82 32.71
C GLU B 191 -16.69 48.92 34.12
N ARG B 205 -25.47 42.65 39.27
CA ARG B 205 -25.25 42.11 37.94
C ARG B 205 -23.76 41.96 37.65
N ALA B 206 -22.96 41.85 38.72
CA ALA B 206 -21.52 41.73 38.56
C ALA B 206 -21.12 40.35 38.08
N LEU B 207 -21.91 39.31 38.36
CA LEU B 207 -21.53 37.95 38.02
C LEU B 207 -21.59 37.71 36.53
N ARG B 208 -22.59 38.29 35.85
CA ARG B 208 -22.65 38.21 34.39
C ARG B 208 -21.47 38.95 33.76
N ILE B 209 -21.04 40.06 34.37
CA ILE B 209 -19.89 40.80 33.88
C ILE B 209 -18.61 39.99 34.04
N VAL B 210 -18.45 39.31 35.18
CA VAL B 210 -17.26 38.50 35.43
C VAL B 210 -17.21 37.29 34.49
N ARG B 211 -18.36 36.63 34.27
CA ARG B 211 -18.42 35.53 33.32
C ARG B 211 -18.15 36.01 31.90
N PHE B 212 -18.63 37.21 31.57
CA PHE B 212 -18.39 37.81 30.27
C PHE B 212 -16.90 38.08 30.07
N THR B 213 -16.23 38.59 31.11
CA THR B 213 -14.78 38.80 31.04
C THR B 213 -14.02 37.50 30.95
N LYS B 214 -14.52 36.43 31.58
CA LYS B 214 -13.84 35.15 31.48
C LYS B 214 -13.90 34.60 30.06
N ILE B 215 -15.08 34.68 29.44
CA ILE B 215 -15.21 34.20 28.07
C ILE B 215 -14.43 35.10 27.11
N LEU B 216 -14.33 36.40 27.42
CA LEU B 216 -13.49 37.27 26.60
C LEU B 216 -12.01 36.96 26.77
N SER B 217 -11.59 36.62 27.98
CA SER B 217 -10.21 36.22 28.21
C SER B 217 -9.88 34.89 27.57
N LEU B 218 -10.89 34.08 27.24
CA LEU B 218 -10.67 32.91 26.41
C LEU B 218 -10.34 33.21 24.96
N LEU B 219 -10.27 34.46 24.52
CA LEU B 219 -9.87 34.76 23.15
C LEU B 219 -8.38 34.61 22.92
N ARG B 220 -7.60 34.36 23.98
CA ARG B 220 -6.19 34.09 23.84
C ARG B 220 -5.90 32.79 23.11
N LEU B 221 -6.88 31.91 22.99
CA LEU B 221 -6.71 30.58 22.44
C LEU B 221 -6.48 30.56 20.94
N LEU B 222 -6.59 31.70 20.25
CA LEU B 222 -6.35 31.73 18.82
C LEU B 222 -4.87 31.80 18.48
N ARG B 223 -3.99 31.78 19.48
CA ARG B 223 -2.56 31.68 19.24
C ARG B 223 -2.16 30.30 18.74
N LEU B 224 -3.06 29.31 18.86
CA LEU B 224 -2.86 27.99 18.29
C LEU B 224 -2.65 28.06 16.78
N SER B 225 -3.37 28.94 16.10
CA SER B 225 -3.20 29.07 14.65
C SER B 225 -1.84 29.61 14.28
N ARG B 226 -1.23 30.41 15.13
CA ARG B 226 0.12 30.87 14.86
C ARG B 226 1.14 29.80 15.19
N LEU B 227 0.90 29.05 16.27
CA LEU B 227 1.77 27.95 16.65
C LEU B 227 1.83 26.90 15.54
N ILE B 228 0.68 26.60 14.94
CA ILE B 228 0.63 25.60 13.87
C ILE B 228 1.41 26.07 12.65
N ARG B 229 1.31 27.37 12.35
CA ARG B 229 2.02 27.94 11.21
C ARG B 229 3.54 27.88 11.42
N TYR B 230 4.00 28.26 12.60
CA TYR B 230 5.44 28.20 12.85
C TYR B 230 5.96 26.78 12.95
N ILE B 231 5.17 25.85 13.48
CA ILE B 231 5.62 24.46 13.55
C ILE B 231 5.72 23.86 12.15
N HIS B 232 4.77 24.19 11.27
CA HIS B 232 4.86 23.71 9.90
C HIS B 232 6.00 24.36 9.14
N GLN B 233 6.34 25.61 9.46
CA GLN B 233 7.51 26.21 8.81
C GLN B 233 8.80 25.56 9.27
N TRP B 234 8.87 25.21 10.56
CA TRP B 234 10.05 24.49 11.06
C TRP B 234 10.15 23.12 10.39
N GLU B 235 9.04 22.39 10.34
CA GLU B 235 9.07 21.05 9.80
C GLU B 235 9.37 21.05 8.32
N GLU B 236 8.97 22.10 7.60
CA GLU B 236 9.41 22.28 6.23
C GLU B 236 10.90 22.58 6.15
N ILE B 237 11.46 23.25 7.16
CA ILE B 237 12.91 23.47 7.14
C ILE B 237 13.65 22.16 7.38
N PHE B 238 13.33 21.43 8.43
CA PHE B 238 14.18 20.32 8.85
C PHE B 238 13.88 18.99 8.17
N HIS B 239 13.28 18.99 6.99
CA HIS B 239 13.41 17.82 6.13
C HIS B 239 14.66 17.86 5.29
N MET B 240 15.47 18.91 5.42
CA MET B 240 16.51 19.14 4.44
C MET B 240 17.87 19.21 5.11
N THR B 241 17.93 19.73 6.34
CA THR B 241 19.18 19.68 7.08
C THR B 241 19.43 18.29 7.65
N TYR B 242 18.36 17.60 8.02
CA TYR B 242 18.46 16.23 8.51
C TYR B 242 17.47 15.38 7.75
N ASP B 243 17.90 14.19 7.36
CA ASP B 243 16.97 13.23 6.76
C ASP B 243 16.09 12.64 7.85
N LEU B 244 14.79 12.91 7.76
CA LEU B 244 13.86 12.45 8.77
C LEU B 244 12.74 11.67 8.08
N ALA B 245 12.30 10.59 8.71
CA ALA B 245 11.10 9.91 8.23
C ALA B 245 9.90 10.82 8.44
N SER B 246 9.12 10.98 7.38
CA SER B 246 8.02 11.93 7.40
C SER B 246 6.91 11.51 8.35
N ALA B 247 6.66 10.21 8.41
CA ALA B 247 5.56 9.69 9.23
C ALA B 247 5.80 9.93 10.71
N VAL B 248 7.06 9.96 11.14
CA VAL B 248 7.37 10.22 12.54
C VAL B 248 7.01 11.65 12.90
N VAL B 249 7.31 12.59 12.00
CA VAL B 249 6.98 14.00 12.21
C VAL B 249 5.47 14.16 12.27
N ARG B 250 4.75 13.51 11.35
CA ARG B 250 3.30 13.62 11.33
C ARG B 250 2.69 13.05 12.60
N ILE B 251 3.21 11.93 13.09
CA ILE B 251 2.55 11.28 14.21
C ILE B 251 2.89 11.98 15.51
N PHE B 252 4.06 12.59 15.63
CA PHE B 252 4.30 13.34 16.86
C PHE B 252 3.57 14.67 16.86
N ASN B 253 3.34 15.24 15.69
CA ASN B 253 2.45 16.40 15.58
C ASN B 253 1.03 16.04 16.03
N LEU B 254 0.55 14.86 15.62
CA LEU B 254 -0.79 14.44 16.00
C LEU B 254 -0.89 14.14 17.49
N ILE B 255 0.17 13.56 18.06
CA ILE B 255 0.16 13.24 19.49
C ILE B 255 0.11 14.52 20.32
N GLY B 256 0.88 15.53 19.92
CA GLY B 256 0.80 16.81 20.58
C GLY B 256 -0.58 17.45 20.49
N MET B 257 -1.21 17.34 19.31
CA MET B 257 -2.55 17.89 19.15
C MET B 257 -3.58 17.17 20.02
N MET B 258 -3.47 15.84 20.11
CA MET B 258 -4.43 15.08 20.91
C MET B 258 -4.30 15.38 22.40
N LEU B 259 -3.06 15.46 22.89
CA LEU B 259 -2.85 15.79 24.30
C LEU B 259 -3.38 17.17 24.61
N LEU B 260 -3.18 18.12 23.70
CA LEU B 260 -3.67 19.46 23.91
C LEU B 260 -5.20 19.49 23.94
N LEU B 261 -5.85 18.71 23.06
CA LEU B 261 -7.31 18.73 23.03
C LEU B 261 -7.91 18.10 24.28
N CYS B 262 -7.28 17.05 24.79
CA CYS B 262 -7.79 16.46 26.03
C CYS B 262 -7.61 17.41 27.21
N HIS B 263 -6.51 18.16 27.21
CA HIS B 263 -6.32 19.17 28.24
C HIS B 263 -7.31 20.32 28.10
N TRP B 264 -7.77 20.61 26.88
CA TRP B 264 -8.84 21.60 26.76
C TRP B 264 -10.14 21.08 27.34
N ASP B 265 -10.49 19.83 27.03
CA ASP B 265 -11.82 19.34 27.37
C ASP B 265 -11.98 19.16 28.87
N GLY B 266 -10.89 18.86 29.56
CA GLY B 266 -10.97 18.83 31.03
C GLY B 266 -11.35 20.18 31.61
N CYS B 267 -10.68 21.23 31.16
CA CYS B 267 -10.97 22.58 31.63
C CYS B 267 -12.36 23.01 31.22
N LEU B 268 -12.83 22.56 30.06
CA LEU B 268 -14.13 22.96 29.58
C LEU B 268 -15.24 22.30 30.38
N GLN B 269 -15.07 21.02 30.71
CA GLN B 269 -16.11 20.30 31.43
C GLN B 269 -16.11 20.64 32.90
N PHE B 270 -15.07 21.33 33.37
CA PHE B 270 -15.26 21.98 34.67
C PHE B 270 -15.81 23.39 34.50
N LEU B 271 -15.52 24.03 33.37
CA LEU B 271 -15.89 25.44 33.20
C LEU B 271 -17.39 25.63 33.08
N VAL B 272 -18.06 24.70 32.43
CA VAL B 272 -19.50 24.88 32.22
C VAL B 272 -20.32 24.80 33.51
N PRO B 273 -20.07 23.91 34.48
CA PRO B 273 -20.79 24.07 35.75
C PRO B 273 -20.35 25.26 36.60
N MET B 274 -19.21 25.87 36.29
CA MET B 274 -18.87 27.12 36.96
C MET B 274 -19.83 28.23 36.62
N LEU B 275 -20.11 28.41 35.33
CA LEU B 275 -20.92 29.52 34.89
C LEU B 275 -22.39 29.40 35.27
N GLN B 276 -22.84 28.21 35.63
CA GLN B 276 -24.20 28.03 36.10
C GLN B 276 -24.30 27.93 37.61
N ASP B 277 -23.23 28.31 38.32
CA ASP B 277 -23.18 28.37 39.79
C ASP B 277 -23.46 27.01 40.42
N PHE B 278 -23.01 25.94 39.76
CA PHE B 278 -23.13 24.54 40.17
C PHE B 278 -24.55 24.10 40.46
N PRO B 279 -25.36 23.84 39.45
CA PRO B 279 -26.69 23.26 39.66
C PRO B 279 -26.59 21.88 40.29
N PRO B 280 -27.66 21.39 40.94
CA PRO B 280 -27.57 20.06 41.55
C PRO B 280 -27.55 18.92 40.54
N ASP B 281 -27.84 19.21 39.26
CA ASP B 281 -27.83 18.17 38.25
C ASP B 281 -26.42 17.87 37.77
N CYS B 282 -25.47 18.80 37.98
CA CYS B 282 -24.14 18.62 37.42
C CYS B 282 -23.36 17.60 38.23
N TRP B 283 -22.31 17.06 37.61
CA TRP B 283 -21.58 15.95 38.23
C TRP B 283 -20.76 16.40 39.41
N VAL B 284 -20.40 17.68 39.48
CA VAL B 284 -19.59 18.19 40.58
C VAL B 284 -20.39 18.16 41.87
N SER B 285 -21.64 18.61 41.80
CA SER B 285 -22.52 18.57 42.96
C SER B 285 -22.87 17.15 43.36
N ILE B 286 -23.00 16.26 42.38
CA ILE B 286 -23.35 14.88 42.67
C ILE B 286 -22.20 14.17 43.37
N ASN B 287 -20.99 14.40 42.91
CA ASN B 287 -19.84 13.80 43.58
C ASN B 287 -19.41 14.58 44.82
N HIS B 288 -20.07 15.71 45.10
CA HIS B 288 -19.85 16.52 46.31
C HIS B 288 -18.41 16.98 46.40
N MET B 289 -17.93 17.60 45.34
CA MET B 289 -16.55 17.99 45.23
C MET B 289 -16.41 19.45 44.84
N VAL B 290 -17.32 20.28 45.34
CA VAL B 290 -17.22 21.70 45.10
C VAL B 290 -16.09 22.31 45.91
N ASN B 291 -15.92 21.87 47.15
CA ASN B 291 -15.01 22.52 48.08
C ASN B 291 -13.68 21.81 48.23
N HIS B 292 -13.25 21.09 47.21
CA HIS B 292 -11.92 20.51 47.24
C HIS B 292 -10.92 21.47 46.59
N SER B 293 -9.65 21.10 46.64
CA SER B 293 -8.61 21.92 46.04
C SER B 293 -8.69 21.83 44.52
N TRP B 294 -7.99 22.73 43.85
CA TRP B 294 -8.11 22.82 42.40
C TRP B 294 -7.42 21.65 41.72
N GLY B 295 -6.43 21.06 42.36
CA GLY B 295 -5.73 19.94 41.75
C GLY B 295 -6.60 18.71 41.63
N ARG B 296 -7.36 18.41 42.68
CA ARG B 296 -8.20 17.23 42.66
C ARG B 296 -9.39 17.42 41.73
N GLN B 297 -9.91 18.65 41.67
CA GLN B 297 -10.96 18.96 40.73
C GLN B 297 -10.48 18.84 39.30
N TYR B 298 -9.25 19.30 39.04
CA TYR B 298 -8.67 19.15 37.72
C TYR B 298 -8.45 17.69 37.37
N SER B 299 -8.08 16.87 38.36
CA SER B 299 -7.88 15.46 38.11
C SER B 299 -9.17 14.77 37.73
N HIS B 300 -10.24 15.03 38.47
CA HIS B 300 -11.52 14.40 38.13
C HIS B 300 -12.06 14.90 36.80
N ALA B 301 -11.88 16.18 36.50
CA ALA B 301 -12.36 16.71 35.24
C ALA B 301 -11.59 16.13 34.07
N LEU B 302 -10.28 15.96 34.22
CA LEU B 302 -9.49 15.38 33.15
C LEU B 302 -9.81 13.91 32.96
N PHE B 303 -10.11 13.21 34.04
CA PHE B 303 -10.54 11.82 33.91
C PHE B 303 -11.85 11.72 33.16
N LYS B 304 -12.80 12.61 33.47
CA LYS B 304 -14.08 12.62 32.76
C LYS B 304 -13.89 12.93 31.29
N ALA B 305 -13.03 13.88 30.98
CA ALA B 305 -12.83 14.27 29.58
C ALA B 305 -12.12 13.19 28.80
N MET B 306 -11.14 12.54 29.40
CA MET B 306 -10.44 11.48 28.70
C MET B 306 -11.31 10.26 28.54
N SER B 307 -12.17 9.99 29.50
CA SER B 307 -13.07 8.85 29.36
C SER B 307 -14.13 9.11 28.30
N HIS B 308 -14.55 10.36 28.12
CA HIS B 308 -15.41 10.63 26.97
C HIS B 308 -14.63 10.54 25.68
N MET B 309 -13.37 10.95 25.71
CA MET B 309 -12.61 11.05 24.48
C MET B 309 -12.19 9.69 23.96
N LEU B 310 -11.86 8.75 24.83
CA LEU B 310 -11.49 7.42 24.39
C LEU B 310 -12.66 6.46 24.36
N CYS B 311 -13.89 6.99 24.41
CA CYS B 311 -15.12 6.21 24.24
C CYS B 311 -15.26 5.12 25.30
N ILE B 312 -15.46 5.54 26.54
CA ILE B 312 -15.49 4.62 27.67
C ILE B 312 -16.88 4.46 28.25
N GLY B 313 -17.46 5.55 28.72
CA GLY B 313 -18.68 5.48 29.50
C GLY B 313 -18.40 5.87 30.92
N TYR B 314 -18.83 7.07 31.30
CA TYR B 314 -18.29 7.65 32.53
C TYR B 314 -19.11 7.37 33.77
N GLY B 315 -20.34 7.88 33.83
CA GLY B 315 -21.02 7.95 35.10
C GLY B 315 -21.93 6.77 35.32
N GLN B 316 -22.57 6.77 36.49
CA GLN B 316 -23.69 5.86 36.69
C GLN B 316 -24.87 6.25 35.82
N GLN B 317 -25.39 7.45 36.02
CA GLN B 317 -26.55 7.89 35.28
C GLN B 317 -26.17 8.45 33.93
N ALA B 318 -27.15 8.57 33.06
CA ALA B 318 -27.01 9.41 31.88
C ALA B 318 -26.91 10.86 32.33
N PRO B 319 -26.20 11.71 31.59
CA PRO B 319 -26.11 13.12 31.96
C PRO B 319 -27.46 13.80 31.82
N VAL B 320 -27.88 14.46 32.89
CA VAL B 320 -29.26 14.91 33.01
C VAL B 320 -29.40 16.31 32.44
N GLY B 321 -28.48 17.20 32.79
CA GLY B 321 -28.57 18.57 32.32
C GLY B 321 -28.29 18.66 30.84
N MET B 322 -29.08 19.49 30.15
CA MET B 322 -28.96 19.60 28.70
C MET B 322 -27.63 20.14 28.19
N PRO B 323 -26.96 21.15 28.80
CA PRO B 323 -25.63 21.49 28.29
C PRO B 323 -24.57 20.44 28.54
N ASP B 324 -24.78 19.52 29.48
CA ASP B 324 -23.82 18.44 29.65
C ASP B 324 -23.88 17.47 28.51
N VAL B 325 -25.07 17.25 27.96
CA VAL B 325 -25.27 16.24 26.93
C VAL B 325 -24.55 16.64 25.65
N TRP B 326 -24.63 17.90 25.29
CA TRP B 326 -24.04 18.32 24.03
C TRP B 326 -22.53 18.42 24.12
N LEU B 327 -21.98 18.81 25.27
CA LEU B 327 -20.55 18.77 25.45
C LEU B 327 -20.03 17.34 25.41
N THR B 328 -20.77 16.43 26.02
CA THR B 328 -20.42 15.03 26.00
C THR B 328 -20.37 14.52 24.57
N MET B 329 -21.40 14.81 23.79
CA MET B 329 -21.45 14.33 22.41
C MET B 329 -20.36 14.96 21.56
N LEU B 330 -20.06 16.23 21.81
CA LEU B 330 -19.00 16.90 21.08
C LEU B 330 -17.65 16.27 21.35
N SER B 331 -17.35 16.03 22.63
CA SER B 331 -16.07 15.43 22.98
C SER B 331 -15.96 14.00 22.49
N MET B 332 -17.08 13.28 22.45
CA MET B 332 -17.07 11.93 21.91
C MET B 332 -16.75 11.91 20.43
N ILE B 333 -17.35 12.83 19.67
CA ILE B 333 -17.08 12.88 18.23
C ILE B 333 -15.63 13.27 17.95
N VAL B 334 -15.12 14.25 18.70
CA VAL B 334 -13.74 14.69 18.51
C VAL B 334 -12.76 13.58 18.85
N GLY B 335 -13.04 12.83 19.92
CA GLY B 335 -12.16 11.75 20.30
C GLY B 335 -12.17 10.60 19.33
N ALA B 336 -13.35 10.30 18.78
CA ALA B 336 -13.45 9.22 17.80
C ALA B 336 -12.67 9.56 16.53
N THR B 337 -12.79 10.80 16.06
CA THR B 337 -12.06 11.16 14.84
C THR B 337 -10.56 11.22 15.08
N CYS B 338 -10.14 11.71 16.25
CA CYS B 338 -8.70 11.77 16.53
C CYS B 338 -8.11 10.38 16.66
N TYR B 339 -8.87 9.46 17.25
CA TYR B 339 -8.35 8.11 17.41
C TYR B 339 -8.31 7.40 16.06
N ALA B 340 -9.25 7.71 15.17
CA ALA B 340 -9.22 7.13 13.84
C ALA B 340 -8.00 7.61 13.06
N MET B 341 -7.70 8.91 13.13
CA MET B 341 -6.52 9.41 12.42
C MET B 341 -5.24 8.89 13.05
N PHE B 342 -5.26 8.62 14.34
CA PHE B 342 -4.09 8.03 14.98
C PHE B 342 -3.85 6.60 14.50
N ILE B 343 -4.93 5.84 14.33
CA ILE B 343 -4.79 4.49 13.78
C ILE B 343 -4.26 4.55 12.35
N GLY B 344 -4.71 5.54 11.58
CA GLY B 344 -4.22 5.69 10.22
C GLY B 344 -2.74 6.02 10.15
N HIS B 345 -2.27 6.93 10.99
CA HIS B 345 -0.85 7.26 11.00
C HIS B 345 -0.01 6.10 11.49
N ALA B 346 -0.52 5.33 12.45
CA ALA B 346 0.24 4.18 12.93
C ALA B 346 0.35 3.11 11.86
N THR B 347 -0.71 2.92 11.08
CA THR B 347 -0.68 1.94 10.01
C THR B 347 0.30 2.35 8.92
N ALA B 348 0.27 3.63 8.55
CA ALA B 348 1.18 4.12 7.53
C ALA B 348 2.62 4.10 8.01
N LEU B 349 2.85 4.23 9.31
CA LEU B 349 4.22 4.10 9.80
C LEU B 349 4.68 2.66 9.78
N ILE B 350 3.79 1.72 10.14
CA ILE B 350 4.20 0.32 10.21
C ILE B 350 4.47 -0.24 8.82
N GLN B 351 3.71 0.18 7.82
CA GLN B 351 3.93 -0.34 6.46
C GLN B 351 5.23 0.15 5.84
N SER B 352 5.91 1.11 6.45
CA SER B 352 7.17 1.60 5.90
C SER B 352 8.36 1.22 6.76
N LEU B 353 8.39 0.00 7.28
CA LEU B 353 9.53 -0.39 8.11
C LEU B 353 10.47 -1.36 7.39
N ASP B 354 9.93 -2.41 6.80
CA ASP B 354 10.74 -3.47 6.21
C ASP B 354 10.33 -3.71 4.78
N SER B 355 10.21 -2.62 4.03
CA SER B 355 9.76 -2.69 2.64
C SER B 355 10.78 -3.41 1.75
N SER B 356 12.06 -3.29 2.09
CA SER B 356 13.09 -4.01 1.34
C SER B 356 12.93 -5.51 1.50
N ARG B 357 12.59 -5.97 2.70
CA ARG B 357 12.33 -7.39 2.89
C ARG B 357 10.99 -7.81 2.33
N ARG B 358 10.04 -6.89 2.27
CA ARG B 358 8.71 -7.18 1.74
C ARG B 358 8.73 -7.35 0.23
N GLN B 359 9.53 -6.56 -0.46
CA GLN B 359 9.61 -6.68 -1.91
C GLN B 359 10.28 -7.98 -2.32
N TYR B 360 11.25 -8.45 -1.54
CA TYR B 360 11.83 -9.76 -1.77
C TYR B 360 10.80 -10.85 -1.63
N GLN B 361 9.93 -10.71 -0.63
CA GLN B 361 8.87 -11.68 -0.41
C GLN B 361 7.90 -11.71 -1.58
N GLU B 362 7.50 -10.52 -2.05
CA GLU B 362 6.58 -10.44 -3.18
C GLU B 362 7.20 -11.00 -4.45
N LYS B 363 8.50 -10.75 -4.65
CA LYS B 363 9.16 -11.26 -5.84
C LYS B 363 9.25 -12.78 -5.81
N TYR B 364 9.51 -13.36 -4.63
CA TYR B 364 9.55 -14.82 -4.59
C TYR B 364 8.17 -15.43 -4.73
N LYS B 365 7.13 -14.75 -4.23
CA LYS B 365 5.76 -15.18 -4.50
C LYS B 365 5.50 -15.19 -6.00
N GLN B 366 6.01 -14.18 -6.70
CA GLN B 366 5.85 -14.12 -8.14
C GLN B 366 6.59 -15.27 -8.83
N VAL B 367 7.76 -15.61 -8.32
CA VAL B 367 8.56 -16.67 -8.91
C VAL B 367 7.88 -18.02 -8.75
N GLU B 368 7.36 -18.29 -7.56
CA GLU B 368 6.70 -19.57 -7.36
C GLU B 368 5.34 -19.60 -8.05
N GLN B 369 4.75 -18.43 -8.31
CA GLN B 369 3.59 -18.37 -9.20
C GLN B 369 3.95 -18.81 -10.61
N TYR B 370 5.07 -18.31 -11.13
CA TYR B 370 5.55 -18.74 -12.44
C TYR B 370 5.93 -20.22 -12.45
N MET B 371 6.48 -20.71 -11.34
CA MET B 371 6.82 -22.12 -11.22
C MET B 371 5.56 -22.97 -11.27
N SER B 372 4.50 -22.49 -10.64
CA SER B 372 3.24 -23.25 -10.65
C SER B 372 2.58 -23.20 -12.02
N PHE B 373 2.81 -22.12 -12.78
CA PHE B 373 2.12 -21.98 -14.06
C PHE B 373 2.58 -23.01 -15.07
N HIS B 374 3.86 -23.39 -15.03
CA HIS B 374 4.34 -24.39 -15.98
C HIS B 374 4.43 -25.77 -15.37
N LYS B 375 3.97 -25.94 -14.13
CA LYS B 375 3.84 -27.24 -13.47
C LYS B 375 5.20 -27.92 -13.32
N LEU B 376 6.17 -27.17 -12.81
CA LEU B 376 7.53 -27.64 -12.74
C LEU B 376 7.68 -28.72 -11.67
N PRO B 377 8.66 -29.61 -11.82
CA PRO B 377 8.90 -30.61 -10.78
C PRO B 377 9.45 -30.00 -9.50
N ALA B 378 9.49 -30.83 -8.47
CA ALA B 378 9.84 -30.34 -7.14
C ALA B 378 11.34 -30.05 -7.03
N ASP B 379 12.17 -30.94 -7.58
CA ASP B 379 13.62 -30.78 -7.47
C ASP B 379 14.09 -29.56 -8.25
N THR B 380 13.48 -29.30 -9.40
CA THR B 380 13.77 -28.08 -10.14
C THR B 380 13.35 -26.86 -9.34
N ARG B 381 12.19 -26.94 -8.67
CA ARG B 381 11.68 -25.82 -7.90
C ARG B 381 12.60 -25.49 -6.73
N GLN B 382 13.10 -26.51 -6.05
CA GLN B 382 14.02 -26.23 -4.95
C GLN B 382 15.39 -25.82 -5.46
N ARG B 383 15.75 -26.25 -6.67
CA ARG B 383 17.00 -25.77 -7.26
C ARG B 383 16.91 -24.27 -7.56
N ILE B 384 15.76 -23.82 -8.05
CA ILE B 384 15.52 -22.39 -8.24
C ILE B 384 15.54 -21.66 -6.91
N HIS B 385 14.97 -22.27 -5.89
CA HIS B 385 14.92 -21.66 -4.57
C HIS B 385 16.32 -21.51 -3.98
N GLU B 386 17.16 -22.52 -4.16
CA GLU B 386 18.55 -22.43 -3.71
C GLU B 386 19.32 -21.39 -4.51
N TYR B 387 18.99 -21.25 -5.79
CA TYR B 387 19.65 -20.23 -6.61
C TYR B 387 19.34 -18.83 -6.10
N TYR B 388 18.08 -18.58 -5.74
CA TYR B 388 17.75 -17.26 -5.23
C TYR B 388 18.32 -17.01 -3.85
N GLU B 389 18.37 -18.06 -3.02
CA GLU B 389 18.95 -17.89 -1.69
C GLU B 389 20.43 -17.61 -1.76
N HIS B 390 21.12 -18.17 -2.74
CA HIS B 390 22.54 -17.89 -2.83
C HIS B 390 22.86 -16.79 -3.82
N ARG B 391 21.85 -16.20 -4.46
CA ARG B 391 22.05 -15.04 -5.30
C ARG B 391 21.73 -13.74 -4.59
N TYR B 392 20.53 -13.60 -4.04
CA TYR B 392 20.11 -12.32 -3.51
C TYR B 392 20.19 -12.19 -2.01
N GLN B 393 20.15 -13.31 -1.27
CA GLN B 393 20.25 -13.35 0.19
C GLN B 393 19.16 -12.51 0.85
N GLY B 394 17.95 -12.61 0.31
CA GLY B 394 16.82 -11.92 0.90
C GLY B 394 16.76 -10.44 0.59
N LYS B 395 17.56 -9.96 -0.36
CA LYS B 395 17.67 -8.54 -0.63
C LYS B 395 17.16 -8.26 -2.04
N MET B 396 16.13 -7.43 -2.14
CA MET B 396 15.47 -7.18 -3.42
C MET B 396 15.97 -5.87 -4.00
N PHE B 397 17.19 -5.88 -4.53
CA PHE B 397 17.81 -4.69 -5.08
C PHE B 397 17.97 -4.80 -6.58
N ASP B 398 17.94 -3.66 -7.26
CA ASP B 398 18.10 -3.58 -8.71
C ASP B 398 19.50 -3.06 -9.01
N GLU B 399 20.41 -3.98 -9.36
CA GLU B 399 21.81 -3.60 -9.55
C GLU B 399 21.99 -2.77 -10.80
N GLU B 400 21.07 -2.87 -11.76
CA GLU B 400 21.19 -2.09 -12.98
C GLU B 400 20.88 -0.63 -12.73
N SER B 401 19.76 -0.34 -12.06
CA SER B 401 19.29 1.04 -11.94
C SER B 401 20.14 1.82 -10.95
N ILE B 402 20.66 1.15 -9.93
CA ILE B 402 21.48 1.84 -8.94
C ILE B 402 22.81 2.24 -9.54
N LEU B 403 23.41 1.35 -10.33
CA LEU B 403 24.64 1.71 -11.03
C LEU B 403 24.36 2.71 -12.13
N GLY B 404 23.13 2.72 -12.65
CA GLY B 404 22.79 3.70 -13.67
C GLY B 404 22.63 5.09 -13.10
N GLU B 405 22.16 5.19 -11.86
CA GLU B 405 21.87 6.50 -11.31
C GLU B 405 23.15 7.21 -10.85
N LEU B 406 24.24 6.47 -10.70
CA LEU B 406 25.47 7.04 -10.20
C LEU B 406 26.26 7.74 -11.29
N SER B 407 27.45 8.21 -10.97
CA SER B 407 28.37 8.77 -11.94
C SER B 407 29.51 7.79 -12.16
N GLU B 408 30.36 8.12 -13.12
CA GLU B 408 31.47 7.24 -13.48
C GLU B 408 32.51 7.01 -12.38
N PRO B 409 33.03 8.03 -11.65
CA PRO B 409 34.04 7.71 -10.63
C PRO B 409 33.50 6.91 -9.46
N LEU B 410 32.22 7.06 -9.15
CA LEU B 410 31.61 6.24 -8.12
C LEU B 410 31.57 4.78 -8.53
N ARG B 411 31.22 4.51 -9.79
CA ARG B 411 31.25 3.15 -10.32
C ARG B 411 32.66 2.59 -10.27
N GLU B 412 33.65 3.41 -10.61
CA GLU B 412 35.03 2.94 -10.60
C GLU B 412 35.49 2.59 -9.19
N GLU B 413 35.11 3.40 -8.21
CA GLU B 413 35.52 3.13 -6.84
C GLU B 413 34.83 1.90 -6.28
N ILE B 414 33.54 1.72 -6.60
CA ILE B 414 32.81 0.54 -6.15
C ILE B 414 33.39 -0.73 -6.75
N ILE B 415 33.69 -0.72 -8.04
CA ILE B 415 34.17 -1.94 -8.68
C ILE B 415 35.61 -2.24 -8.25
N ASN B 416 36.39 -1.21 -7.96
CA ASN B 416 37.71 -1.43 -7.38
C ASN B 416 37.64 -2.09 -6.02
N PHE B 417 36.71 -1.64 -5.18
CA PHE B 417 36.58 -2.26 -3.86
C PHE B 417 35.99 -3.65 -3.95
N THR B 418 35.20 -3.94 -4.97
CA THR B 418 34.67 -5.29 -5.04
C THR B 418 35.63 -6.26 -5.68
N CYS B 419 36.59 -5.79 -6.47
CA CYS B 419 37.44 -6.72 -7.22
C CYS B 419 38.92 -6.51 -7.00
N ARG B 420 39.32 -5.88 -5.88
CA ARG B 420 40.75 -5.80 -5.58
C ARG B 420 41.37 -7.16 -5.32
N GLY B 421 40.57 -8.17 -4.96
CA GLY B 421 41.10 -9.52 -4.88
C GLY B 421 41.51 -10.06 -6.23
N LEU B 422 40.66 -9.85 -7.24
CA LEU B 422 41.01 -10.23 -8.60
C LEU B 422 42.17 -9.40 -9.12
N VAL B 423 42.29 -8.16 -8.63
CA VAL B 423 43.47 -7.36 -8.95
C VAL B 423 44.72 -8.01 -8.36
N ALA B 424 44.65 -8.43 -7.10
CA ALA B 424 45.81 -8.92 -6.39
C ALA B 424 46.29 -10.28 -6.86
N HIS B 425 45.39 -11.20 -7.20
CA HIS B 425 45.83 -12.54 -7.56
C HIS B 425 46.32 -12.62 -9.00
N MET B 426 45.68 -11.89 -9.88
CA MET B 426 46.02 -11.96 -11.29
C MET B 426 47.34 -11.24 -11.56
N PRO B 427 48.30 -11.90 -12.22
CA PRO B 427 49.57 -11.21 -12.51
C PRO B 427 49.44 -10.20 -13.63
N LEU B 428 48.48 -10.38 -14.53
CA LEU B 428 48.32 -9.47 -15.65
C LEU B 428 47.79 -8.12 -15.19
N PHE B 429 47.04 -8.11 -14.09
CA PHE B 429 46.56 -6.85 -13.55
C PHE B 429 47.55 -6.25 -12.56
N ALA B 430 48.54 -7.03 -12.16
CA ALA B 430 49.51 -6.54 -11.18
C ALA B 430 50.47 -5.54 -11.80
N HIS B 431 50.80 -5.73 -13.07
CA HIS B 431 51.86 -4.92 -13.68
C HIS B 431 51.30 -3.78 -14.51
N ALA B 432 50.06 -3.91 -15.00
CA ALA B 432 49.55 -2.97 -15.97
C ALA B 432 49.13 -1.66 -15.30
N ASP B 433 48.77 -0.69 -16.14
CA ASP B 433 48.27 0.60 -15.70
C ASP B 433 46.94 0.44 -15.01
N PRO B 434 46.68 1.17 -13.93
CA PRO B 434 45.38 1.05 -13.26
C PRO B 434 44.25 1.62 -14.09
N SER B 435 44.56 2.50 -15.04
CA SER B 435 43.57 2.93 -16.01
C SER B 435 43.07 1.75 -16.83
N PHE B 436 43.99 0.89 -17.29
CA PHE B 436 43.63 -0.34 -17.98
C PHE B 436 42.84 -1.26 -17.07
N VAL B 437 43.21 -1.31 -15.78
CA VAL B 437 42.56 -2.19 -14.83
C VAL B 437 41.10 -1.78 -14.65
N THR B 438 40.87 -0.48 -14.46
CA THR B 438 39.50 0.00 -14.32
C THR B 438 38.73 -0.14 -15.61
N ALA B 439 39.40 0.04 -16.76
CA ALA B 439 38.72 -0.08 -18.03
C ALA B 439 38.28 -1.52 -18.29
N VAL B 440 39.03 -2.48 -17.76
CA VAL B 440 38.56 -3.86 -17.81
C VAL B 440 37.43 -4.06 -16.82
N LEU B 441 37.60 -3.56 -15.59
CA LEU B 441 36.71 -3.94 -14.50
C LEU B 441 35.32 -3.32 -14.63
N THR B 442 35.21 -2.20 -15.34
CA THR B 442 33.91 -1.57 -15.46
C THR B 442 32.98 -2.33 -16.40
N LYS B 443 33.52 -3.26 -17.18
CA LYS B 443 32.71 -3.97 -18.14
C LYS B 443 32.46 -5.42 -17.77
N LEU B 444 32.55 -5.78 -16.51
CA LEU B 444 32.29 -7.16 -16.12
C LEU B 444 30.82 -7.33 -15.76
N ARG B 445 30.41 -8.59 -15.64
CA ARG B 445 29.07 -8.94 -15.19
C ARG B 445 29.15 -10.05 -14.16
N PHE B 446 28.40 -9.88 -13.08
CA PHE B 446 28.44 -10.81 -11.96
C PHE B 446 27.52 -11.99 -12.21
N GLU B 447 28.05 -13.20 -12.11
CA GLU B 447 27.28 -14.41 -12.37
C GLU B 447 27.52 -15.45 -11.28
N VAL B 448 26.50 -16.26 -11.01
CA VAL B 448 26.49 -17.23 -9.93
C VAL B 448 26.09 -18.58 -10.52
N PHE B 449 26.87 -19.62 -10.25
CA PHE B 449 26.53 -20.95 -10.72
C PHE B 449 26.32 -21.91 -9.56
N GLN B 450 25.55 -22.97 -9.82
CA GLN B 450 25.29 -24.05 -8.89
C GLN B 450 26.22 -25.21 -9.22
N PRO B 451 26.58 -26.03 -8.22
CA PRO B 451 27.55 -27.10 -8.48
C PRO B 451 26.96 -28.21 -9.34
N GLY B 452 27.83 -28.85 -10.11
CA GLY B 452 27.41 -29.81 -11.10
C GLY B 452 27.14 -29.20 -12.46
N ASP B 453 26.94 -27.89 -12.53
CA ASP B 453 26.65 -27.25 -13.81
C ASP B 453 27.91 -27.15 -14.66
N LEU B 454 27.72 -27.22 -15.96
CA LEU B 454 28.81 -27.08 -16.91
C LEU B 454 28.77 -25.67 -17.45
N VAL B 455 29.79 -24.88 -17.13
CA VAL B 455 29.81 -23.49 -17.59
C VAL B 455 30.11 -23.44 -19.08
N VAL B 456 31.18 -24.08 -19.50
CA VAL B 456 31.53 -24.15 -20.90
C VAL B 456 31.62 -25.61 -21.31
N ARG B 457 30.86 -25.98 -22.34
CA ARG B 457 30.89 -27.31 -22.92
C ARG B 457 31.76 -27.29 -24.17
N GLU B 458 32.42 -28.41 -24.43
CA GLU B 458 33.38 -28.49 -25.52
C GLU B 458 32.68 -28.38 -26.87
N GLY B 459 33.33 -27.70 -27.81
CA GLY B 459 32.73 -27.48 -29.11
C GLY B 459 31.56 -26.52 -29.02
N SER B 460 31.76 -25.40 -28.36
CA SER B 460 30.76 -24.36 -28.29
C SER B 460 31.04 -23.36 -29.40
N VAL B 461 30.30 -22.25 -29.38
CA VAL B 461 30.56 -21.21 -30.36
C VAL B 461 31.70 -20.31 -29.89
N GLY B 462 31.83 -20.11 -28.58
CA GLY B 462 32.85 -19.24 -28.04
C GLY B 462 32.36 -17.82 -27.92
N ARG B 463 32.18 -17.35 -26.70
CA ARG B 463 31.45 -16.11 -26.53
C ARG B 463 32.06 -15.15 -25.50
N LYS B 464 32.72 -15.68 -24.47
CA LYS B 464 32.93 -14.92 -23.24
C LYS B 464 34.12 -15.47 -22.48
N MET B 465 34.68 -14.64 -21.61
CA MET B 465 35.75 -15.00 -20.69
C MET B 465 35.20 -14.96 -19.27
N TYR B 466 35.80 -15.72 -18.37
CA TYR B 466 35.34 -15.75 -16.99
C TYR B 466 36.49 -15.49 -16.04
N PHE B 467 36.18 -14.82 -14.93
CA PHE B 467 37.09 -14.65 -13.82
C PHE B 467 36.43 -15.18 -12.56
N ILE B 468 37.23 -15.59 -11.59
CA ILE B 468 36.74 -16.42 -10.50
C ILE B 468 36.85 -15.65 -9.19
N GLN B 469 35.70 -15.29 -8.63
CA GLN B 469 35.69 -14.62 -7.35
C GLN B 469 35.85 -15.61 -6.21
N HIS B 470 34.95 -16.59 -6.11
CA HIS B 470 35.01 -17.56 -5.04
C HIS B 470 34.91 -18.96 -5.62
N GLY B 471 35.00 -19.95 -4.73
CA GLY B 471 34.80 -21.32 -5.10
C GLY B 471 35.98 -21.88 -5.88
N LEU B 472 35.86 -23.16 -6.19
CA LEU B 472 36.83 -23.84 -7.04
C LEU B 472 36.09 -24.53 -8.17
N LEU B 473 36.78 -24.66 -9.29
CA LEU B 473 36.21 -25.20 -10.51
C LEU B 473 37.07 -26.33 -11.02
N SER B 474 36.42 -27.32 -11.63
CA SER B 474 37.09 -28.49 -12.15
C SER B 474 36.93 -28.55 -13.66
N VAL B 475 38.05 -28.59 -14.35
CA VAL B 475 38.09 -28.88 -15.78
C VAL B 475 38.60 -30.30 -15.92
N LEU B 476 37.94 -31.13 -16.74
CA LEU B 476 38.30 -32.54 -16.72
C LEU B 476 39.54 -32.76 -17.58
N THR B 483 43.51 -31.17 -13.19
CA THR B 483 43.50 -29.81 -13.78
C THR B 483 42.58 -28.84 -13.06
N ARG B 484 42.46 -28.98 -11.74
CA ARG B 484 41.51 -28.18 -10.99
C ARG B 484 42.09 -26.81 -10.68
N LEU B 485 41.21 -25.84 -10.43
CA LEU B 485 41.60 -24.48 -10.13
C LEU B 485 40.63 -23.83 -9.17
N THR B 486 41.15 -23.08 -8.21
CA THR B 486 40.39 -22.45 -7.15
C THR B 486 40.16 -20.97 -7.46
N ASP B 487 39.72 -20.23 -6.45
CA ASP B 487 39.40 -18.81 -6.58
C ASP B 487 40.65 -18.00 -6.93
N GLY B 488 40.43 -16.87 -7.56
CA GLY B 488 41.53 -16.08 -8.07
C GLY B 488 42.03 -16.50 -9.43
N SER B 489 41.45 -17.54 -10.01
CA SER B 489 41.87 -17.99 -11.32
C SER B 489 40.96 -17.41 -12.40
N TYR B 490 41.15 -17.89 -13.62
CA TYR B 490 40.46 -17.34 -14.78
C TYR B 490 40.48 -18.37 -15.89
N PHE B 491 39.50 -18.29 -16.79
CA PHE B 491 39.43 -19.17 -17.95
C PHE B 491 38.54 -18.52 -19.00
N GLY B 492 38.35 -19.23 -20.09
CA GLY B 492 37.67 -18.65 -21.23
C GLY B 492 38.54 -17.77 -22.09
N GLU B 493 39.86 -17.95 -22.04
CA GLU B 493 40.77 -17.00 -22.65
C GLU B 493 40.91 -17.21 -24.14
N ILE B 494 41.40 -18.38 -24.55
CA ILE B 494 41.97 -18.53 -25.88
C ILE B 494 40.89 -18.62 -26.94
N CYS B 495 39.65 -18.90 -26.53
CA CYS B 495 38.60 -19.07 -27.51
C CYS B 495 38.14 -17.72 -28.05
N LEU B 496 38.42 -16.65 -27.31
CA LEU B 496 38.13 -15.32 -27.82
C LEU B 496 39.14 -14.92 -28.88
N LEU B 497 40.40 -15.30 -28.68
CA LEU B 497 41.44 -14.93 -29.64
C LEU B 497 41.37 -15.80 -30.88
N THR B 498 41.26 -17.11 -30.68
CA THR B 498 41.28 -18.03 -31.82
C THR B 498 39.97 -18.02 -32.58
N ARG B 499 38.90 -17.51 -31.95
CA ARG B 499 37.54 -17.45 -32.48
C ARG B 499 37.00 -18.83 -32.86
N GLY B 500 37.48 -19.87 -32.19
CA GLY B 500 37.12 -21.22 -32.58
C GLY B 500 36.07 -21.82 -31.67
N ARG B 501 36.15 -23.12 -31.47
CA ARG B 501 35.22 -23.78 -30.56
C ARG B 501 35.88 -23.96 -29.20
N ARG B 502 35.15 -24.57 -28.28
CA ARG B 502 35.63 -24.72 -26.92
C ARG B 502 36.47 -25.98 -26.81
N THR B 503 37.65 -25.85 -26.22
CA THR B 503 38.57 -26.98 -26.15
C THR B 503 38.17 -27.93 -25.04
N ALA B 504 38.15 -27.45 -23.81
CA ALA B 504 37.89 -28.33 -22.68
C ALA B 504 36.59 -27.91 -22.01
N SER B 505 36.11 -28.76 -21.12
CA SER B 505 34.83 -28.57 -20.46
C SER B 505 35.04 -28.25 -19.00
N VAL B 506 34.28 -27.27 -18.51
CA VAL B 506 34.45 -26.74 -17.16
C VAL B 506 33.22 -27.08 -16.35
N ARG B 507 33.42 -27.67 -15.18
CA ARG B 507 32.33 -28.00 -14.27
C ARG B 507 32.34 -27.06 -13.08
N ALA B 508 31.23 -27.05 -12.35
CA ALA B 508 31.11 -26.31 -11.12
C ALA B 508 31.17 -27.30 -9.95
N ASP B 509 32.07 -27.03 -9.01
CA ASP B 509 32.25 -27.96 -7.89
C ASP B 509 31.42 -27.52 -6.69
N THR B 510 31.31 -26.21 -6.48
CA THR B 510 30.53 -25.64 -5.40
C THR B 510 29.71 -24.50 -5.96
N TYR B 511 29.14 -23.71 -5.07
CA TYR B 511 28.71 -22.38 -5.42
C TYR B 511 29.92 -21.53 -5.79
N CYS B 512 29.91 -20.99 -6.99
CA CYS B 512 31.06 -20.28 -7.51
C CYS B 512 30.63 -18.95 -8.11
N ARG B 513 31.08 -17.85 -7.52
CA ARG B 513 30.78 -16.53 -8.02
C ARG B 513 31.77 -16.18 -9.11
N LEU B 514 31.26 -15.78 -10.27
CA LEU B 514 32.11 -15.52 -11.42
C LEU B 514 31.80 -14.16 -11.99
N TYR B 515 32.83 -13.52 -12.52
CA TYR B 515 32.67 -12.33 -13.33
C TYR B 515 32.97 -12.66 -14.78
N SER B 516 32.10 -12.20 -15.66
CA SER B 516 32.13 -12.56 -17.06
C SER B 516 32.48 -11.34 -17.91
N LEU B 517 33.11 -11.59 -19.04
CA LEU B 517 33.56 -10.53 -19.93
C LEU B 517 33.12 -10.83 -21.35
N SER B 518 32.45 -9.86 -21.98
CA SER B 518 31.96 -10.04 -23.34
C SER B 518 33.05 -9.75 -24.35
N VAL B 519 32.95 -10.41 -25.51
CA VAL B 519 34.03 -10.36 -26.50
C VAL B 519 34.08 -9.01 -27.20
N ASP B 520 32.94 -8.34 -27.36
CA ASP B 520 32.93 -7.04 -28.01
C ASP B 520 33.56 -5.99 -27.11
N HIS B 521 33.23 -6.03 -25.82
CA HIS B 521 33.90 -5.19 -24.84
C HIS B 521 35.38 -5.51 -24.77
N PHE B 522 35.72 -6.80 -24.92
CA PHE B 522 37.12 -7.22 -24.87
C PHE B 522 37.90 -6.64 -26.03
N ASN B 523 37.35 -6.69 -27.23
CA ASN B 523 38.02 -6.11 -28.39
C ASN B 523 38.06 -4.59 -28.31
N ALA B 524 37.07 -3.97 -27.69
CA ALA B 524 37.11 -2.52 -27.50
C ALA B 524 38.23 -2.12 -26.55
N VAL B 525 38.42 -2.89 -25.48
CA VAL B 525 39.51 -2.60 -24.54
C VAL B 525 40.87 -2.86 -25.19
N LEU B 526 40.94 -3.88 -26.05
CA LEU B 526 42.18 -4.10 -26.80
C LEU B 526 42.45 -2.98 -27.79
N GLU B 527 41.40 -2.41 -28.36
CA GLU B 527 41.56 -1.23 -29.20
C GLU B 527 42.04 -0.04 -28.39
N GLU B 528 41.64 0.04 -27.12
CA GLU B 528 42.11 1.13 -26.29
C GLU B 528 43.55 0.90 -25.80
N PHE B 529 43.98 -0.36 -25.75
CA PHE B 529 45.29 -0.69 -25.18
C PHE B 529 45.96 -1.78 -26.00
N PRO B 530 46.99 -1.43 -26.78
CA PRO B 530 47.57 -2.42 -27.69
C PRO B 530 48.58 -3.36 -27.05
N MET B 531 49.20 -2.99 -25.93
CA MET B 531 50.28 -3.83 -25.40
C MET B 531 49.72 -5.03 -24.65
N MET B 532 48.57 -4.85 -24.00
CA MET B 532 47.96 -5.96 -23.31
C MET B 532 47.38 -6.99 -24.28
N ARG B 533 47.16 -6.61 -25.55
CA ARG B 533 46.88 -7.59 -26.59
C ARG B 533 48.00 -8.60 -26.70
N ARG B 534 49.23 -8.12 -26.76
CA ARG B 534 50.38 -9.02 -26.81
C ARG B 534 50.53 -9.79 -25.51
N ALA B 535 50.17 -9.17 -24.39
CA ALA B 535 50.19 -9.88 -23.11
C ALA B 535 49.22 -11.06 -23.09
N PHE B 536 48.00 -10.84 -23.59
CA PHE B 536 47.02 -11.92 -23.68
C PHE B 536 47.45 -12.97 -24.68
N GLU B 537 48.13 -12.56 -25.75
CA GLU B 537 48.59 -13.54 -26.74
C GLU B 537 49.67 -14.44 -26.15
N THR B 538 50.58 -13.85 -25.36
CA THR B 538 51.61 -14.64 -24.70
C THR B 538 51.01 -15.59 -23.67
N VAL B 539 50.04 -15.12 -22.88
CA VAL B 539 49.49 -16.00 -21.86
C VAL B 539 48.56 -17.03 -22.49
N ALA B 540 48.03 -16.75 -23.68
CA ALA B 540 47.23 -17.74 -24.38
C ALA B 540 48.10 -18.82 -24.99
N MET B 541 49.28 -18.45 -25.47
CA MET B 541 50.23 -19.46 -25.94
C MET B 541 50.73 -20.31 -24.78
N ASP B 542 50.92 -19.70 -23.61
CA ASP B 542 51.29 -20.46 -22.42
C ASP B 542 50.18 -21.41 -22.01
N ARG B 543 48.93 -20.98 -22.17
CA ARG B 543 47.79 -21.82 -21.85
C ARG B 543 47.69 -22.99 -22.83
N LEU B 544 48.00 -22.73 -24.11
CA LEU B 544 48.07 -23.80 -25.09
C LEU B 544 49.17 -24.80 -24.77
N LEU B 545 50.30 -24.30 -24.24
CA LEU B 545 51.34 -25.20 -23.77
C LEU B 545 50.86 -26.02 -22.59
N ARG B 546 50.00 -25.44 -21.76
CA ARG B 546 49.35 -26.21 -20.70
C ARG B 546 48.22 -27.07 -21.26
N GLY C 50 -23.26 -43.45 -14.38
CA GLY C 50 -22.03 -44.05 -13.89
C GLY C 50 -20.81 -43.19 -14.12
N THR C 51 -20.97 -42.16 -14.95
CA THR C 51 -19.88 -41.25 -15.25
C THR C 51 -19.79 -40.07 -14.29
N LEU C 52 -20.64 -40.05 -13.26
CA LEU C 52 -20.66 -38.92 -12.34
C LEU C 52 -19.45 -38.88 -11.43
N LEU C 53 -18.71 -39.98 -11.31
CA LEU C 53 -17.46 -39.95 -10.57
C LEU C 53 -16.34 -39.32 -11.37
N GLN C 54 -16.49 -39.19 -12.65
CA GLN C 54 -15.45 -38.62 -13.49
C GLN C 54 -15.67 -37.13 -13.66
N PRO C 55 -14.59 -36.35 -13.74
CA PRO C 55 -14.75 -34.91 -13.97
C PRO C 55 -15.18 -34.61 -15.39
N THR C 56 -16.30 -33.90 -15.51
CA THR C 56 -16.89 -33.63 -16.80
C THR C 56 -16.15 -32.49 -17.48
N VAL C 57 -16.50 -32.20 -18.73
CA VAL C 57 -15.84 -31.19 -19.53
C VAL C 57 -16.51 -29.86 -19.23
N ASN C 58 -15.84 -29.03 -18.43
CA ASN C 58 -16.39 -27.74 -18.05
C ASN C 58 -15.34 -26.64 -18.16
N LYS C 59 -15.73 -25.42 -17.79
CA LYS C 59 -14.83 -24.29 -17.93
C LYS C 59 -13.68 -24.36 -16.94
N PHE C 60 -13.96 -24.73 -15.69
CA PHE C 60 -12.89 -24.98 -14.73
C PHE C 60 -12.07 -26.18 -15.15
N SER C 61 -12.71 -27.18 -15.75
CA SER C 61 -12.00 -28.36 -16.23
C SER C 61 -11.05 -28.01 -17.35
N LEU C 62 -11.47 -27.13 -18.26
CA LEU C 62 -10.58 -26.69 -19.33
C LEU C 62 -9.47 -25.80 -18.78
N ARG C 63 -9.76 -24.94 -17.81
CA ARG C 63 -8.73 -24.03 -17.33
C ARG C 63 -7.74 -24.74 -16.40
N VAL C 64 -8.09 -25.90 -15.86
CA VAL C 64 -7.14 -26.64 -15.04
C VAL C 64 -6.40 -27.67 -15.89
N PHE C 65 -7.14 -28.56 -16.55
CA PHE C 65 -6.51 -29.66 -17.27
C PHE C 65 -5.86 -29.17 -18.56
N GLY C 66 -6.52 -28.31 -19.30
CA GLY C 66 -5.98 -27.85 -20.57
C GLY C 66 -6.93 -28.05 -21.72
N SER C 67 -6.57 -28.91 -22.67
CA SER C 67 -7.43 -29.20 -23.80
C SER C 67 -8.43 -30.28 -23.43
N HIS C 68 -9.23 -30.71 -24.40
CA HIS C 68 -10.15 -31.82 -24.17
C HIS C 68 -9.40 -33.13 -24.01
N LYS C 69 -8.23 -33.25 -24.63
CA LYS C 69 -7.44 -34.46 -24.53
C LYS C 69 -6.91 -34.66 -23.12
N ALA C 70 -6.52 -33.59 -22.44
CA ALA C 70 -6.06 -33.71 -21.06
C ALA C 70 -7.22 -34.09 -20.14
N VAL C 71 -8.42 -33.61 -20.45
CA VAL C 71 -9.61 -34.00 -19.70
C VAL C 71 -9.89 -35.49 -19.92
N GLU C 72 -9.68 -35.98 -21.14
CA GLU C 72 -9.85 -37.40 -21.40
C GLU C 72 -8.79 -38.24 -20.71
N ILE C 73 -7.58 -37.70 -20.59
CA ILE C 73 -6.52 -38.39 -19.85
C ILE C 73 -6.87 -38.48 -18.37
N GLU C 74 -7.40 -37.39 -17.81
CA GLU C 74 -7.84 -37.41 -16.41
C GLU C 74 -9.02 -38.37 -16.22
N GLN C 75 -9.93 -38.43 -17.19
CA GLN C 75 -11.05 -39.35 -17.11
C GLN C 75 -10.59 -40.80 -17.20
N GLU C 76 -9.57 -41.07 -18.00
CA GLU C 76 -9.00 -42.40 -18.06
C GLU C 76 -8.24 -42.74 -16.78
N ARG C 77 -7.60 -41.76 -16.17
CA ARG C 77 -6.92 -41.98 -14.89
C ARG C 77 -7.92 -42.28 -13.80
N VAL C 78 -9.10 -41.68 -13.86
CA VAL C 78 -10.18 -42.04 -12.94
C VAL C 78 -10.68 -43.45 -13.26
N LYS C 79 -10.87 -43.76 -14.54
CA LYS C 79 -11.36 -45.05 -14.98
C LYS C 79 -10.30 -46.14 -14.91
N SER C 80 -9.11 -45.85 -14.39
CA SER C 80 -8.14 -46.90 -14.05
C SER C 80 -8.75 -47.89 -13.07
N ALA C 81 -9.35 -47.40 -12.00
CA ALA C 81 -10.20 -48.22 -11.16
C ALA C 81 -11.67 -47.94 -11.49
N GLY C 82 -12.56 -48.74 -10.93
CA GLY C 82 -13.97 -48.60 -11.26
C GLY C 82 -14.89 -48.68 -10.07
N ALA C 83 -15.69 -47.62 -9.84
CA ALA C 83 -16.59 -47.46 -8.69
C ALA C 83 -15.86 -47.58 -7.36
N TRP C 84 -14.58 -47.20 -7.34
CA TRP C 84 -13.81 -47.13 -6.10
C TRP C 84 -13.20 -45.77 -5.86
N ILE C 85 -13.21 -44.86 -6.84
CA ILE C 85 -12.53 -43.59 -6.74
C ILE C 85 -13.52 -42.48 -7.08
N ILE C 86 -13.56 -41.44 -6.24
CA ILE C 86 -14.34 -40.24 -6.51
C ILE C 86 -13.36 -39.13 -6.83
N HIS C 87 -13.41 -38.63 -8.06
CA HIS C 87 -12.53 -37.54 -8.45
C HIS C 87 -13.01 -36.26 -7.78
N PRO C 88 -12.08 -35.45 -7.25
CA PRO C 88 -12.49 -34.32 -6.41
C PRO C 88 -13.08 -33.16 -7.18
N TYR C 89 -13.09 -33.20 -8.50
CA TYR C 89 -13.74 -32.18 -9.30
C TYR C 89 -15.01 -32.67 -9.94
N SER C 90 -15.42 -33.89 -9.66
CA SER C 90 -16.58 -34.48 -10.28
C SER C 90 -17.86 -33.85 -9.72
N ASP C 91 -18.95 -34.04 -10.47
CA ASP C 91 -20.23 -33.44 -10.07
C ASP C 91 -20.85 -34.15 -8.87
N PHE C 92 -20.37 -35.35 -8.55
CA PHE C 92 -20.88 -36.03 -7.36
C PHE C 92 -20.42 -35.34 -6.09
N ARG C 93 -19.18 -34.85 -6.08
CA ARG C 93 -18.69 -34.11 -4.92
C ARG C 93 -19.41 -32.77 -4.78
N PHE C 94 -19.74 -32.13 -5.91
CA PHE C 94 -20.63 -30.98 -5.90
C PHE C 94 -21.98 -31.30 -5.27
N TYR C 95 -22.64 -32.32 -5.81
CA TYR C 95 -23.97 -32.72 -5.39
C TYR C 95 -24.01 -33.18 -3.94
N TRP C 96 -22.88 -33.62 -3.40
CA TRP C 96 -22.78 -34.00 -2.00
C TRP C 96 -22.46 -32.83 -1.09
N ASP C 97 -21.49 -32.00 -1.47
CA ASP C 97 -21.07 -30.89 -0.63
C ASP C 97 -22.15 -29.82 -0.52
N LEU C 98 -22.99 -29.66 -1.53
CA LEU C 98 -24.08 -28.69 -1.42
C LEU C 98 -25.07 -29.11 -0.35
N ILE C 99 -25.25 -30.41 -0.17
CA ILE C 99 -26.09 -30.90 0.92
C ILE C 99 -25.37 -30.74 2.26
N MET C 100 -24.09 -31.11 2.29
CA MET C 100 -23.39 -31.20 3.56
C MET C 100 -23.13 -29.82 4.16
N LEU C 101 -22.95 -28.79 3.33
CA LEU C 101 -22.77 -27.45 3.88
C LEU C 101 -24.04 -26.95 4.55
N LEU C 102 -25.20 -27.21 3.94
CA LEU C 102 -26.44 -26.79 4.55
C LEU C 102 -26.73 -27.55 5.83
N LEU C 103 -26.42 -28.85 5.85
CA LEU C 103 -26.60 -29.62 7.08
C LEU C 103 -25.66 -29.15 8.18
N MET C 104 -24.42 -28.81 7.82
CA MET C 104 -23.46 -28.37 8.82
C MET C 104 -23.85 -27.02 9.39
N VAL C 105 -24.35 -26.11 8.55
CA VAL C 105 -24.78 -24.81 9.04
C VAL C 105 -26.00 -24.96 9.94
N GLY C 106 -26.93 -25.84 9.55
CA GLY C 106 -28.10 -26.08 10.38
C GLY C 106 -27.75 -26.65 11.74
N ASN C 107 -26.79 -27.58 11.78
CA ASN C 107 -26.40 -28.14 13.07
C ASN C 107 -25.65 -27.11 13.91
N LEU C 108 -24.70 -26.40 13.32
CA LEU C 108 -23.92 -25.43 14.08
C LEU C 108 -24.73 -24.25 14.56
N ILE C 109 -25.90 -23.99 13.98
CA ILE C 109 -26.81 -23.02 14.57
C ILE C 109 -27.71 -23.65 15.61
N VAL C 110 -28.32 -24.80 15.32
CA VAL C 110 -29.42 -25.26 16.17
C VAL C 110 -28.92 -25.93 17.44
N LEU C 111 -27.86 -26.75 17.34
CA LEU C 111 -27.46 -27.63 18.45
C LEU C 111 -27.16 -26.97 19.79
N PRO C 112 -26.47 -25.82 19.90
CA PRO C 112 -26.27 -25.26 21.25
C PRO C 112 -27.52 -24.72 21.86
N VAL C 113 -28.41 -24.14 21.04
CA VAL C 113 -29.67 -23.64 21.54
C VAL C 113 -30.52 -24.80 22.05
N GLY C 114 -30.44 -25.94 21.38
CA GLY C 114 -31.13 -27.11 21.86
C GLY C 114 -30.53 -27.70 23.11
N ILE C 115 -29.21 -27.61 23.27
CA ILE C 115 -28.60 -28.17 24.46
C ILE C 115 -28.85 -27.31 25.68
N THR C 116 -28.56 -26.01 25.57
CA THR C 116 -28.50 -25.18 26.76
C THR C 116 -29.87 -24.76 27.26
N PHE C 117 -30.75 -24.31 26.38
CA PHE C 117 -31.95 -23.65 26.86
C PHE C 117 -33.08 -24.62 27.18
N PHE C 118 -33.22 -25.69 26.42
CA PHE C 118 -34.31 -26.61 26.68
C PHE C 118 -33.99 -27.49 27.88
N LYS C 119 -35.02 -27.79 28.67
CA LYS C 119 -34.86 -28.60 29.87
C LYS C 119 -34.98 -30.09 29.55
N GLU C 120 -36.13 -30.50 29.03
CA GLU C 120 -36.36 -31.90 28.70
C GLU C 120 -35.73 -32.19 27.36
N GLU C 121 -34.59 -32.89 27.38
CA GLU C 121 -33.85 -33.23 26.17
C GLU C 121 -34.33 -34.52 25.52
N ASN C 122 -35.45 -35.07 25.99
CA ASN C 122 -35.96 -36.33 25.45
C ASN C 122 -37.14 -36.13 24.52
N SER C 123 -37.26 -34.97 23.89
CA SER C 123 -38.34 -34.78 22.93
C SER C 123 -38.03 -35.59 21.67
N PRO C 124 -39.05 -36.16 21.02
CA PRO C 124 -38.82 -37.00 19.84
C PRO C 124 -38.18 -36.30 18.64
N PRO C 125 -38.61 -35.09 18.19
CA PRO C 125 -38.01 -34.59 16.93
C PRO C 125 -36.57 -34.17 17.10
N TRP C 126 -36.17 -33.83 18.33
CA TRP C 126 -34.77 -33.59 18.62
C TRP C 126 -33.94 -34.86 18.43
N ILE C 127 -34.48 -36.00 18.85
CA ILE C 127 -33.77 -37.27 18.70
C ILE C 127 -33.71 -37.68 17.24
N VAL C 128 -34.79 -37.41 16.50
CA VAL C 128 -34.82 -37.70 15.07
C VAL C 128 -33.79 -36.85 14.33
N PHE C 129 -33.70 -35.57 14.71
CA PHE C 129 -32.77 -34.65 14.09
C PHE C 129 -31.32 -35.05 14.37
N ASN C 130 -31.05 -35.49 15.61
CA ASN C 130 -29.71 -35.94 15.94
C ASN C 130 -29.33 -37.22 15.21
N VAL C 131 -30.30 -38.14 15.05
CA VAL C 131 -30.03 -39.39 14.36
C VAL C 131 -29.76 -39.14 12.88
N LEU C 132 -30.52 -38.24 12.26
CA LEU C 132 -30.29 -37.87 10.87
C LEU C 132 -28.93 -37.21 10.68
N SER C 133 -28.57 -36.29 11.60
CA SER C 133 -27.28 -35.62 11.52
C SER C 133 -26.13 -36.61 11.65
N ASP C 134 -26.22 -37.53 12.60
CA ASP C 134 -25.17 -38.54 12.76
C ASP C 134 -25.09 -39.45 11.55
N THR C 135 -26.23 -39.75 10.93
CA THR C 135 -26.26 -40.60 9.75
C THR C 135 -25.53 -39.95 8.58
N PHE C 136 -25.89 -38.70 8.26
CA PHE C 136 -25.26 -38.04 7.12
C PHE C 136 -23.79 -37.74 7.39
N PHE C 137 -23.45 -37.33 8.61
CA PHE C 137 -22.04 -37.05 8.86
C PHE C 137 -21.20 -38.31 9.03
N LEU C 138 -21.82 -39.49 9.17
CA LEU C 138 -21.02 -40.70 9.08
C LEU C 138 -20.86 -41.16 7.64
N LEU C 139 -21.94 -41.03 6.85
CA LEU C 139 -21.86 -41.33 5.42
C LEU C 139 -20.90 -40.41 4.70
N ASP C 140 -20.72 -39.19 5.21
CA ASP C 140 -19.75 -38.29 4.60
C ASP C 140 -18.34 -38.82 4.76
N LEU C 141 -18.01 -39.37 5.93
CA LEU C 141 -16.69 -39.95 6.13
C LEU C 141 -16.49 -41.21 5.27
N VAL C 142 -17.56 -42.00 5.15
CA VAL C 142 -17.51 -43.19 4.29
C VAL C 142 -17.24 -42.81 2.84
N LEU C 143 -17.93 -41.77 2.35
CA LEU C 143 -17.68 -41.31 0.99
C LEU C 143 -16.35 -40.58 0.88
N ASN C 144 -15.84 -40.06 2.00
CA ASN C 144 -14.51 -39.44 1.99
C ASN C 144 -13.43 -40.46 1.74
N PHE C 145 -13.64 -41.69 2.22
CA PHE C 145 -12.65 -42.76 2.06
C PHE C 145 -12.32 -43.05 0.60
N ARG C 146 -13.29 -42.92 -0.30
CA ARG C 146 -13.04 -43.22 -1.70
C ARG C 146 -12.70 -41.96 -2.48
N THR C 147 -12.70 -40.80 -1.83
CA THR C 147 -12.59 -39.55 -2.55
C THR C 147 -11.14 -39.24 -2.93
N GLY C 148 -10.98 -38.32 -3.89
CA GLY C 148 -9.66 -37.89 -4.30
C GLY C 148 -9.19 -36.68 -3.53
N ILE C 149 -7.89 -36.44 -3.60
CA ILE C 149 -7.23 -35.41 -2.80
C ILE C 149 -6.37 -34.54 -3.72
N VAL C 150 -6.60 -33.23 -3.68
CA VAL C 150 -5.83 -32.28 -4.46
C VAL C 150 -4.66 -31.80 -3.62
N VAL C 151 -3.47 -31.76 -4.22
CA VAL C 151 -2.29 -31.24 -3.57
C VAL C 151 -1.65 -30.16 -4.43
N GLU C 156 -3.35 -34.31 -8.72
CA GLU C 156 -4.43 -34.89 -7.92
C GLU C 156 -4.15 -36.34 -7.62
N ILE C 157 -3.86 -36.63 -6.35
CA ILE C 157 -3.50 -37.98 -5.92
C ILE C 157 -4.77 -38.82 -5.89
N LEU C 158 -4.98 -39.60 -6.94
CA LEU C 158 -6.16 -40.44 -7.05
C LEU C 158 -5.88 -41.89 -6.68
N LEU C 159 -4.72 -42.18 -6.09
CA LEU C 159 -4.36 -43.54 -5.68
C LEU C 159 -5.19 -43.91 -4.46
N ALA C 160 -6.15 -44.82 -4.66
CA ALA C 160 -7.15 -45.07 -3.61
C ALA C 160 -6.60 -45.86 -2.41
N PRO C 161 -6.02 -47.06 -2.56
CA PRO C 161 -5.75 -47.85 -1.35
C PRO C 161 -4.57 -47.36 -0.53
N ARG C 162 -3.71 -46.53 -1.09
CA ARG C 162 -2.49 -46.12 -0.39
C ARG C 162 -2.51 -44.66 0.04
N ALA C 163 -2.72 -43.74 -0.90
CA ALA C 163 -2.59 -42.33 -0.59
C ALA C 163 -3.76 -41.82 0.26
N ILE C 164 -4.96 -42.33 -0.01
CA ILE C 164 -6.15 -41.83 0.66
C ILE C 164 -6.15 -42.23 2.13
N ARG C 165 -5.87 -43.51 2.40
CA ARG C 165 -5.92 -44.02 3.77
C ARG C 165 -4.83 -43.40 4.64
N THR C 166 -3.62 -43.31 4.11
CA THR C 166 -2.53 -42.69 4.85
C THR C 166 -2.72 -41.20 5.02
N ARG C 167 -3.28 -40.52 4.00
CA ARG C 167 -3.52 -39.10 4.13
C ARG C 167 -4.64 -38.78 5.11
N TYR C 168 -5.62 -39.67 5.25
CA TYR C 168 -6.60 -39.47 6.33
C TYR C 168 -5.99 -39.73 7.69
N LEU C 169 -5.37 -40.90 7.85
CA LEU C 169 -4.83 -41.29 9.15
C LEU C 169 -3.66 -40.42 9.59
N ARG C 170 -3.09 -39.62 8.69
CA ARG C 170 -2.07 -38.66 9.06
C ARG C 170 -2.63 -37.27 9.36
N THR C 171 -3.67 -36.83 8.65
CA THR C 171 -4.06 -35.43 8.70
C THR C 171 -5.42 -35.18 9.33
N TRP C 172 -6.50 -35.74 8.78
CA TRP C 172 -7.83 -35.28 9.17
C TRP C 172 -8.81 -36.44 9.34
N PHE C 173 -8.39 -37.52 9.98
CA PHE C 173 -9.37 -38.57 10.25
C PHE C 173 -9.92 -38.47 11.65
N LEU C 174 -9.08 -38.05 12.61
CA LEU C 174 -9.46 -38.09 14.01
C LEU C 174 -10.55 -37.08 14.33
N VAL C 175 -10.44 -35.86 13.79
CA VAL C 175 -11.41 -34.81 14.08
C VAL C 175 -12.77 -35.16 13.48
N ASP C 176 -12.78 -35.67 12.25
CA ASP C 176 -14.03 -36.07 11.61
C ASP C 176 -14.63 -37.28 12.30
N LEU C 177 -13.79 -38.17 12.83
CA LEU C 177 -14.30 -39.35 13.52
C LEU C 177 -14.94 -38.96 14.85
N ILE C 178 -14.33 -38.04 15.58
CA ILE C 178 -14.87 -37.58 16.85
C ILE C 178 -16.16 -36.82 16.61
N SER C 179 -16.17 -35.91 15.63
CA SER C 179 -17.37 -35.15 15.35
C SER C 179 -18.47 -35.98 14.72
N SER C 180 -18.15 -37.16 14.19
CA SER C 180 -19.18 -37.95 13.51
C SER C 180 -20.07 -38.68 14.49
N ILE C 181 -19.50 -39.53 15.32
CA ILE C 181 -20.27 -40.50 16.10
C ILE C 181 -20.96 -39.84 17.29
N PRO C 182 -22.16 -40.29 17.66
CA PRO C 182 -22.82 -39.73 18.84
C PRO C 182 -22.25 -40.28 20.15
N VAL C 183 -21.53 -39.44 20.87
CA VAL C 183 -20.84 -39.89 22.07
C VAL C 183 -21.81 -40.06 23.22
N ASP C 184 -22.80 -39.15 23.32
CA ASP C 184 -23.67 -39.09 24.48
C ASP C 184 -24.61 -40.28 24.57
N TYR C 185 -25.03 -40.80 23.42
CA TYR C 185 -25.93 -41.96 23.42
C TYR C 185 -25.19 -43.21 23.88
N ILE C 186 -23.88 -43.27 23.62
CA ILE C 186 -23.05 -44.38 24.09
C ILE C 186 -22.97 -44.40 25.60
N PHE C 187 -22.66 -43.24 26.20
CA PHE C 187 -22.59 -43.15 27.66
C PHE C 187 -23.97 -43.30 28.29
N LEU C 188 -25.02 -42.99 27.53
CA LEU C 188 -26.38 -43.23 28.01
C LEU C 188 -26.70 -44.72 28.05
N VAL C 189 -26.24 -45.47 27.03
CA VAL C 189 -26.47 -46.91 27.01
C VAL C 189 -25.64 -47.60 28.10
N VAL C 190 -24.40 -47.17 28.28
CA VAL C 190 -23.52 -47.80 29.27
C VAL C 190 -24.00 -47.49 30.68
N GLU C 191 -24.19 -46.21 31.00
CA GLU C 191 -24.68 -45.83 32.32
C GLU C 191 -26.20 -45.87 32.37
N ARG C 205 -26.99 -38.91 42.06
CA ARG C 205 -25.85 -38.47 41.27
C ARG C 205 -26.20 -38.41 39.80
N ALA C 206 -27.49 -38.25 39.50
CA ALA C 206 -27.94 -38.21 38.12
C ALA C 206 -27.61 -36.88 37.46
N LEU C 207 -27.50 -35.80 38.23
CA LEU C 207 -27.29 -34.48 37.66
C LEU C 207 -25.89 -34.33 37.08
N ARG C 208 -24.89 -34.91 37.75
CA ARG C 208 -23.54 -34.93 37.19
C ARG C 208 -23.47 -35.75 35.92
N ILE C 209 -24.26 -36.83 35.85
CA ILE C 209 -24.32 -37.65 34.65
C ILE C 209 -24.96 -36.89 33.50
N VAL C 210 -26.04 -36.14 33.78
CA VAL C 210 -26.72 -35.37 32.75
C VAL C 210 -25.84 -34.23 32.24
N ARG C 211 -25.14 -33.55 33.15
CA ARG C 211 -24.20 -32.50 32.74
C ARG C 211 -23.04 -33.08 31.95
N PHE C 212 -22.59 -34.27 32.33
CA PHE C 212 -21.53 -34.97 31.61
C PHE C 212 -21.98 -35.32 30.19
N THR C 213 -23.22 -35.78 30.05
CA THR C 213 -23.76 -36.06 28.71
C THR C 213 -23.95 -34.80 27.89
N LYS C 214 -24.27 -33.67 28.54
CA LYS C 214 -24.41 -32.43 27.79
C LYS C 214 -23.07 -31.98 27.23
N ILE C 215 -22.02 -32.04 28.05
CA ILE C 215 -20.69 -31.65 27.58
C ILE C 215 -20.18 -32.65 26.54
N LEU C 216 -20.55 -33.93 26.66
CA LEU C 216 -20.20 -34.88 25.61
C LEU C 216 -20.95 -34.62 24.31
N SER C 217 -22.22 -34.22 24.40
CA SER C 217 -22.98 -33.87 23.22
C SER C 217 -22.48 -32.60 22.57
N LEU C 218 -21.73 -31.77 23.30
CA LEU C 218 -21.02 -30.66 22.68
C LEU C 218 -19.84 -31.08 21.81
N LEU C 219 -19.53 -32.35 21.65
CA LEU C 219 -18.45 -32.75 20.74
C LEU C 219 -18.86 -32.68 19.28
N ARG C 220 -20.13 -32.39 18.99
CA ARG C 220 -20.58 -32.19 17.63
C ARG C 220 -19.98 -30.96 16.98
N LEU C 221 -19.42 -30.05 17.76
CA LEU C 221 -18.95 -28.76 17.30
C LEU C 221 -17.67 -28.85 16.48
N LEU C 222 -17.05 -30.03 16.36
CA LEU C 222 -15.85 -30.16 15.56
C LEU C 222 -16.15 -30.33 14.08
N ARG C 223 -17.43 -30.27 13.69
CA ARG C 223 -17.80 -30.24 12.28
C ARG C 223 -17.45 -28.92 11.62
N LEU C 224 -17.15 -27.89 12.43
CA LEU C 224 -16.65 -26.62 11.93
C LEU C 224 -15.37 -26.79 11.12
N SER C 225 -14.49 -27.69 11.55
CA SER C 225 -13.25 -27.92 10.81
C SER C 225 -13.50 -28.53 9.45
N ARG C 226 -14.56 -29.31 9.30
CA ARG C 226 -14.89 -29.84 8.00
C ARG C 226 -15.56 -28.79 7.13
N LEU C 227 -16.42 -27.96 7.74
CA LEU C 227 -17.08 -26.87 7.03
C LEU C 227 -16.05 -25.91 6.46
N ILE C 228 -15.01 -25.60 7.23
CA ILE C 228 -13.98 -24.67 6.77
C ILE C 228 -13.21 -25.25 5.60
N ARG C 229 -12.96 -26.56 5.65
CA ARG C 229 -12.24 -27.23 4.57
C ARG C 229 -13.05 -27.23 3.28
N TYR C 230 -14.34 -27.55 3.37
CA TYR C 230 -15.15 -27.53 2.15
C TYR C 230 -15.40 -26.13 1.63
N ILE C 231 -15.52 -25.13 2.50
CA ILE C 231 -15.71 -23.77 2.03
C ILE C 231 -14.45 -23.26 1.33
N HIS C 232 -13.27 -23.61 1.86
CA HIS C 232 -12.04 -23.22 1.18
C HIS C 232 -11.85 -23.97 -0.13
N GLN C 233 -12.33 -25.21 -0.22
CA GLN C 233 -12.25 -25.90 -1.51
C GLN C 233 -13.17 -25.27 -2.54
N TRP C 234 -14.37 -24.84 -2.10
CA TRP C 234 -15.27 -24.14 -3.01
C TRP C 234 -14.65 -22.83 -3.47
N GLU C 235 -14.11 -22.05 -2.53
CA GLU C 235 -13.58 -20.74 -2.87
C GLU C 235 -12.36 -20.86 -3.75
N GLU C 236 -11.58 -21.94 -3.61
CA GLU C 236 -10.52 -22.22 -4.57
C GLU C 236 -11.08 -22.60 -5.93
N ILE C 237 -12.26 -23.22 -5.98
CA ILE C 237 -12.85 -23.50 -7.29
C ILE C 237 -13.33 -22.22 -7.96
N PHE C 238 -14.11 -21.40 -7.27
CA PHE C 238 -14.80 -20.30 -7.95
C PHE C 238 -14.00 -19.01 -8.04
N HIS C 239 -12.68 -19.06 -7.99
CA HIS C 239 -11.90 -17.95 -8.52
C HIS C 239 -11.65 -18.10 -10.01
N MET C 240 -12.16 -19.18 -10.62
CA MET C 240 -11.71 -19.51 -11.96
C MET C 240 -12.88 -19.60 -12.91
N THR C 241 -14.04 -20.03 -12.43
CA THR C 241 -15.24 -19.99 -13.27
C THR C 241 -15.79 -18.57 -13.35
N TYR C 242 -15.66 -17.82 -12.27
CA TYR C 242 -16.09 -16.43 -12.25
C TYR C 242 -14.95 -15.59 -11.71
N ASP C 243 -14.73 -14.44 -12.34
CA ASP C 243 -13.76 -13.49 -11.81
C ASP C 243 -14.36 -12.79 -10.60
N LEU C 244 -13.75 -13.01 -9.44
CA LEU C 244 -14.26 -12.45 -8.20
C LEU C 244 -13.14 -11.67 -7.52
N ALA C 245 -13.49 -10.53 -6.93
CA ALA C 245 -12.53 -9.84 -6.09
C ALA C 245 -12.26 -10.68 -4.85
N SER C 246 -10.97 -10.88 -4.56
CA SER C 246 -10.57 -11.79 -3.49
C SER C 246 -10.96 -11.25 -2.12
N ALA C 247 -10.87 -9.93 -1.95
CA ALA C 247 -11.13 -9.32 -0.65
C ALA C 247 -12.58 -9.47 -0.25
N VAL C 248 -13.49 -9.52 -1.21
CA VAL C 248 -14.91 -9.71 -0.90
C VAL C 248 -15.15 -11.10 -0.34
N VAL C 249 -14.49 -12.10 -0.92
CA VAL C 249 -14.61 -13.47 -0.44
C VAL C 249 -14.05 -13.57 0.98
N ARG C 250 -12.89 -12.96 1.21
CA ARG C 250 -12.27 -13.00 2.53
C ARG C 250 -13.15 -12.33 3.57
N ILE C 251 -13.75 -11.20 3.22
CA ILE C 251 -14.48 -10.45 4.23
C ILE C 251 -15.83 -11.08 4.51
N PHE C 252 -16.45 -11.73 3.53
CA PHE C 252 -17.70 -12.41 3.87
C PHE C 252 -17.45 -13.70 4.62
N ASN C 253 -16.31 -14.34 4.38
CA ASN C 253 -15.90 -15.46 5.22
C ASN C 253 -15.71 -15.02 6.68
N LEU C 254 -15.08 -13.85 6.87
CA LEU C 254 -14.86 -13.35 8.22
C LEU C 254 -16.16 -12.94 8.90
N ILE C 255 -17.09 -12.37 8.14
CA ILE C 255 -18.38 -11.96 8.71
C ILE C 255 -19.16 -13.17 9.19
N GLY C 256 -19.15 -14.25 8.39
CA GLY C 256 -19.78 -15.48 8.81
C GLY C 256 -19.15 -16.06 10.06
N MET C 257 -17.82 -16.00 10.15
CA MET C 257 -17.14 -16.50 11.33
C MET C 257 -17.47 -15.68 12.58
N MET C 258 -17.55 -14.36 12.44
CA MET C 258 -17.85 -13.50 13.59
C MET C 258 -19.26 -13.72 14.10
N LEU C 259 -20.22 -13.81 13.18
CA LEU C 259 -21.61 -14.06 13.59
C LEU C 259 -21.74 -15.40 14.29
N LEU C 260 -21.02 -16.41 13.79
CA LEU C 260 -21.07 -17.71 14.42
C LEU C 260 -20.47 -17.68 15.82
N LEU C 261 -19.36 -16.93 15.99
CA LEU C 261 -18.74 -16.88 17.31
C LEU C 261 -19.59 -16.15 18.33
N CYS C 262 -20.28 -15.10 17.90
CA CYS C 262 -21.17 -14.41 18.83
C CYS C 262 -22.35 -15.29 19.22
N HIS C 263 -22.84 -16.08 18.26
CA HIS C 263 -23.90 -17.03 18.59
C HIS C 263 -23.41 -18.14 19.50
N TRP C 264 -22.12 -18.49 19.44
CA TRP C 264 -21.61 -19.44 20.42
C TRP C 264 -21.58 -18.83 21.81
N ASP C 265 -21.10 -17.59 21.92
CA ASP C 265 -20.84 -17.02 23.24
C ASP C 265 -22.13 -16.74 23.99
N GLY C 266 -23.20 -16.44 23.26
CA GLY C 266 -24.50 -16.32 23.93
C GLY C 266 -24.92 -17.60 24.61
N CYS C 267 -24.84 -18.71 23.88
CA CYS C 267 -25.20 -20.01 24.42
C CYS C 267 -24.27 -20.40 25.55
N LEU C 268 -23.00 -20.01 25.47
CA LEU C 268 -22.04 -20.39 26.49
C LEU C 268 -22.29 -19.62 27.78
N GLN C 269 -22.60 -18.34 27.67
CA GLN C 269 -22.80 -17.54 28.87
C GLN C 269 -24.15 -17.78 29.50
N PHE C 270 -25.04 -18.48 28.79
CA PHE C 270 -26.16 -19.03 29.53
C PHE C 270 -25.84 -20.43 30.06
N LEU C 271 -24.96 -21.15 29.38
CA LEU C 271 -24.72 -22.55 29.73
C LEU C 271 -23.99 -22.69 31.06
N VAL C 272 -23.08 -21.78 31.35
CA VAL C 272 -22.29 -21.90 32.58
C VAL C 272 -23.13 -21.71 33.85
N PRO C 273 -24.08 -20.77 33.96
CA PRO C 273 -24.95 -20.81 35.15
C PRO C 273 -25.95 -21.96 35.17
N MET C 274 -26.17 -22.64 34.05
CA MET C 274 -26.97 -23.86 34.09
C MET C 274 -26.31 -24.95 34.90
N LEU C 275 -25.03 -25.20 34.64
CA LEU C 275 -24.34 -26.30 35.27
C LEU C 275 -24.08 -26.10 36.75
N GLN C 276 -24.16 -24.86 37.23
CA GLN C 276 -24.02 -24.60 38.65
C GLN C 276 -25.35 -24.39 39.35
N ASP C 277 -26.45 -24.77 38.70
CA ASP C 277 -27.81 -24.73 39.26
C ASP C 277 -28.21 -23.33 39.69
N PHE C 278 -27.75 -22.33 38.93
CA PHE C 278 -28.01 -20.90 39.12
C PHE C 278 -27.67 -20.38 40.50
N PRO C 279 -26.40 -20.15 40.81
CA PRO C 279 -26.03 -19.50 42.07
C PRO C 279 -26.57 -18.09 42.15
N PRO C 280 -26.71 -17.52 43.35
CA PRO C 280 -27.24 -16.15 43.43
C PRO C 280 -26.29 -15.09 42.93
N ASP C 281 -25.02 -15.45 42.69
CA ASP C 281 -24.06 -14.48 42.19
C ASP C 281 -24.19 -14.26 40.69
N CYS C 282 -24.81 -15.22 39.98
CA CYS C 282 -24.84 -15.13 38.52
C CYS C 282 -25.86 -14.10 38.08
N TRP C 283 -25.72 -13.64 36.83
CA TRP C 283 -26.53 -12.53 36.36
C TRP C 283 -27.97 -12.93 36.12
N VAL C 284 -28.23 -14.22 35.91
CA VAL C 284 -29.59 -14.69 35.66
C VAL C 284 -30.42 -14.54 36.91
N SER C 285 -29.87 -14.94 38.05
CA SER C 285 -30.56 -14.79 39.32
C SER C 285 -30.72 -13.33 39.72
N ILE C 286 -29.73 -12.50 39.37
CA ILE C 286 -29.79 -11.09 39.72
C ILE C 286 -30.87 -10.39 38.92
N ASN C 287 -30.97 -10.70 37.64
CA ASN C 287 -32.02 -10.11 36.83
C ASN C 287 -33.36 -10.82 37.00
N HIS C 288 -33.40 -11.90 37.79
CA HIS C 288 -34.62 -12.64 38.14
C HIS C 288 -35.32 -13.16 36.89
N MET C 289 -34.57 -13.86 36.06
CA MET C 289 -35.07 -14.32 34.79
C MET C 289 -34.82 -15.80 34.60
N VAL C 290 -34.95 -16.56 35.68
CA VAL C 290 -34.83 -18.00 35.59
C VAL C 290 -36.06 -18.60 34.93
N ASN C 291 -37.23 -18.09 35.26
CA ASN C 291 -38.49 -18.71 34.86
C ASN C 291 -39.14 -18.05 33.66
N HIS C 292 -38.36 -17.41 32.80
CA HIS C 292 -38.92 -16.89 31.57
C HIS C 292 -38.78 -17.93 30.45
N SER C 293 -39.34 -17.61 29.30
CA SER C 293 -39.25 -18.51 28.16
C SER C 293 -37.84 -18.51 27.60
N TRP C 294 -37.56 -19.48 26.74
CA TRP C 294 -36.19 -19.67 26.26
C TRP C 294 -35.80 -18.57 25.29
N GLY C 295 -36.78 -17.99 24.61
CA GLY C 295 -36.46 -16.94 23.65
C GLY C 295 -35.94 -15.69 24.31
N ARG C 296 -36.57 -15.28 25.42
CA ARG C 296 -36.15 -14.07 26.09
C ARG C 296 -34.82 -14.28 26.80
N GLN C 297 -34.61 -15.48 27.33
CA GLN C 297 -33.32 -15.80 27.92
C GLN C 297 -32.22 -15.81 26.88
N TYR C 298 -32.51 -16.33 25.69
CA TYR C 298 -31.54 -16.29 24.61
C TYR C 298 -31.26 -14.86 24.17
N SER C 299 -32.28 -14.01 24.19
CA SER C 299 -32.08 -12.62 23.82
C SER C 299 -31.16 -11.90 24.79
N HIS C 300 -31.40 -12.06 26.08
CA HIS C 300 -30.54 -11.41 27.06
C HIS C 300 -29.13 -11.97 27.04
N ALA C 301 -28.99 -13.28 26.84
CA ALA C 301 -27.66 -13.86 26.79
C ALA C 301 -26.90 -13.40 25.57
N LEU C 302 -27.57 -13.28 24.43
CA LEU C 302 -26.89 -12.80 23.24
C LEU C 302 -26.52 -11.33 23.36
N PHE C 303 -27.35 -10.55 24.03
CA PHE C 303 -27.00 -9.15 24.27
C PHE C 303 -25.77 -9.05 25.14
N LYS C 304 -25.70 -9.87 26.19
CA LYS C 304 -24.52 -9.87 27.07
C LYS C 304 -23.27 -10.28 26.32
N ALA C 305 -23.39 -11.29 25.46
CA ALA C 305 -22.22 -11.79 24.74
C ALA C 305 -21.76 -10.78 23.70
N MET C 306 -22.68 -10.14 23.01
CA MET C 306 -22.30 -9.16 22.01
C MET C 306 -21.73 -7.91 22.66
N SER C 307 -22.24 -7.54 23.83
CA SER C 307 -21.69 -6.38 24.51
C SER C 307 -20.30 -6.67 25.06
N HIS C 308 -20.01 -7.91 25.44
CA HIS C 308 -18.62 -8.21 25.77
C HIS C 308 -17.77 -8.25 24.53
N MET C 309 -18.33 -8.70 23.42
CA MET C 309 -17.53 -8.91 22.23
C MET C 309 -17.17 -7.61 21.55
N LEU C 310 -18.07 -6.63 21.54
CA LEU C 310 -17.77 -5.35 20.94
C LEU C 310 -17.22 -4.34 21.93
N CYS C 311 -16.77 -4.81 23.09
CA CYS C 311 -16.07 -4.00 24.10
C CYS C 311 -16.93 -2.84 24.59
N ILE C 312 -18.00 -3.17 25.31
CA ILE C 312 -18.98 -2.18 25.74
C ILE C 312 -18.91 -1.92 27.23
N GLY C 313 -19.15 -2.95 28.02
CA GLY C 313 -19.35 -2.78 29.44
C GLY C 313 -20.77 -3.09 29.80
N TYR C 314 -21.00 -4.23 30.42
CA TYR C 314 -22.36 -4.76 30.48
C TYR C 314 -23.14 -4.37 31.72
N GLY C 315 -22.71 -4.82 32.89
CA GLY C 315 -23.57 -4.79 34.04
C GLY C 315 -23.35 -3.55 34.88
N GLN C 316 -24.15 -3.44 35.94
CA GLN C 316 -23.83 -2.47 36.98
C GLN C 316 -22.57 -2.87 37.72
N GLN C 317 -22.59 -4.04 38.35
CA GLN C 317 -21.46 -4.47 39.14
C GLN C 317 -20.40 -5.13 38.27
N ALA C 318 -19.21 -5.27 38.82
CA ALA C 318 -18.24 -6.19 38.26
C ALA C 318 -18.75 -7.61 38.45
N PRO C 319 -18.41 -8.54 37.54
CA PRO C 319 -18.83 -9.92 37.72
C PRO C 319 -18.18 -10.56 38.93
N VAL C 320 -19.00 -11.12 39.80
CA VAL C 320 -18.57 -11.52 41.13
C VAL C 320 -18.05 -12.94 41.11
N GLY C 321 -18.79 -13.83 40.48
CA GLY C 321 -18.37 -15.23 40.45
C GLY C 321 -17.14 -15.42 39.59
N MET C 322 -16.23 -16.26 40.08
CA MET C 322 -14.97 -16.47 39.39
C MET C 322 -15.08 -17.11 38.00
N PRO C 323 -15.95 -18.09 37.71
CA PRO C 323 -16.05 -18.53 36.31
C PRO C 323 -16.68 -17.51 35.39
N ASP C 324 -17.40 -16.52 35.91
CA ASP C 324 -17.91 -15.47 35.03
C ASP C 324 -16.80 -14.57 34.55
N VAL C 325 -15.81 -14.34 35.39
CA VAL C 325 -14.74 -13.40 35.09
C VAL C 325 -13.90 -13.90 33.92
N TRP C 326 -13.58 -15.19 33.94
CA TRP C 326 -12.70 -15.71 32.91
C TRP C 326 -13.42 -15.87 31.58
N LEU C 327 -14.70 -16.20 31.58
CA LEU C 327 -15.46 -16.21 30.35
C LEU C 327 -15.57 -14.82 29.77
N THR C 328 -15.78 -13.84 30.64
CA THR C 328 -15.85 -12.45 30.22
C THR C 328 -14.55 -12.04 29.55
N MET C 329 -13.43 -12.34 30.18
CA MET C 329 -12.13 -11.94 29.63
C MET C 329 -11.83 -12.67 28.33
N LEU C 330 -12.25 -13.94 28.24
CA LEU C 330 -12.05 -14.70 27.02
C LEU C 330 -12.82 -14.11 25.86
N SER C 331 -14.10 -13.79 26.10
CA SER C 331 -14.92 -13.24 25.04
C SER C 331 -14.46 -11.85 24.65
N MET C 332 -13.93 -11.08 25.61
CA MET C 332 -13.39 -9.77 25.29
C MET C 332 -12.18 -9.86 24.38
N ILE C 333 -11.27 -10.80 24.68
CA ILE C 333 -10.08 -10.96 23.84
C ILE C 333 -10.44 -11.42 22.44
N VAL C 334 -11.38 -12.38 22.35
CA VAL C 334 -11.80 -12.89 21.04
C VAL C 334 -12.46 -11.79 20.22
N GLY C 335 -13.28 -10.97 20.87
CA GLY C 335 -13.95 -9.91 20.14
C GLY C 335 -13.01 -8.82 19.69
N ALA C 336 -12.01 -8.50 20.51
CA ALA C 336 -11.04 -7.49 20.13
C ALA C 336 -10.22 -7.94 18.92
N THR C 337 -9.79 -9.21 18.91
CA THR C 337 -9.00 -9.68 17.78
C THR C 337 -9.85 -9.78 16.51
N CYS C 338 -11.10 -10.22 16.64
CA CYS C 338 -11.95 -10.32 15.45
C CYS C 338 -12.26 -8.94 14.88
N TYR C 339 -12.45 -7.96 15.75
CA TYR C 339 -12.74 -6.62 15.26
C TYR C 339 -11.51 -6.00 14.62
N ALA C 340 -10.32 -6.33 15.13
CA ALA C 340 -9.10 -5.85 14.51
C ALA C 340 -8.91 -6.44 13.12
N MET C 341 -9.15 -7.73 12.96
CA MET C 341 -9.02 -8.32 11.63
C MET C 341 -10.10 -7.82 10.68
N PHE C 342 -11.26 -7.46 11.22
CA PHE C 342 -12.30 -6.89 10.38
C PHE C 342 -11.90 -5.50 9.87
N ILE C 343 -11.27 -4.69 10.73
CA ILE C 343 -10.75 -3.40 10.30
C ILE C 343 -9.69 -3.58 9.23
N GLY C 344 -8.84 -4.60 9.38
CA GLY C 344 -7.82 -4.85 8.39
C GLY C 344 -8.37 -5.25 7.03
N HIS C 345 -9.37 -6.12 7.01
CA HIS C 345 -9.98 -6.51 5.75
C HIS C 345 -10.73 -5.35 5.11
N ALA C 346 -11.36 -4.51 5.92
CA ALA C 346 -12.06 -3.36 5.35
C ALA C 346 -11.09 -2.37 4.74
N THR C 347 -9.94 -2.18 5.37
CA THR C 347 -8.93 -1.27 4.84
C THR C 347 -8.36 -1.80 3.53
N ALA C 348 -8.07 -3.10 3.49
CA ALA C 348 -7.54 -3.69 2.27
C ALA C 348 -8.57 -3.69 1.16
N LEU C 349 -9.85 -3.76 1.49
CA LEU C 349 -10.86 -3.65 0.44
C LEU C 349 -10.98 -2.23 -0.08
N ILE C 350 -10.89 -1.24 0.81
CA ILE C 350 -11.07 0.15 0.38
C ILE C 350 -9.89 0.61 -0.48
N GLN C 351 -8.68 0.15 -0.16
CA GLN C 351 -7.52 0.57 -0.96
C GLN C 351 -7.51 -0.01 -2.37
N SER C 352 -8.38 -0.96 -2.67
CA SER C 352 -8.43 -1.54 -4.01
C SER C 352 -9.68 -1.15 -4.76
N LEU C 353 -10.12 0.10 -4.66
CA LEU C 353 -11.33 0.50 -5.37
C LEU C 353 -11.02 1.37 -6.59
N ASP C 354 -10.22 2.41 -6.41
CA ASP C 354 -9.98 3.39 -7.46
C ASP C 354 -8.49 3.56 -7.68
N SER C 355 -7.81 2.42 -7.82
CA SER C 355 -6.36 2.42 -7.99
C SER C 355 -5.94 3.03 -9.32
N SER C 356 -6.78 2.89 -10.34
CA SER C 356 -6.50 3.52 -11.63
C SER C 356 -6.51 5.02 -11.52
N ARG C 357 -7.44 5.58 -10.75
CA ARG C 357 -7.46 7.01 -10.53
C ARG C 357 -6.37 7.45 -9.56
N ARG C 358 -5.96 6.57 -8.66
CA ARG C 358 -4.92 6.88 -7.69
C ARG C 358 -3.53 6.95 -8.33
N GLN C 359 -3.28 6.08 -9.30
CA GLN C 359 -1.99 6.11 -9.97
C GLN C 359 -1.84 7.35 -10.84
N TYR C 360 -2.93 7.83 -11.43
CA TYR C 360 -2.90 9.10 -12.14
C TYR C 360 -2.56 10.24 -11.21
N GLN C 361 -3.11 10.20 -10.00
CA GLN C 361 -2.84 11.22 -9.02
C GLN C 361 -1.37 11.21 -8.61
N GLU C 362 -0.82 10.02 -8.37
CA GLU C 362 0.58 9.90 -7.99
C GLU C 362 1.50 10.35 -9.11
N LYS C 363 1.14 10.03 -10.35
CA LYS C 363 1.96 10.44 -11.48
C LYS C 363 1.96 11.95 -11.65
N TYR C 364 0.81 12.59 -11.43
CA TYR C 364 0.82 14.05 -11.55
C TYR C 364 1.54 14.71 -10.39
N LYS C 365 1.49 14.10 -9.20
CA LYS C 365 2.32 14.57 -8.10
C LYS C 365 3.79 14.50 -8.47
N GLN C 366 4.17 13.42 -9.16
CA GLN C 366 5.55 13.27 -9.60
C GLN C 366 5.92 14.34 -10.63
N VAL C 367 4.98 14.67 -11.51
CA VAL C 367 5.23 15.65 -12.55
C VAL C 367 5.42 17.04 -11.95
N GLU C 368 4.57 17.41 -11.01
CA GLU C 368 4.72 18.72 -10.41
C GLU C 368 5.91 18.77 -9.46
N GLN C 369 6.34 17.61 -8.96
CA GLN C 369 7.62 17.54 -8.26
C GLN C 369 8.78 17.88 -9.20
N TYR C 370 8.76 17.30 -10.40
CA TYR C 370 9.78 17.61 -11.40
C TYR C 370 9.69 19.07 -11.85
N MET C 371 8.47 19.61 -11.92
CA MET C 371 8.28 21.01 -12.27
C MET C 371 8.89 21.91 -11.21
N SER C 372 8.73 21.52 -9.94
CA SER C 372 9.29 22.32 -8.86
C SER C 372 10.80 22.22 -8.82
N PHE C 373 11.35 21.08 -9.27
CA PHE C 373 12.80 20.88 -9.16
C PHE C 373 13.58 21.82 -10.06
N HIS C 374 13.03 22.15 -11.23
CA HIS C 374 13.73 23.07 -12.11
C HIS C 374 13.20 24.48 -12.05
N LYS C 375 12.27 24.75 -11.12
CA LYS C 375 11.77 26.10 -10.83
C LYS C 375 11.11 26.72 -12.05
N LEU C 376 10.21 25.97 -12.66
CA LEU C 376 9.61 26.38 -13.90
C LEU C 376 8.62 27.52 -13.67
N PRO C 377 8.38 28.36 -14.68
CA PRO C 377 7.38 29.42 -14.54
C PRO C 377 5.97 28.87 -14.47
N ALA C 378 5.04 29.76 -14.14
CA ALA C 378 3.66 29.34 -13.88
C ALA C 378 2.94 29.00 -15.18
N ASP C 379 3.12 29.82 -16.22
CA ASP C 379 2.42 29.60 -17.48
C ASP C 379 2.88 28.31 -18.15
N THR C 380 4.18 28.01 -18.05
CA THR C 380 4.68 26.73 -18.54
C THR C 380 4.07 25.58 -17.74
N ARG C 381 3.94 25.76 -16.42
CA ARG C 381 3.41 24.71 -15.57
C ARG C 381 1.95 24.42 -15.90
N GLN C 382 1.16 25.46 -16.15
CA GLN C 382 -0.23 25.21 -16.51
C GLN C 382 -0.34 24.72 -17.94
N ARG C 383 0.62 25.05 -18.80
CA ARG C 383 0.62 24.47 -20.14
C ARG C 383 0.86 22.96 -20.09
N ILE C 384 1.77 22.54 -19.21
CA ILE C 384 1.99 21.11 -18.97
C ILE C 384 0.73 20.47 -18.41
N HIS C 385 0.07 21.17 -17.50
CA HIS C 385 -1.14 20.64 -16.87
C HIS C 385 -2.26 20.47 -17.90
N GLU C 386 -2.40 21.44 -18.80
CA GLU C 386 -3.39 21.31 -19.88
C GLU C 386 -3.03 20.19 -20.83
N TYR C 387 -1.73 19.99 -21.05
CA TYR C 387 -1.30 18.89 -21.92
C TYR C 387 -1.69 17.54 -21.34
N TYR C 388 -1.51 17.36 -20.03
CA TYR C 388 -1.89 16.09 -19.43
C TYR C 388 -3.39 15.92 -19.37
N GLU C 389 -4.13 17.01 -19.15
CA GLU C 389 -5.58 16.91 -19.11
C GLU C 389 -6.14 16.56 -20.47
N HIS C 390 -5.51 17.03 -21.53
CA HIS C 390 -6.03 16.68 -22.84
C HIS C 390 -5.32 15.50 -23.47
N ARG C 391 -4.34 14.92 -22.78
CA ARG C 391 -3.71 13.70 -23.23
C ARG C 391 -4.27 12.46 -22.56
N TYR C 392 -4.28 12.41 -21.23
CA TYR C 392 -4.63 11.18 -20.54
C TYR C 392 -6.05 11.15 -20.00
N GLN C 393 -6.65 12.32 -19.73
CA GLN C 393 -8.02 12.45 -19.22
C GLN C 393 -8.21 11.70 -17.91
N GLY C 394 -7.21 11.82 -17.03
CA GLY C 394 -7.31 11.21 -15.72
C GLY C 394 -7.06 9.72 -15.70
N LYS C 395 -6.55 9.15 -16.78
CA LYS C 395 -6.41 7.71 -16.91
C LYS C 395 -4.93 7.35 -17.00
N MET C 396 -4.45 6.57 -16.04
CA MET C 396 -3.02 6.26 -15.96
C MET C 396 -2.75 4.90 -16.57
N PHE C 397 -2.77 4.82 -17.90
CA PHE C 397 -2.58 3.56 -18.61
C PHE C 397 -1.28 3.58 -19.38
N ASP C 398 -0.70 2.40 -19.55
CA ASP C 398 0.55 2.22 -20.29
C ASP C 398 0.22 1.62 -21.65
N GLU C 399 0.20 2.47 -22.68
CA GLU C 399 -0.22 2.02 -24.00
C GLU C 399 0.81 1.10 -24.63
N GLU C 400 2.07 1.19 -24.19
CA GLU C 400 3.09 0.32 -24.75
C GLU C 400 2.94 -1.11 -24.28
N SER C 401 2.78 -1.30 -22.97
CA SER C 401 2.80 -2.65 -22.40
C SER C 401 1.52 -3.40 -22.72
N ILE C 402 0.40 -2.68 -22.81
CA ILE C 402 -0.87 -3.34 -23.10
C ILE C 402 -0.89 -3.84 -24.53
N LEU C 403 -0.38 -3.02 -25.47
CA LEU C 403 -0.27 -3.48 -26.84
C LEU C 403 0.81 -4.54 -26.98
N GLY C 404 1.79 -4.53 -26.07
CA GLY C 404 2.82 -5.56 -26.11
C GLY C 404 2.30 -6.90 -25.64
N GLU C 405 1.37 -6.91 -24.70
CA GLU C 405 0.92 -8.17 -24.13
C GLU C 405 -0.04 -8.90 -25.05
N LEU C 406 -0.60 -8.19 -26.03
CA LEU C 406 -1.59 -8.78 -26.91
C LEU C 406 -0.96 -9.58 -28.03
N SER C 407 -1.76 -10.08 -28.95
CA SER C 407 -1.28 -10.74 -30.15
C SER C 407 -1.51 -9.83 -31.34
N GLU C 408 -1.01 -10.25 -32.49
CA GLU C 408 -1.10 -9.44 -33.71
C GLU C 408 -2.52 -9.18 -34.21
N PRO C 409 -3.44 -10.18 -34.31
CA PRO C 409 -4.78 -9.83 -34.83
C PRO C 409 -5.58 -8.94 -33.92
N LEU C 410 -5.34 -9.01 -32.61
CA LEU C 410 -5.99 -8.10 -31.69
C LEU C 410 -5.53 -6.67 -31.92
N ARG C 411 -4.23 -6.48 -32.14
CA ARG C 411 -3.71 -5.15 -32.47
C ARG C 411 -4.31 -4.65 -33.76
N GLU C 412 -4.45 -5.53 -34.75
CA GLU C 412 -5.01 -5.12 -36.04
C GLU C 412 -6.46 -4.69 -35.90
N GLU C 413 -7.24 -5.42 -35.10
CA GLU C 413 -8.64 -5.08 -34.92
C GLU C 413 -8.82 -3.78 -34.15
N ILE C 414 -7.98 -3.58 -33.12
CA ILE C 414 -8.04 -2.34 -32.34
C ILE C 414 -7.68 -1.14 -33.20
N ILE C 415 -6.63 -1.25 -34.01
CA ILE C 415 -6.20 -0.09 -34.78
C ILE C 415 -7.17 0.17 -35.93
N ASN C 416 -7.80 -0.87 -36.46
CA ASN C 416 -8.86 -0.67 -37.44
C ASN C 416 -10.05 0.09 -36.85
N PHE C 417 -10.45 -0.27 -35.63
CA PHE C 417 -11.57 0.44 -35.02
C PHE C 417 -11.18 1.86 -34.61
N THR C 418 -9.91 2.10 -34.32
CA THR C 418 -9.57 3.46 -33.96
C THR C 418 -9.35 4.35 -35.16
N CYS C 419 -9.04 3.79 -36.33
CA CYS C 419 -8.67 4.63 -37.46
C CYS C 419 -9.50 4.37 -38.71
N ARG C 420 -10.71 3.81 -38.57
CA ARG C 420 -11.58 3.68 -39.75
C ARG C 420 -12.01 5.03 -40.29
N GLY C 421 -11.96 6.09 -39.48
CA GLY C 421 -12.20 7.42 -40.01
C GLY C 421 -11.12 7.85 -40.98
N LEU C 422 -9.86 7.62 -40.61
CA LEU C 422 -8.75 7.89 -41.51
C LEU C 422 -8.80 6.97 -42.73
N VAL C 423 -9.34 5.77 -42.56
CA VAL C 423 -9.57 4.90 -43.70
C VAL C 423 -10.60 5.53 -44.64
N ALA C 424 -11.69 6.04 -44.09
CA ALA C 424 -12.80 6.53 -44.88
C ALA C 424 -12.52 7.83 -45.61
N HIS C 425 -11.80 8.76 -44.98
CA HIS C 425 -11.60 10.06 -45.61
C HIS C 425 -10.49 10.01 -46.66
N MET C 426 -9.44 9.27 -46.39
CA MET C 426 -8.30 9.23 -47.29
C MET C 426 -8.64 8.44 -48.55
N PRO C 427 -8.40 9.00 -49.73
CA PRO C 427 -8.70 8.25 -50.96
C PRO C 427 -7.67 7.18 -51.25
N LEU C 428 -6.44 7.34 -50.75
CA LEU C 428 -5.39 6.37 -51.00
C LEU C 428 -5.66 5.07 -50.25
N PHE C 429 -6.35 5.17 -49.11
CA PHE C 429 -6.69 3.96 -48.37
C PHE C 429 -8.02 3.39 -48.82
N ALA C 430 -8.77 4.15 -49.61
CA ALA C 430 -10.08 3.68 -50.06
C ALA C 430 -9.95 2.61 -51.13
N HIS C 431 -8.92 2.70 -51.96
CA HIS C 431 -8.85 1.81 -53.11
C HIS C 431 -7.91 0.64 -52.87
N ALA C 432 -6.94 0.79 -51.96
CA ALA C 432 -5.89 -0.19 -51.83
C ALA C 432 -6.37 -1.44 -51.09
N ASP C 433 -5.51 -2.44 -51.04
CA ASP C 433 -5.76 -3.68 -50.32
C ASP C 433 -5.83 -3.41 -48.84
N PRO C 434 -6.74 -4.06 -48.11
CA PRO C 434 -6.80 -3.84 -46.66
C PRO C 434 -5.60 -4.42 -45.94
N SER C 435 -4.90 -5.37 -46.56
CA SER C 435 -3.62 -5.82 -46.02
C SER C 435 -2.62 -4.67 -45.98
N PHE C 436 -2.55 -3.89 -47.07
CA PHE C 436 -1.72 -2.69 -47.10
C PHE C 436 -2.19 -1.68 -46.07
N VAL C 437 -3.50 -1.57 -45.89
CA VAL C 437 -4.06 -0.60 -44.96
C VAL C 437 -3.65 -0.94 -43.53
N THR C 438 -3.78 -2.20 -43.15
CA THR C 438 -3.36 -2.62 -41.82
C THR C 438 -1.85 -2.54 -41.66
N ALA C 439 -1.10 -2.81 -42.73
CA ALA C 439 0.34 -2.74 -42.65
C ALA C 439 0.82 -1.31 -42.44
N VAL C 440 0.07 -0.35 -42.97
CA VAL C 440 0.37 1.04 -42.65
C VAL C 440 -0.06 1.36 -41.23
N LEU C 441 -1.26 0.93 -40.84
CA LEU C 441 -1.87 1.41 -39.61
C LEU C 441 -1.20 0.85 -38.37
N THR C 442 -0.56 -0.31 -38.49
CA THR C 442 0.06 -0.90 -37.31
C THR C 442 1.34 -0.16 -36.90
N LYS C 443 1.86 0.69 -37.77
CA LYS C 443 3.10 1.37 -37.48
C LYS C 443 2.93 2.85 -37.19
N LEU C 444 1.75 3.29 -36.78
CA LEU C 444 1.57 4.69 -36.46
C LEU C 444 1.85 4.96 -34.99
N ARG C 445 1.97 6.25 -34.66
CA ARG C 445 2.13 6.67 -33.28
C ARG C 445 1.21 7.84 -33.00
N PHE C 446 0.52 7.78 -31.86
CA PHE C 446 -0.47 8.78 -31.50
C PHE C 446 0.19 9.97 -30.84
N GLU C 447 -0.07 11.17 -31.36
CA GLU C 447 0.53 12.39 -30.84
C GLU C 447 -0.51 13.48 -30.68
N VAL C 448 -0.30 14.36 -29.70
CA VAL C 448 -1.24 15.40 -29.32
C VAL C 448 -0.48 16.72 -29.28
N PHE C 449 -1.01 17.74 -29.94
CA PHE C 449 -0.38 19.04 -29.92
C PHE C 449 -1.30 20.09 -29.31
N GLN C 450 -0.71 21.16 -28.79
CA GLN C 450 -1.40 22.31 -28.24
C GLN C 450 -1.44 23.41 -29.29
N PRO C 451 -2.46 24.28 -29.26
CA PRO C 451 -2.58 25.28 -30.32
C PRO C 451 -1.51 26.36 -30.21
N GLY C 452 -1.14 26.91 -31.36
CA GLY C 452 -0.02 27.82 -31.45
C GLY C 452 1.30 27.13 -31.72
N ASP C 453 1.39 25.84 -31.48
CA ASP C 453 2.64 25.13 -31.70
C ASP C 453 2.89 24.92 -33.19
N LEU C 454 4.15 24.90 -33.55
CA LEU C 454 4.57 24.66 -34.93
C LEU C 454 5.01 23.22 -35.02
N VAL C 455 4.27 22.41 -35.77
CA VAL C 455 4.62 20.99 -35.88
C VAL C 455 5.84 20.83 -36.77
N VAL C 456 5.81 21.40 -37.95
CA VAL C 456 6.95 21.36 -38.85
C VAL C 456 7.34 22.79 -39.20
N ARG C 457 8.61 23.12 -38.96
CA ARG C 457 9.17 24.41 -39.31
C ARG C 457 9.95 24.27 -40.61
N GLU C 458 9.96 25.34 -41.39
CA GLU C 458 10.57 25.32 -42.71
C GLU C 458 12.08 25.14 -42.63
N GLY C 459 12.63 24.38 -43.56
CA GLY C 459 14.05 24.10 -43.53
C GLY C 459 14.42 23.20 -42.37
N SER C 460 13.69 22.11 -42.21
CA SER C 460 13.99 21.12 -41.20
C SER C 460 14.84 20.04 -41.85
N VAL C 461 15.08 18.97 -41.10
CA VAL C 461 15.83 17.86 -41.67
C VAL C 461 14.88 16.94 -42.45
N GLY C 462 13.63 16.83 -42.01
CA GLY C 462 12.68 15.95 -42.67
C GLY C 462 12.72 14.56 -42.08
N ARG C 463 11.67 14.18 -41.38
CA ARG C 463 11.76 12.98 -40.57
C ARG C 463 10.53 12.07 -40.64
N LYS C 464 9.34 12.64 -40.85
CA LYS C 464 8.11 11.95 -40.48
C LYS C 464 6.94 12.50 -41.29
N MET C 465 5.88 11.71 -41.39
CA MET C 465 4.62 12.08 -42.01
C MET C 465 3.56 12.15 -40.92
N TYR C 466 2.52 12.95 -41.15
CA TYR C 466 1.46 13.08 -40.16
C TYR C 466 0.10 12.84 -40.80
N PHE C 467 -0.80 12.25 -40.02
CA PHE C 467 -2.21 12.11 -40.38
C PHE C 467 -3.04 12.76 -39.30
N ILE C 468 -4.24 13.20 -39.65
CA ILE C 468 -5.00 14.12 -38.81
C ILE C 468 -6.27 13.43 -38.32
N GLN C 469 -6.31 13.16 -37.02
CA GLN C 469 -7.50 12.57 -36.45
C GLN C 469 -8.56 13.63 -36.19
N HIS C 470 -8.24 14.65 -35.40
CA HIS C 470 -9.20 15.69 -35.07
C HIS C 470 -8.57 17.05 -35.31
N GLY C 471 -9.37 18.08 -35.09
CA GLY C 471 -8.89 19.44 -35.15
C GLY C 471 -8.66 19.90 -36.58
N LEU C 472 -8.27 21.16 -36.68
CA LEU C 472 -7.87 21.74 -37.95
C LEU C 472 -6.51 22.38 -37.79
N LEU C 473 -5.77 22.41 -38.89
CA LEU C 473 -4.40 22.89 -38.90
C LEU C 473 -4.25 23.95 -39.97
N SER C 474 -3.38 24.92 -39.70
CA SER C 474 -3.13 26.03 -40.60
C SER C 474 -1.69 26.00 -41.08
N VAL C 475 -1.51 25.94 -42.37
CA VAL C 475 -0.23 26.14 -43.02
C VAL C 475 -0.25 27.52 -43.63
N LEU C 476 0.80 28.32 -43.42
CA LEU C 476 0.69 29.71 -43.84
C LEU C 476 0.97 29.83 -45.33
N THR C 483 -4.73 28.36 -47.03
CA THR C 483 -4.25 26.97 -47.18
C THR C 483 -4.56 26.08 -45.99
N ARG C 484 -5.70 26.32 -45.34
CA ARG C 484 -6.03 25.61 -44.11
C ARG C 484 -6.61 24.24 -44.42
N LEU C 485 -6.51 23.33 -43.46
CA LEU C 485 -7.00 21.97 -43.61
C LEU C 485 -7.49 21.42 -42.28
N THR C 486 -8.62 20.72 -42.32
CA THR C 486 -9.30 20.19 -41.15
C THR C 486 -8.98 18.71 -40.97
N ASP C 487 -9.75 18.05 -40.10
CA ASP C 487 -9.56 16.64 -39.77
C ASP C 487 -9.79 15.76 -41.00
N GLY C 488 -9.17 14.59 -40.99
CA GLY C 488 -9.20 13.73 -42.15
C GLY C 488 -8.16 14.05 -43.19
N SER C 489 -7.35 15.07 -42.96
CA SER C 489 -6.31 15.42 -43.92
C SER C 489 -4.97 14.80 -43.49
N TYR C 490 -3.92 15.19 -44.20
CA TYR C 490 -2.60 14.60 -44.02
C TYR C 490 -1.56 15.56 -44.56
N PHE C 491 -0.34 15.46 -44.03
CA PHE C 491 0.78 16.26 -44.49
C PHE C 491 2.07 15.57 -44.08
N GLY C 492 3.18 16.22 -44.40
CA GLY C 492 4.47 15.60 -44.21
C GLY C 492 4.85 14.63 -45.30
N GLU C 493 4.27 14.76 -46.49
CA GLU C 493 4.41 13.73 -47.51
C GLU C 493 5.72 13.84 -48.26
N ILE C 494 5.93 14.96 -48.95
CA ILE C 494 6.92 15.00 -50.03
C ILE C 494 8.33 15.07 -49.48
N CYS C 495 8.48 15.42 -48.21
CA CYS C 495 9.82 15.57 -47.66
C CYS C 495 10.44 14.21 -47.38
N LEU C 496 9.61 13.18 -47.26
CA LEU C 496 10.14 11.83 -47.12
C LEU C 496 10.66 11.32 -48.45
N LEU C 497 9.98 11.66 -49.54
CA LEU C 497 10.40 11.19 -50.85
C LEU C 497 11.59 11.98 -51.35
N THR C 498 11.51 13.31 -51.26
CA THR C 498 12.57 14.14 -51.81
C THR C 498 13.82 14.14 -50.92
N ARG C 499 13.66 13.71 -49.66
CA ARG C 499 14.72 13.68 -48.63
C ARG C 499 15.33 15.05 -48.40
N GLY C 500 14.58 16.11 -48.62
CA GLY C 500 15.13 17.44 -48.54
C GLY C 500 14.76 18.15 -47.25
N ARG C 501 14.60 19.46 -47.33
CA ARG C 501 14.18 20.22 -46.16
C ARG C 501 12.69 20.46 -46.20
N ARG C 502 12.17 21.15 -45.20
CA ARG C 502 10.74 21.37 -45.09
C ARG C 502 10.35 22.59 -45.89
N THR C 503 9.32 22.45 -46.72
CA THR C 503 8.92 23.54 -47.60
C THR C 503 8.11 24.58 -46.84
N ALA C 504 6.99 24.19 -46.28
CA ALA C 504 6.11 25.15 -45.64
C ALA C 504 6.01 24.82 -44.15
N SER C 505 5.44 25.76 -43.41
CA SER C 505 5.37 25.67 -41.96
C SER C 505 3.93 25.43 -41.53
N VAL C 506 3.76 24.51 -40.57
CA VAL C 506 2.44 24.06 -40.14
C VAL C 506 2.23 24.51 -38.70
N ARG C 507 1.11 25.17 -38.45
CA ARG C 507 0.74 25.60 -37.10
C ARG C 507 -0.39 24.74 -36.57
N ALA C 508 -0.58 24.83 -35.26
CA ALA C 508 -1.69 24.18 -34.60
C ALA C 508 -2.73 25.23 -34.23
N ASP C 509 -3.98 24.99 -34.65
CA ASP C 509 -5.02 25.98 -34.41
C ASP C 509 -5.79 25.65 -33.14
N THR C 510 -5.99 24.37 -32.86
CA THR C 510 -6.67 23.90 -31.68
C THR C 510 -5.88 22.76 -31.08
N TYR C 511 -6.48 22.06 -30.15
CA TYR C 511 -6.04 20.72 -29.81
C TYR C 511 -6.24 19.81 -31.00
N CYS C 512 -5.17 19.19 -31.46
CA CYS C 512 -5.20 18.39 -32.67
C CYS C 512 -4.53 17.06 -32.44
N ARG C 513 -5.30 15.98 -32.53
CA ARG C 513 -4.78 14.64 -32.38
C ARG C 513 -4.21 14.18 -33.71
N LEU C 514 -2.97 13.72 -33.70
CA LEU C 514 -2.28 13.35 -34.92
C LEU C 514 -1.69 11.97 -34.78
N TYR C 515 -1.66 11.25 -35.90
CA TYR C 515 -0.90 10.02 -36.01
C TYR C 515 0.30 10.25 -36.89
N SER C 516 1.44 9.76 -36.43
CA SER C 516 2.71 10.03 -37.07
C SER C 516 3.29 8.75 -37.65
N LEU C 517 4.06 8.89 -38.70
CA LEU C 517 4.65 7.76 -39.41
C LEU C 517 6.15 7.99 -39.61
N SER C 518 6.95 7.01 -39.20
CA SER C 518 8.39 7.11 -39.32
C SER C 518 8.84 6.72 -40.71
N VAL C 519 9.97 7.30 -41.15
CA VAL C 519 10.42 7.14 -42.53
C VAL C 519 10.98 5.75 -42.77
N ASP C 520 11.57 5.13 -41.75
CA ASP C 520 12.11 3.78 -41.93
C ASP C 520 10.99 2.77 -42.07
N HIS C 521 9.95 2.90 -41.24
CA HIS C 521 8.75 2.10 -41.39
C HIS C 521 8.08 2.37 -42.73
N PHE C 522 8.13 3.62 -43.18
CA PHE C 522 7.53 3.99 -44.46
C PHE C 522 8.24 3.30 -45.62
N ASN C 523 9.56 3.30 -45.61
CA ASN C 523 10.31 2.61 -46.65
C ASN C 523 10.16 1.11 -46.56
N ALA C 524 9.97 0.57 -45.36
CA ALA C 524 9.72 -0.86 -45.23
C ALA C 524 8.38 -1.25 -45.84
N VAL C 525 7.36 -0.42 -45.62
CA VAL C 525 6.04 -0.70 -46.20
C VAL C 525 6.09 -0.54 -47.72
N LEU C 526 6.88 0.42 -48.20
CA LEU C 526 7.05 0.54 -49.66
C LEU C 526 7.80 -0.65 -50.23
N GLU C 527 8.73 -1.22 -49.47
CA GLU C 527 9.37 -2.45 -49.89
C GLU C 527 8.38 -3.60 -49.91
N GLU C 528 7.40 -3.59 -49.03
CA GLU C 528 6.39 -4.64 -49.04
C GLU C 528 5.38 -4.43 -50.16
N PHE C 529 5.19 -3.20 -50.62
CA PHE C 529 4.15 -2.88 -51.59
C PHE C 529 4.66 -1.88 -52.61
N PRO C 530 4.93 -2.32 -53.84
CA PRO C 530 5.56 -1.41 -54.81
C PRO C 530 4.60 -0.48 -55.52
N MET C 531 3.31 -0.80 -55.61
CA MET C 531 2.42 0.02 -56.43
C MET C 531 2.02 1.30 -55.69
N MET C 532 1.90 1.20 -54.37
CA MET C 532 1.58 2.38 -53.59
C MET C 532 2.73 3.36 -53.53
N ARG C 533 3.96 2.92 -53.83
CA ARG C 533 5.07 3.84 -54.07
C ARG C 533 4.75 4.79 -55.19
N ARG C 534 4.27 4.26 -56.31
CA ARG C 534 3.88 5.10 -57.43
C ARG C 534 2.67 5.95 -57.09
N ALA C 535 1.77 5.42 -56.26
CA ALA C 535 0.63 6.20 -55.80
C ALA C 535 1.07 7.42 -54.99
N PHE C 536 2.01 7.22 -54.06
CA PHE C 536 2.54 8.34 -53.28
C PHE C 536 3.32 9.30 -54.16
N GLU C 537 4.00 8.80 -55.18
CA GLU C 537 4.75 9.69 -56.08
C GLU C 537 3.80 10.58 -56.87
N THR C 538 2.68 10.00 -57.34
CA THR C 538 1.69 10.79 -58.05
C THR C 538 1.04 11.83 -57.15
N VAL C 539 0.70 11.45 -55.91
CA VAL C 539 0.04 12.42 -55.04
C VAL C 539 1.04 13.45 -54.53
N ALA C 540 2.33 13.11 -54.52
CA ALA C 540 3.35 14.09 -54.13
C ALA C 540 3.58 15.09 -55.25
N MET C 541 3.52 14.64 -56.50
CA MET C 541 3.59 15.57 -57.62
C MET C 541 2.36 16.48 -57.65
N ASP C 542 1.20 15.93 -57.31
CA ASP C 542 -0.01 16.76 -57.21
C ASP C 542 0.12 17.77 -56.09
N ARG C 543 0.76 17.38 -54.99
CA ARG C 543 0.98 18.30 -53.88
C ARG C 543 1.96 19.40 -54.26
N LEU C 544 2.98 19.05 -55.05
CA LEU C 544 3.89 20.05 -55.59
C LEU C 544 3.18 21.01 -56.52
N LEU C 545 2.22 20.51 -57.30
CA LEU C 545 1.40 21.39 -58.11
C LEU C 545 0.55 22.31 -57.25
N ARG C 546 0.14 21.82 -56.08
CA ARG C 546 -0.53 22.68 -55.11
C ARG C 546 0.48 23.55 -54.37
N GLY D 50 -35.30 27.24 -25.41
CA GLY D 50 -35.67 25.94 -25.92
C GLY D 50 -34.50 25.01 -26.10
N THR D 51 -33.29 25.56 -26.03
CA THR D 51 -32.08 24.78 -26.17
C THR D 51 -31.56 24.22 -24.85
N LEU D 52 -32.30 24.42 -23.76
CA LEU D 52 -31.84 23.98 -22.46
C LEU D 52 -31.90 22.47 -22.29
N LEU D 53 -32.65 21.77 -23.15
CA LEU D 53 -32.63 20.32 -23.13
C LEU D 53 -31.38 19.76 -23.80
N GLN D 54 -30.68 20.55 -24.56
CA GLN D 54 -29.50 20.08 -25.26
C GLN D 54 -28.26 20.35 -24.43
N PRO D 55 -27.26 19.47 -24.48
CA PRO D 55 -26.02 19.72 -23.76
C PRO D 55 -25.20 20.82 -24.41
N THR D 56 -24.89 21.84 -23.63
CA THR D 56 -24.20 23.01 -24.13
C THR D 56 -22.71 22.72 -24.27
N VAL D 57 -21.97 23.66 -24.84
CA VAL D 57 -20.54 23.49 -25.09
C VAL D 57 -19.80 23.92 -23.84
N ASN D 58 -19.32 22.94 -23.08
CA ASN D 58 -18.62 23.22 -21.84
C ASN D 58 -17.36 22.38 -21.73
N LYS D 59 -16.65 22.52 -20.60
CA LYS D 59 -15.39 21.83 -20.42
C LYS D 59 -15.60 20.33 -20.25
N PHE D 60 -16.60 19.94 -19.46
CA PHE D 60 -16.97 18.53 -19.37
C PHE D 60 -17.50 18.03 -20.70
N SER D 61 -18.22 18.89 -21.43
CA SER D 61 -18.74 18.52 -22.73
C SER D 61 -17.61 18.27 -23.72
N LEU D 62 -16.57 19.10 -23.69
CA LEU D 62 -15.42 18.87 -24.55
C LEU D 62 -14.64 17.64 -24.12
N ARG D 63 -14.50 17.40 -22.82
CA ARG D 63 -13.69 16.27 -22.39
C ARG D 63 -14.44 14.94 -22.55
N VAL D 64 -15.76 14.97 -22.69
CA VAL D 64 -16.49 13.73 -22.93
C VAL D 64 -16.70 13.52 -24.43
N PHE D 65 -17.32 14.49 -25.10
CA PHE D 65 -17.68 14.32 -26.50
C PHE D 65 -16.45 14.41 -27.40
N GLY D 66 -15.57 15.36 -27.15
CA GLY D 66 -14.41 15.54 -28.01
C GLY D 66 -14.29 16.95 -28.54
N SER D 67 -14.42 17.11 -29.85
CA SER D 67 -14.35 18.43 -30.46
C SER D 67 -15.72 19.10 -30.41
N HIS D 68 -15.81 20.29 -31.01
CA HIS D 68 -17.10 20.96 -31.09
C HIS D 68 -18.04 20.23 -32.04
N LYS D 69 -17.49 19.54 -33.04
CA LYS D 69 -18.30 18.80 -33.99
C LYS D 69 -19.01 17.63 -33.33
N ALA D 70 -18.34 16.95 -32.40
CA ALA D 70 -18.99 15.85 -31.68
C ALA D 70 -20.09 16.38 -30.77
N VAL D 71 -19.90 17.58 -30.22
CA VAL D 71 -20.94 18.22 -29.42
C VAL D 71 -22.13 18.56 -30.31
N GLU D 72 -21.87 19.01 -31.54
CA GLU D 72 -22.96 19.29 -32.47
C GLU D 72 -23.67 18.02 -32.91
N ILE D 73 -22.94 16.92 -33.01
CA ILE D 73 -23.56 15.63 -33.33
C ILE D 73 -24.46 15.17 -32.19
N GLU D 74 -24.00 15.35 -30.95
CA GLU D 74 -24.84 15.01 -29.79
C GLU D 74 -26.06 15.93 -29.72
N GLN D 75 -25.90 17.21 -30.05
CA GLN D 75 -27.02 18.13 -30.06
C GLN D 75 -28.03 17.78 -31.14
N GLU D 76 -27.55 17.31 -32.29
CA GLU D 76 -28.45 16.84 -33.33
C GLU D 76 -29.14 15.54 -32.94
N ARG D 77 -28.44 14.68 -32.22
CA ARG D 77 -29.06 13.44 -31.73
C ARG D 77 -30.14 13.74 -30.71
N VAL D 78 -29.95 14.80 -29.91
CA VAL D 78 -31.03 15.26 -29.03
C VAL D 78 -32.17 15.85 -29.85
N LYS D 79 -31.85 16.66 -30.85
CA LYS D 79 -32.83 17.30 -31.70
C LYS D 79 -33.45 16.36 -32.72
N SER D 80 -33.12 15.06 -32.68
CA SER D 80 -33.86 14.06 -33.44
C SER D 80 -35.33 14.08 -33.07
N ALA D 81 -35.64 14.05 -31.78
CA ALA D 81 -36.98 14.36 -31.31
C ALA D 81 -37.01 15.79 -30.77
N GLY D 82 -38.19 16.28 -30.46
CA GLY D 82 -38.33 17.66 -30.03
C GLY D 82 -39.27 17.84 -28.85
N ALA D 83 -38.74 18.41 -27.75
CA ALA D 83 -39.44 18.60 -26.47
C ALA D 83 -39.98 17.30 -25.90
N TRP D 84 -39.31 16.19 -26.21
CA TRP D 84 -39.63 14.90 -25.60
C TRP D 84 -38.46 14.24 -24.91
N ILE D 85 -37.24 14.76 -25.08
CA ILE D 85 -36.04 14.12 -24.56
C ILE D 85 -35.26 15.15 -23.75
N ILE D 86 -34.83 14.76 -22.55
CA ILE D 86 -33.94 15.57 -21.73
C ILE D 86 -32.59 14.89 -21.72
N HIS D 87 -31.59 15.56 -22.29
CA HIS D 87 -30.25 15.00 -22.30
C HIS D 87 -29.67 15.07 -20.89
N PRO D 88 -29.00 14.00 -20.44
CA PRO D 88 -28.61 13.93 -19.03
C PRO D 88 -27.45 14.84 -18.66
N TYR D 89 -26.83 15.52 -19.61
CA TYR D 89 -25.79 16.48 -19.32
C TYR D 89 -26.25 17.90 -19.52
N SER D 90 -27.51 18.11 -19.86
CA SER D 90 -28.02 19.42 -20.14
C SER D 90 -28.15 20.24 -18.86
N ASP D 91 -28.27 21.56 -19.04
CA ASP D 91 -28.35 22.46 -17.88
C ASP D 91 -29.70 22.38 -17.19
N PHE D 92 -30.70 21.81 -17.85
CA PHE D 92 -31.99 21.64 -17.18
C PHE D 92 -31.92 20.60 -16.09
N ARG D 93 -31.16 19.52 -16.32
CA ARG D 93 -30.98 18.52 -15.28
C ARG D 93 -30.17 19.07 -14.11
N PHE D 94 -29.19 19.92 -14.40
CA PHE D 94 -28.50 20.70 -13.36
C PHE D 94 -29.48 21.53 -12.54
N TYR D 95 -30.24 22.37 -13.23
CA TYR D 95 -31.16 23.31 -12.62
C TYR D 95 -32.27 22.60 -11.84
N TRP D 96 -32.56 21.35 -12.18
CA TRP D 96 -33.54 20.55 -11.46
C TRP D 96 -32.93 19.82 -10.27
N ASP D 97 -31.78 19.18 -10.47
CA ASP D 97 -31.16 18.39 -9.41
C ASP D 97 -30.66 19.26 -8.27
N LEU D 98 -30.27 20.50 -8.54
CA LEU D 98 -29.85 21.38 -7.46
C LEU D 98 -31.02 21.69 -6.53
N ILE D 99 -32.23 21.75 -7.07
CA ILE D 99 -33.41 21.92 -6.24
C ILE D 99 -33.72 20.62 -5.50
N MET D 100 -33.67 19.50 -6.23
CA MET D 100 -34.16 18.25 -5.67
C MET D 100 -33.26 17.72 -4.57
N LEU D 101 -31.95 17.99 -4.63
CA LEU D 101 -31.07 17.56 -3.55
C LEU D 101 -31.36 18.31 -2.27
N LEU D 102 -31.62 19.62 -2.36
CA LEU D 102 -31.94 20.38 -1.17
C LEU D 102 -33.28 19.97 -0.59
N LEU D 103 -34.26 19.70 -1.45
CA LEU D 103 -35.54 19.22 -0.94
C LEU D 103 -35.43 17.86 -0.29
N MET D 104 -34.61 16.97 -0.87
CA MET D 104 -34.47 15.64 -0.31
C MET D 104 -33.75 15.68 1.03
N VAL D 105 -32.74 16.55 1.17
CA VAL D 105 -32.05 16.67 2.44
C VAL D 105 -32.97 17.26 3.50
N GLY D 106 -33.77 18.26 3.11
CA GLY D 106 -34.72 18.84 4.04
C GLY D 106 -35.75 17.85 4.52
N ASN D 107 -36.25 17.00 3.62
CA ASN D 107 -37.23 16.00 4.05
C ASN D 107 -36.59 14.93 4.92
N LEU D 108 -35.43 14.42 4.52
CA LEU D 108 -34.79 13.36 5.28
C LEU D 108 -34.30 13.82 6.64
N ILE D 109 -34.14 15.12 6.87
CA ILE D 109 -33.90 15.60 8.21
C ILE D 109 -35.19 15.85 8.96
N VAL D 110 -36.17 16.53 8.35
CA VAL D 110 -37.29 17.03 9.14
C VAL D 110 -38.32 15.96 9.44
N LEU D 111 -38.63 15.10 8.46
CA LEU D 111 -39.78 14.19 8.58
C LEU D 111 -39.81 13.24 9.77
N PRO D 112 -38.73 12.59 10.22
CA PRO D 112 -38.88 11.74 11.41
C PRO D 112 -39.10 12.51 12.68
N VAL D 113 -38.48 13.69 12.80
CA VAL D 113 -38.69 14.52 13.96
C VAL D 113 -40.13 14.99 14.01
N GLY D 114 -40.72 15.26 12.85
CA GLY D 114 -42.11 15.61 12.80
C GLY D 114 -43.04 14.46 13.11
N ILE D 115 -42.66 13.24 12.72
CA ILE D 115 -43.53 12.11 12.98
C ILE D 115 -43.49 11.71 14.44
N THR D 116 -42.29 11.51 14.98
CA THR D 116 -42.18 10.85 16.28
C THR D 116 -42.49 11.78 17.44
N PHE D 117 -41.94 12.98 17.44
CA PHE D 117 -41.99 13.78 18.66
C PHE D 117 -43.27 14.58 18.80
N PHE D 118 -43.81 15.09 17.71
CA PHE D 118 -45.02 15.90 17.81
C PHE D 118 -46.24 15.01 18.02
N LYS D 119 -47.17 15.50 18.84
CA LYS D 119 -48.38 14.74 19.15
C LYS D 119 -49.48 15.01 18.12
N GLU D 120 -49.89 16.26 18.00
CA GLU D 120 -50.94 16.63 17.05
C GLU D 120 -50.34 16.76 15.68
N GLU D 121 -50.59 15.77 14.82
CA GLU D 121 -50.05 15.75 13.47
C GLU D 121 -50.92 16.49 12.47
N ASN D 122 -51.95 17.21 12.94
CA ASN D 122 -52.85 17.92 12.05
C ASN D 122 -52.57 19.42 12.01
N SER D 123 -51.35 19.85 12.28
CA SER D 123 -51.04 21.26 12.15
C SER D 123 -50.99 21.64 10.68
N PRO D 124 -51.43 22.84 10.31
CA PRO D 124 -51.47 23.24 8.89
C PRO D 124 -50.12 23.30 8.19
N PRO D 125 -49.03 23.91 8.75
CA PRO D 125 -47.83 24.03 7.90
C PRO D 125 -47.14 22.70 7.65
N TRP D 126 -47.35 21.74 8.55
CA TRP D 126 -46.89 20.38 8.31
C TRP D 126 -47.59 19.76 7.10
N ILE D 127 -48.89 20.01 6.97
CA ILE D 127 -49.64 19.47 5.84
C ILE D 127 -49.25 20.17 4.55
N VAL D 128 -48.98 21.47 4.63
CA VAL D 128 -48.50 22.23 3.47
C VAL D 128 -47.15 21.71 3.01
N PHE D 129 -46.27 21.45 3.98
CA PHE D 129 -44.93 20.96 3.68
C PHE D 129 -44.98 19.58 3.05
N ASN D 130 -45.87 18.71 3.55
CA ASN D 130 -46.01 17.38 2.97
C ASN D 130 -46.59 17.43 1.56
N VAL D 131 -47.55 18.35 1.33
CA VAL D 131 -48.15 18.47 0.01
C VAL D 131 -47.14 18.98 -1.01
N LEU D 132 -46.31 19.95 -0.60
CA LEU D 132 -45.25 20.46 -1.47
C LEU D 132 -44.22 19.39 -1.79
N SER D 133 -43.83 18.61 -0.78
CA SER D 133 -42.85 17.54 -0.98
C SER D 133 -43.39 16.48 -1.93
N ASP D 134 -44.64 16.08 -1.75
CA ASP D 134 -45.23 15.10 -2.65
C ASP D 134 -45.36 15.64 -4.06
N THR D 135 -45.64 16.93 -4.20
CA THR D 135 -45.76 17.55 -5.51
C THR D 135 -44.44 17.53 -6.26
N PHE D 136 -43.36 18.00 -5.62
CA PHE D 136 -42.07 18.03 -6.31
C PHE D 136 -41.52 16.64 -6.56
N PHE D 137 -41.69 15.72 -5.60
CA PHE D 137 -41.18 14.38 -5.85
C PHE D 137 -42.05 13.57 -6.80
N LEU D 138 -43.26 14.03 -7.12
CA LEU D 138 -43.98 13.39 -8.21
C LEU D 138 -43.58 13.98 -9.56
N LEU D 139 -43.42 15.31 -9.60
CA LEU D 139 -42.94 15.97 -10.81
C LEU D 139 -41.54 15.51 -11.19
N ASP D 140 -40.74 15.10 -10.21
CA ASP D 140 -39.42 14.58 -10.52
C ASP D 140 -39.52 13.28 -11.30
N LEU D 141 -40.45 12.40 -10.93
CA LEU D 141 -40.64 11.16 -11.67
C LEU D 141 -41.18 11.43 -13.07
N VAL D 142 -42.08 12.41 -13.17
CA VAL D 142 -42.62 12.80 -14.48
C VAL D 142 -41.52 13.31 -15.40
N LEU D 143 -40.62 14.14 -14.86
CA LEU D 143 -39.50 14.62 -15.66
C LEU D 143 -38.46 13.54 -15.87
N ASN D 144 -38.43 12.53 -15.00
CA ASN D 144 -37.53 11.39 -15.20
C ASN D 144 -37.92 10.60 -16.41
N PHE D 145 -39.23 10.52 -16.69
CA PHE D 145 -39.74 9.76 -17.83
C PHE D 145 -39.16 10.21 -19.17
N ARG D 146 -38.89 11.50 -19.32
CA ARG D 146 -38.37 12.00 -20.59
C ARG D 146 -36.86 12.10 -20.56
N THR D 147 -36.23 11.77 -19.43
CA THR D 147 -34.82 12.05 -19.26
C THR D 147 -33.96 10.99 -19.96
N GLY D 148 -32.68 11.34 -20.18
CA GLY D 148 -31.74 10.42 -20.76
C GLY D 148 -30.99 9.62 -19.72
N ILE D 149 -30.37 8.54 -20.18
CA ILE D 149 -29.74 7.56 -19.29
C ILE D 149 -28.32 7.30 -19.80
N VAL D 150 -27.34 7.48 -18.92
CA VAL D 150 -25.95 7.21 -19.25
C VAL D 150 -25.62 5.78 -18.87
N VAL D 151 -24.95 5.06 -19.77
CA VAL D 151 -24.49 3.71 -19.50
C VAL D 151 -22.99 3.61 -19.75
N GLU D 156 -24.78 7.24 -24.45
CA GLU D 156 -25.96 7.76 -23.77
C GLU D 156 -27.22 7.36 -24.51
N ILE D 157 -28.00 6.47 -23.91
CA ILE D 157 -29.21 5.93 -24.52
C ILE D 157 -30.28 7.02 -24.45
N LEU D 158 -30.46 7.73 -25.56
CA LEU D 158 -31.45 8.80 -25.62
C LEU D 158 -32.74 8.37 -26.31
N LEU D 159 -32.92 7.07 -26.55
CA LEU D 159 -34.13 6.55 -27.18
C LEU D 159 -35.28 6.64 -26.19
N ALA D 160 -36.21 7.57 -26.45
CA ALA D 160 -37.22 7.89 -25.44
C ALA D 160 -38.30 6.81 -25.28
N PRO D 161 -39.04 6.39 -26.32
CA PRO D 161 -40.21 5.54 -26.03
C PRO D 161 -39.86 4.10 -25.66
N ARG D 162 -38.66 3.64 -25.93
CA ARG D 162 -38.31 2.24 -25.72
C ARG D 162 -37.33 2.04 -24.56
N ALA D 163 -36.17 2.71 -24.61
CA ALA D 163 -35.14 2.44 -23.63
C ALA D 163 -35.48 3.01 -22.26
N ILE D 164 -36.12 4.19 -22.24
CA ILE D 164 -36.38 4.87 -20.99
C ILE D 164 -37.44 4.12 -20.18
N ARG D 165 -38.54 3.74 -20.84
CA ARG D 165 -39.64 3.08 -20.15
C ARG D 165 -39.25 1.71 -19.63
N THR D 166 -38.56 0.93 -20.46
CA THR D 166 -38.10 -0.39 -20.03
C THR D 166 -37.01 -0.30 -18.98
N ARG D 167 -36.13 0.70 -19.07
CA ARG D 167 -35.09 0.84 -18.07
C ARG D 167 -35.65 1.30 -16.73
N TYR D 168 -36.73 2.08 -16.73
CA TYR D 168 -37.38 2.37 -15.45
C TYR D 168 -38.09 1.15 -14.89
N LEU D 169 -38.95 0.53 -15.71
CA LEU D 169 -39.75 -0.59 -15.24
C LEU D 169 -38.91 -1.82 -14.91
N ARG D 170 -37.65 -1.85 -15.32
CA ARG D 170 -36.74 -2.91 -14.94
C ARG D 170 -35.92 -2.58 -13.70
N THR D 171 -35.51 -1.33 -13.52
CA THR D 171 -34.50 -1.01 -12.51
C THR D 171 -35.01 -0.16 -11.35
N TRP D 172 -35.51 1.05 -11.62
CA TRP D 172 -35.71 2.00 -10.53
C TRP D 172 -37.03 2.75 -10.66
N PHE D 173 -38.11 2.06 -11.01
CA PHE D 173 -39.39 2.76 -11.01
C PHE D 173 -40.17 2.53 -9.73
N LEU D 174 -40.05 1.32 -9.17
CA LEU D 174 -40.88 0.93 -8.05
C LEU D 174 -40.53 1.71 -6.79
N VAL D 175 -39.23 1.89 -6.52
CA VAL D 175 -38.80 2.58 -5.31
C VAL D 175 -39.19 4.05 -5.36
N ASP D 176 -39.00 4.69 -6.52
CA ASP D 176 -39.38 6.09 -6.68
C ASP D 176 -40.89 6.26 -6.63
N LEU D 177 -41.63 5.26 -7.13
CA LEU D 177 -43.09 5.34 -7.10
C LEU D 177 -43.62 5.22 -5.68
N ILE D 178 -43.05 4.32 -4.89
CA ILE D 178 -43.44 4.14 -3.50
C ILE D 178 -43.09 5.38 -2.70
N SER D 179 -41.87 5.89 -2.87
CA SER D 179 -41.45 7.07 -2.13
C SER D 179 -42.15 8.33 -2.59
N SER D 180 -42.75 8.33 -3.77
CA SER D 180 -43.37 9.55 -4.27
C SER D 180 -44.71 9.82 -3.63
N ILE D 181 -45.65 8.90 -3.78
CA ILE D 181 -47.06 9.17 -3.46
C ILE D 181 -47.30 9.16 -1.95
N PRO D 182 -48.21 10.00 -1.45
CA PRO D 182 -48.53 9.97 -0.02
C PRO D 182 -49.45 8.82 0.35
N VAL D 183 -48.91 7.83 1.03
CA VAL D 183 -49.66 6.62 1.34
C VAL D 183 -50.66 6.88 2.46
N ASP D 184 -50.25 7.68 3.46
CA ASP D 184 -51.03 7.83 4.68
C ASP D 184 -52.33 8.60 4.45
N TYR D 185 -52.31 9.55 3.51
CA TYR D 185 -53.52 10.31 3.22
C TYR D 185 -54.55 9.44 2.52
N ILE D 186 -54.09 8.44 1.76
CA ILE D 186 -54.99 7.50 1.10
C ILE D 186 -55.73 6.66 2.13
N PHE D 187 -54.99 6.08 3.09
CA PHE D 187 -55.61 5.29 4.14
C PHE D 187 -56.45 6.15 5.07
N LEU D 188 -56.13 7.45 5.15
CA LEU D 188 -56.96 8.36 5.91
C LEU D 188 -58.29 8.61 5.22
N VAL D 189 -58.27 8.74 3.89
CA VAL D 189 -59.51 8.95 3.14
C VAL D 189 -60.37 7.68 3.17
N VAL D 190 -59.73 6.52 3.02
CA VAL D 190 -60.48 5.26 2.99
C VAL D 190 -61.07 4.95 4.36
N GLU D 191 -60.24 4.95 5.40
CA GLU D 191 -60.72 4.70 6.76
C GLU D 191 -61.22 6.00 7.40
N ARG D 205 -60.54 1.75 18.56
CA ARG D 205 -59.45 1.17 17.78
C ARG D 205 -58.77 2.22 16.92
N ALA D 206 -58.88 3.49 17.34
CA ALA D 206 -58.29 4.57 16.58
C ALA D 206 -56.78 4.63 16.74
N LEU D 207 -56.25 4.14 17.86
CA LEU D 207 -54.82 4.25 18.13
C LEU D 207 -54.00 3.35 17.22
N ARG D 208 -54.52 2.14 16.94
CA ARG D 208 -53.86 1.26 15.98
C ARG D 208 -53.88 1.85 14.58
N ILE D 209 -54.97 2.56 14.24
CA ILE D 209 -55.07 3.22 12.95
C ILE D 209 -54.06 4.37 12.84
N VAL D 210 -53.90 5.15 13.91
CA VAL D 210 -52.96 6.26 13.91
C VAL D 210 -51.52 5.76 13.84
N ARG D 211 -51.19 4.70 14.59
CA ARG D 211 -49.87 4.10 14.50
C ARG D 211 -49.61 3.50 13.13
N PHE D 212 -50.64 2.92 12.52
CA PHE D 212 -50.55 2.37 11.18
C PHE D 212 -50.27 3.48 10.17
N THR D 213 -50.94 4.63 10.31
CA THR D 213 -50.66 5.76 9.44
C THR D 213 -49.29 6.34 9.66
N LYS D 214 -48.77 6.30 10.89
CA LYS D 214 -47.43 6.79 11.14
C LYS D 214 -46.39 5.93 10.45
N ILE D 215 -46.54 4.61 10.55
CA ILE D 215 -45.60 3.71 9.89
C ILE D 215 -45.75 3.80 8.37
N LEU D 216 -46.96 4.06 7.88
CA LEU D 216 -47.12 4.28 6.44
C LEU D 216 -46.50 5.59 5.99
N SER D 217 -46.59 6.63 6.81
CA SER D 217 -45.93 7.89 6.50
C SER D 217 -44.42 7.79 6.56
N LEU D 218 -43.88 6.77 7.24
CA LEU D 218 -42.46 6.48 7.14
C LEU D 218 -42.03 5.91 5.79
N LEU D 219 -42.90 5.72 4.82
CA LEU D 219 -42.47 5.26 3.50
C LEU D 219 -41.81 6.35 2.69
N ARG D 220 -41.80 7.59 3.17
CA ARG D 220 -41.10 8.67 2.52
C ARG D 220 -39.59 8.48 2.52
N LEU D 221 -39.07 7.61 3.36
CA LEU D 221 -37.65 7.44 3.57
C LEU D 221 -36.94 6.76 2.41
N LEU D 222 -37.66 6.28 1.40
CA LEU D 222 -37.03 5.66 0.25
C LEU D 222 -36.51 6.67 -0.76
N ARG D 223 -36.66 7.96 -0.47
CA ARG D 223 -36.05 9.00 -1.29
C ARG D 223 -34.53 9.04 -1.14
N LEU D 224 -34.00 8.37 -0.11
CA LEU D 224 -32.57 8.20 0.06
C LEU D 224 -31.93 7.51 -1.14
N SER D 225 -32.62 6.53 -1.72
CA SER D 225 -32.08 5.84 -2.89
C SER D 225 -31.99 6.74 -4.10
N ARG D 226 -32.86 7.73 -4.21
CA ARG D 226 -32.75 8.68 -5.29
C ARG D 226 -31.66 9.70 -5.02
N LEU D 227 -31.53 10.13 -3.76
CA LEU D 227 -30.49 11.05 -3.37
C LEU D 227 -29.11 10.46 -3.64
N ILE D 228 -28.94 9.18 -3.35
CA ILE D 228 -27.64 8.52 -3.57
C ILE D 228 -27.32 8.46 -5.05
N ARG D 229 -28.34 8.21 -5.87
CA ARG D 229 -28.15 8.14 -7.32
C ARG D 229 -27.74 9.50 -7.89
N TYR D 230 -28.42 10.56 -7.48
CA TYR D 230 -28.05 11.88 -7.99
C TYR D 230 -26.71 12.36 -7.45
N ILE D 231 -26.37 12.02 -6.21
CA ILE D 231 -25.07 12.42 -5.68
C ILE D 231 -23.95 11.69 -6.41
N HIS D 232 -24.14 10.41 -6.72
CA HIS D 232 -23.13 9.71 -7.49
C HIS D 232 -23.04 10.20 -8.92
N GLN D 233 -24.15 10.66 -9.50
CA GLN D 233 -24.06 11.25 -10.84
C GLN D 233 -23.30 12.57 -10.82
N TRP D 234 -23.52 13.37 -9.77
CA TRP D 234 -22.76 14.62 -9.63
C TRP D 234 -21.28 14.31 -9.46
N GLU D 235 -20.95 13.37 -8.58
CA GLU D 235 -19.56 13.09 -8.29
C GLU D 235 -18.85 12.49 -9.48
N GLU D 236 -19.59 11.74 -10.32
CA GLU D 236 -19.03 11.32 -11.60
C GLU D 236 -18.83 12.50 -12.55
N ILE D 237 -19.66 13.53 -12.44
CA ILE D 237 -19.41 14.71 -13.29
C ILE D 237 -18.17 15.46 -12.82
N PHE D 238 -18.07 15.79 -11.55
CA PHE D 238 -17.04 16.73 -11.11
C PHE D 238 -15.71 16.09 -10.76
N HIS D 239 -15.39 14.92 -11.30
CA HIS D 239 -13.99 14.53 -11.37
C HIS D 239 -13.30 15.07 -12.61
N MET D 240 -14.03 15.81 -13.44
CA MET D 240 -13.51 16.10 -14.77
C MET D 240 -13.46 17.60 -15.00
N THR D 241 -14.39 18.35 -14.43
CA THR D 241 -14.29 19.81 -14.50
C THR D 241 -13.25 20.33 -13.51
N TYR D 242 -13.13 19.67 -12.37
CA TYR D 242 -12.13 20.03 -11.38
C TYR D 242 -11.37 18.78 -11.00
N ASP D 243 -10.05 18.91 -10.87
CA ASP D 243 -9.26 17.80 -10.35
C ASP D 243 -9.46 17.71 -8.85
N LEU D 244 -10.03 16.59 -8.41
CA LEU D 244 -10.33 16.40 -7.00
C LEU D 244 -9.70 15.09 -6.54
N ALA D 245 -9.16 15.09 -5.33
CA ALA D 245 -8.73 13.84 -4.73
C ALA D 245 -9.95 12.97 -4.45
N SER D 246 -9.87 11.72 -4.90
CA SER D 246 -11.03 10.83 -4.82
C SER D 246 -11.38 10.47 -3.39
N ALA D 247 -10.36 10.30 -2.56
CA ALA D 247 -10.57 9.87 -1.18
C ALA D 247 -11.32 10.92 -0.38
N VAL D 248 -11.16 12.19 -0.71
CA VAL D 248 -11.88 13.25 -0.01
C VAL D 248 -13.36 13.17 -0.31
N VAL D 249 -13.71 12.90 -1.56
CA VAL D 249 -15.10 12.75 -1.97
C VAL D 249 -15.72 11.55 -1.26
N ARG D 250 -14.99 10.43 -1.23
CA ARG D 250 -15.49 9.23 -0.58
C ARG D 250 -15.71 9.46 0.91
N ILE D 251 -14.80 10.15 1.56
CA ILE D 251 -14.89 10.27 3.01
C ILE D 251 -15.94 11.29 3.41
N PHE D 252 -16.17 12.32 2.60
CA PHE D 252 -17.26 13.23 2.97
C PHE D 252 -18.62 12.62 2.65
N ASN D 253 -18.69 11.77 1.65
CA ASN D 253 -19.90 10.98 1.43
C ASN D 253 -20.20 10.07 2.62
N LEU D 254 -19.15 9.44 3.17
CA LEU D 254 -19.34 8.56 4.31
C LEU D 254 -19.73 9.34 5.57
N ILE D 255 -19.16 10.53 5.75
CA ILE D 255 -19.48 11.34 6.92
C ILE D 255 -20.94 11.77 6.89
N GLY D 256 -21.42 12.18 5.70
CA GLY D 256 -22.82 12.50 5.56
C GLY D 256 -23.73 11.32 5.85
N MET D 257 -23.34 10.13 5.38
CA MET D 257 -24.14 8.94 5.65
C MET D 257 -24.18 8.59 7.14
N MET D 258 -23.04 8.73 7.83
CA MET D 258 -23.00 8.40 9.25
C MET D 258 -23.84 9.36 10.08
N LEU D 259 -23.74 10.66 9.77
CA LEU D 259 -24.56 11.64 10.50
C LEU D 259 -26.03 11.39 10.28
N LEU D 260 -26.41 11.03 9.05
CA LEU D 260 -27.80 10.75 8.77
C LEU D 260 -28.28 9.52 9.52
N LEU D 261 -27.44 8.48 9.61
CA LEU D 261 -27.86 7.27 10.31
C LEU D 261 -28.02 7.49 11.81
N CYS D 262 -27.14 8.30 12.40
CA CYS D 262 -27.30 8.59 13.82
C CYS D 262 -28.56 9.41 14.08
N HIS D 263 -28.88 10.32 13.15
CA HIS D 263 -30.13 11.06 13.27
C HIS D 263 -31.34 10.18 13.08
N TRP D 264 -31.22 9.10 12.30
CA TRP D 264 -32.34 8.16 12.23
C TRP D 264 -32.51 7.43 13.55
N ASP D 265 -31.41 6.96 14.14
CA ASP D 265 -31.52 6.07 15.29
C ASP D 265 -32.04 6.79 16.51
N GLY D 266 -31.75 8.09 16.62
CA GLY D 266 -32.35 8.87 17.70
C GLY D 266 -33.86 8.88 17.62
N CYS D 267 -34.39 9.18 16.44
CA CYS D 267 -35.83 9.21 16.22
C CYS D 267 -36.44 7.84 16.41
N LEU D 268 -35.70 6.79 16.05
CA LEU D 268 -36.24 5.44 16.15
C LEU D 268 -36.32 5.00 17.60
N GLN D 269 -35.31 5.32 18.39
CA GLN D 269 -35.29 4.89 19.78
C GLN D 269 -36.20 5.73 20.64
N PHE D 270 -36.68 6.85 20.11
CA PHE D 270 -37.83 7.44 20.79
C PHE D 270 -39.14 6.90 20.23
N LEU D 271 -39.14 6.48 18.96
CA LEU D 271 -40.39 6.09 18.31
C LEU D 271 -40.94 4.79 18.87
N VAL D 272 -40.07 3.87 19.21
CA VAL D 272 -40.55 2.56 19.68
C VAL D 272 -41.27 2.63 21.03
N PRO D 273 -40.83 3.40 22.05
CA PRO D 273 -41.70 3.54 23.22
C PRO D 273 -42.95 4.39 23.00
N MET D 274 -43.02 5.14 21.91
CA MET D 274 -44.27 5.81 21.57
C MET D 274 -45.36 4.83 21.24
N LEU D 275 -45.07 3.86 20.38
CA LEU D 275 -46.08 2.94 19.90
C LEU D 275 -46.57 1.96 20.96
N GLN D 276 -45.82 1.80 22.04
CA GLN D 276 -46.26 0.95 23.13
C GLN D 276 -46.83 1.74 24.30
N ASP D 277 -47.14 3.02 24.08
CA ASP D 277 -47.78 3.90 25.06
C ASP D 277 -46.96 4.03 26.33
N PHE D 278 -45.63 4.02 26.19
CA PHE D 278 -44.63 4.16 27.25
C PHE D 278 -44.79 3.16 28.38
N PRO D 279 -44.38 1.91 28.20
CA PRO D 279 -44.36 0.95 29.31
C PRO D 279 -43.41 1.38 30.40
N PRO D 280 -43.57 0.89 31.63
CA PRO D 280 -42.65 1.30 32.69
C PRO D 280 -41.25 0.74 32.55
N ASP D 281 -41.05 -0.23 31.65
CA ASP D 281 -39.73 -0.80 31.46
C ASP D 281 -38.86 0.08 30.58
N CYS D 282 -39.47 0.97 29.78
CA CYS D 282 -38.69 1.74 28.82
C CYS D 282 -37.92 2.84 29.53
N TRP D 283 -36.89 3.35 28.85
CA TRP D 283 -35.98 4.30 29.49
C TRP D 283 -36.62 5.65 29.69
N VAL D 284 -37.64 5.98 28.91
CA VAL D 284 -38.30 7.28 29.03
C VAL D 284 -39.04 7.36 30.34
N SER D 285 -39.77 6.31 30.69
CA SER D 285 -40.48 6.25 31.96
C SER D 285 -39.53 6.19 33.13
N ILE D 286 -38.38 5.52 32.96
CA ILE D 286 -37.42 5.40 34.04
C ILE D 286 -36.76 6.74 34.33
N ASN D 287 -36.41 7.47 33.28
CA ASN D 287 -35.84 8.79 33.49
C ASN D 287 -36.90 9.85 33.76
N HIS D 288 -38.18 9.48 33.72
CA HIS D 288 -39.32 10.35 34.05
C HIS D 288 -39.34 11.59 33.16
N MET D 289 -39.29 11.37 31.86
CA MET D 289 -39.18 12.45 30.90
C MET D 289 -40.22 12.33 29.82
N VAL D 290 -41.42 11.88 30.20
CA VAL D 290 -42.51 11.82 29.26
C VAL D 290 -43.04 13.21 28.96
N ASN D 291 -43.12 14.06 29.97
CA ASN D 291 -43.81 15.34 29.85
C ASN D 291 -42.86 16.51 29.66
N HIS D 292 -41.69 16.28 29.09
CA HIS D 292 -40.82 17.39 28.76
C HIS D 292 -41.08 17.84 27.32
N SER D 293 -40.41 18.91 26.91
CA SER D 293 -40.56 19.41 25.56
C SER D 293 -39.88 18.47 24.58
N TRP D 294 -40.17 18.67 23.30
CA TRP D 294 -39.68 17.74 22.29
C TRP D 294 -38.19 17.90 22.06
N GLY D 295 -37.66 19.09 22.32
CA GLY D 295 -36.24 19.30 22.12
C GLY D 295 -35.38 18.52 23.09
N ARG D 296 -35.78 18.50 24.36
CA ARG D 296 -35.00 17.80 25.36
C ARG D 296 -35.13 16.29 25.19
N GLN D 297 -36.31 15.84 24.78
CA GLN D 297 -36.49 14.43 24.48
C GLN D 297 -35.66 14.01 23.29
N TYR D 298 -35.59 14.87 22.27
CA TYR D 298 -34.73 14.58 21.13
C TYR D 298 -33.27 14.56 21.51
N SER D 299 -32.87 15.43 22.45
CA SER D 299 -31.49 15.45 22.90
C SER D 299 -31.12 14.17 23.61
N HIS D 300 -31.96 13.72 24.53
CA HIS D 300 -31.65 12.48 25.24
C HIS D 300 -31.69 11.27 24.32
N ALA D 301 -32.62 11.25 23.36
CA ALA D 301 -32.68 10.13 22.44
C ALA D 301 -31.48 10.10 21.53
N LEU D 302 -31.01 11.26 21.08
CA LEU D 302 -29.84 11.28 20.23
C LEU D 302 -28.59 10.91 21.00
N PHE D 303 -28.51 11.28 22.27
CA PHE D 303 -27.39 10.85 23.10
C PHE D 303 -27.38 9.35 23.26
N LYS D 304 -28.55 8.75 23.50
CA LYS D 304 -28.63 7.30 23.63
C LYS D 304 -28.23 6.60 22.34
N ALA D 305 -28.67 7.14 21.20
CA ALA D 305 -28.37 6.50 19.93
C ALA D 305 -26.91 6.63 19.58
N MET D 306 -26.31 7.78 19.84
CA MET D 306 -24.90 7.96 19.54
C MET D 306 -24.04 7.14 20.48
N SER D 307 -24.46 6.98 21.72
CA SER D 307 -23.68 6.16 22.64
C SER D 307 -23.78 4.69 22.29
N HIS D 308 -24.90 4.25 21.73
CA HIS D 308 -24.90 2.88 21.21
C HIS D 308 -24.07 2.78 19.96
N MET D 309 -24.06 3.83 19.15
CA MET D 309 -23.41 3.74 17.86
C MET D 309 -21.90 3.78 17.97
N LEU D 310 -21.36 4.55 18.91
CA LEU D 310 -19.92 4.60 19.09
C LEU D 310 -19.43 3.63 20.13
N CYS D 311 -20.26 2.65 20.50
CA CYS D 311 -19.88 1.54 21.39
C CYS D 311 -19.42 2.03 22.76
N ILE D 312 -20.37 2.59 23.52
CA ILE D 312 -20.05 3.21 24.80
C ILE D 312 -20.56 2.40 25.98
N GLY D 313 -21.86 2.20 26.04
CA GLY D 313 -22.48 1.65 27.22
C GLY D 313 -23.33 2.69 27.89
N TYR D 314 -24.65 2.57 27.76
CA TYR D 314 -25.50 3.71 28.06
C TYR D 314 -26.02 3.75 29.49
N GLY D 315 -26.84 2.78 29.87
CA GLY D 315 -27.62 2.94 31.07
C GLY D 315 -26.97 2.32 32.28
N GLN D 316 -27.64 2.47 33.42
CA GLN D 316 -27.27 1.67 34.58
C GLN D 316 -27.59 0.21 34.34
N GLN D 317 -28.86 -0.10 34.13
CA GLN D 317 -29.27 -1.48 33.97
C GLN D 317 -29.07 -1.94 32.53
N ALA D 318 -29.11 -3.24 32.34
CA ALA D 318 -29.30 -3.80 31.02
C ALA D 318 -30.71 -3.46 30.55
N PRO D 319 -30.92 -3.29 29.24
CA PRO D 319 -32.26 -3.02 28.75
C PRO D 319 -33.19 -4.20 28.96
N VAL D 320 -34.32 -3.93 29.59
CA VAL D 320 -35.17 -4.98 30.12
C VAL D 320 -36.18 -5.43 29.08
N GLY D 321 -36.81 -4.47 28.42
CA GLY D 321 -37.82 -4.81 27.43
C GLY D 321 -37.20 -5.43 26.21
N MET D 322 -37.86 -6.47 25.69
CA MET D 322 -37.32 -7.21 24.56
C MET D 322 -37.19 -6.41 23.26
N PRO D 323 -38.11 -5.51 22.85
CA PRO D 323 -37.80 -4.71 21.66
C PRO D 323 -36.69 -3.70 21.84
N ASP D 324 -36.35 -3.34 23.08
CA ASP D 324 -35.21 -2.46 23.28
C ASP D 324 -33.91 -3.16 22.99
N VAL D 325 -33.85 -4.45 23.31
CA VAL D 325 -32.61 -5.21 23.19
C VAL D 325 -32.21 -5.35 21.73
N TRP D 326 -33.17 -5.63 20.87
CA TRP D 326 -32.83 -5.86 19.48
C TRP D 326 -32.51 -4.57 18.74
N LEU D 327 -33.17 -3.46 19.09
CA LEU D 327 -32.79 -2.18 18.53
C LEU D 327 -31.39 -1.79 18.97
N THR D 328 -31.08 -2.05 20.23
CA THR D 328 -29.76 -1.78 20.76
C THR D 328 -28.71 -2.55 19.98
N MET D 329 -28.94 -3.84 19.79
CA MET D 329 -27.96 -4.68 19.09
C MET D 329 -27.83 -4.27 17.63
N LEU D 330 -28.94 -3.87 17.01
CA LEU D 330 -28.91 -3.43 15.63
C LEU D 330 -28.08 -2.17 15.48
N SER D 331 -28.32 -1.19 16.35
CA SER D 331 -27.58 0.06 16.27
C SER D 331 -26.11 -0.14 16.61
N MET D 332 -25.80 -1.08 17.49
CA MET D 332 -24.41 -1.38 17.80
C MET D 332 -23.68 -1.97 16.60
N ILE D 333 -24.33 -2.89 15.89
CA ILE D 333 -23.70 -3.50 14.72
C ILE D 333 -23.49 -2.47 13.61
N VAL D 334 -24.50 -1.62 13.39
CA VAL D 334 -24.40 -0.60 12.35
C VAL D 334 -23.29 0.39 12.68
N GLY D 335 -23.17 0.77 13.94
CA GLY D 335 -22.15 1.72 14.32
C GLY D 335 -20.76 1.15 14.23
N ALA D 336 -20.61 -0.14 14.58
CA ALA D 336 -19.31 -0.78 14.49
C ALA D 336 -18.85 -0.87 13.04
N THR D 337 -19.75 -1.23 12.13
CA THR D 337 -19.34 -1.34 10.73
C THR D 337 -19.05 0.03 10.12
N CYS D 338 -19.84 1.05 10.49
CA CYS D 338 -19.58 2.38 9.95
C CYS D 338 -18.26 2.94 10.46
N TYR D 339 -17.94 2.66 11.72
CA TYR D 339 -16.69 3.17 12.26
C TYR D 339 -15.51 2.43 11.65
N ALA D 340 -15.68 1.15 11.33
CA ALA D 340 -14.62 0.41 10.66
C ALA D 340 -14.35 0.96 9.27
N MET D 341 -15.41 1.25 8.51
CA MET D 341 -15.20 1.81 7.18
C MET D 341 -14.64 3.22 7.25
N PHE D 342 -14.95 3.95 8.31
CA PHE D 342 -14.37 5.27 8.48
C PHE D 342 -12.87 5.19 8.75
N ILE D 343 -12.45 4.20 9.55
CA ILE D 343 -11.01 3.99 9.79
C ILE D 343 -10.33 3.61 8.48
N GLY D 344 -10.99 2.80 7.66
CA GLY D 344 -10.41 2.43 6.38
C GLY D 344 -10.23 3.59 5.43
N HIS D 345 -11.23 4.46 5.33
CA HIS D 345 -11.10 5.63 4.47
C HIS D 345 -10.05 6.60 4.99
N ALA D 346 -9.94 6.74 6.31
CA ALA D 346 -8.93 7.63 6.85
C ALA D 346 -7.53 7.10 6.59
N THR D 347 -7.35 5.79 6.67
CA THR D 347 -6.05 5.20 6.39
C THR D 347 -5.67 5.37 4.93
N ALA D 348 -6.63 5.14 4.04
CA ALA D 348 -6.36 5.30 2.62
C ALA D 348 -6.12 6.75 2.26
N LEU D 349 -6.70 7.69 2.99
CA LEU D 349 -6.39 9.09 2.73
C LEU D 349 -5.01 9.46 3.23
N ILE D 350 -4.61 8.93 4.39
CA ILE D 350 -3.32 9.30 4.95
C ILE D 350 -2.17 8.73 4.12
N GLN D 351 -2.34 7.53 3.58
CA GLN D 351 -1.27 6.93 2.78
C GLN D 351 -1.05 7.64 1.45
N SER D 352 -1.93 8.55 1.05
CA SER D 352 -1.75 9.26 -0.20
C SER D 352 -1.43 10.73 0.01
N LEU D 353 -0.59 11.05 0.98
CA LEU D 353 -0.27 12.46 1.20
C LEU D 353 1.14 12.82 0.72
N ASP D 354 2.13 12.04 1.11
CA ASP D 354 3.53 12.36 0.83
C ASP D 354 4.21 11.19 0.15
N SER D 355 3.55 10.68 -0.88
CA SER D 355 4.06 9.51 -1.60
C SER D 355 5.34 9.83 -2.36
N SER D 356 5.48 11.08 -2.82
CA SER D 356 6.71 11.48 -3.48
C SER D 356 7.89 11.44 -2.53
N ARG D 357 7.69 11.86 -1.29
CA ARG D 357 8.75 11.75 -0.30
C ARG D 357 8.95 10.33 0.18
N ARG D 358 7.90 9.52 0.14
CA ARG D 358 7.99 8.13 0.57
C ARG D 358 8.77 7.26 -0.42
N GLN D 359 8.60 7.53 -1.71
CA GLN D 359 9.34 6.77 -2.70
C GLN D 359 10.82 7.08 -2.66
N TYR D 360 11.19 8.32 -2.35
CA TYR D 360 12.59 8.66 -2.14
C TYR D 360 13.16 7.90 -0.97
N GLN D 361 12.37 7.75 0.09
CA GLN D 361 12.81 7.02 1.26
C GLN D 361 13.02 5.55 0.93
N GLU D 362 12.09 4.95 0.19
CA GLU D 362 12.22 3.55 -0.20
C GLU D 362 13.41 3.33 -1.11
N LYS D 363 13.65 4.28 -2.02
CA LYS D 363 14.79 4.14 -2.93
C LYS D 363 16.11 4.23 -2.18
N TYR D 364 16.19 5.11 -1.17
CA TYR D 364 17.44 5.16 -0.43
C TYR D 364 17.62 3.95 0.47
N LYS D 365 16.52 3.39 0.99
CA LYS D 365 16.61 2.12 1.69
C LYS D 365 17.16 1.04 0.77
N GLN D 366 16.73 1.06 -0.50
CA GLN D 366 17.23 0.10 -1.46
C GLN D 366 18.72 0.31 -1.73
N VAL D 367 19.15 1.56 -1.77
CA VAL D 367 20.54 1.87 -2.04
C VAL D 367 21.44 1.41 -0.91
N GLU D 368 21.02 1.66 0.33
CA GLU D 368 21.85 1.23 1.44
C GLU D 368 21.76 -0.27 1.64
N GLN D 369 20.69 -0.90 1.15
CA GLN D 369 20.67 -2.36 1.07
C GLN D 369 21.74 -2.88 0.12
N TYR D 370 21.86 -2.25 -1.05
CA TYR D 370 22.91 -2.62 -2.00
C TYR D 370 24.30 -2.31 -1.44
N MET D 371 24.42 -1.23 -0.68
CA MET D 371 25.68 -0.88 -0.04
C MET D 371 26.07 -1.94 0.97
N SER D 372 25.08 -2.45 1.70
CA SER D 372 25.37 -3.49 2.70
C SER D 372 25.71 -4.81 2.04
N PHE D 373 25.15 -5.06 0.83
CA PHE D 373 25.37 -6.36 0.20
C PHE D 373 26.81 -6.57 -0.22
N HIS D 374 27.49 -5.50 -0.63
CA HIS D 374 28.89 -5.65 -1.02
C HIS D 374 29.86 -5.23 0.06
N LYS D 375 29.34 -4.90 1.25
CA LYS D 375 30.15 -4.62 2.44
C LYS D 375 31.08 -3.42 2.22
N LEU D 376 30.50 -2.34 1.73
CA LEU D 376 31.28 -1.19 1.34
C LEU D 376 31.80 -0.45 2.57
N PRO D 377 32.92 0.27 2.44
CA PRO D 377 33.42 1.06 3.56
C PRO D 377 32.52 2.24 3.88
N ALA D 378 32.82 2.87 5.00
CA ALA D 378 31.95 3.92 5.52
C ALA D 378 32.09 5.21 4.71
N ASP D 379 33.33 5.58 4.38
CA ASP D 379 33.57 6.82 3.65
C ASP D 379 32.98 6.77 2.25
N THR D 380 33.06 5.60 1.61
CA THR D 380 32.40 5.41 0.32
C THR D 380 30.90 5.53 0.48
N ARG D 381 30.34 4.98 1.56
CA ARG D 381 28.91 5.00 1.78
C ARG D 381 28.41 6.42 1.99
N GLN D 382 29.15 7.22 2.74
CA GLN D 382 28.72 8.60 2.92
C GLN D 382 28.99 9.43 1.68
N ARG D 383 29.97 9.03 0.86
CA ARG D 383 30.16 9.72 -0.42
C ARG D 383 28.96 9.49 -1.35
N ILE D 384 28.46 8.25 -1.36
CA ILE D 384 27.23 7.94 -2.10
C ILE D 384 26.05 8.73 -1.55
N HIS D 385 25.99 8.85 -0.23
CA HIS D 385 24.89 9.57 0.42
C HIS D 385 24.93 11.05 0.06
N GLU D 386 26.13 11.64 0.03
CA GLU D 386 26.27 13.03 -0.38
C GLU D 386 25.92 13.20 -1.85
N TYR D 387 26.25 12.20 -2.66
CA TYR D 387 25.90 12.27 -4.08
C TYR D 387 24.39 12.31 -4.28
N TYR D 388 23.66 11.49 -3.54
CA TYR D 388 22.21 11.51 -3.69
C TYR D 388 21.59 12.77 -3.12
N GLU D 389 22.16 13.29 -2.03
CA GLU D 389 21.64 14.52 -1.46
C GLU D 389 21.85 15.70 -2.38
N HIS D 390 22.95 15.70 -3.13
CA HIS D 390 23.16 16.81 -4.03
C HIS D 390 22.71 16.51 -5.45
N ARG D 391 22.18 15.32 -5.70
CA ARG D 391 21.59 15.00 -6.98
C ARG D 391 20.09 15.15 -6.99
N TYR D 392 19.38 14.48 -6.08
CA TYR D 392 17.94 14.43 -6.15
C TYR D 392 17.23 15.37 -5.20
N GLN D 393 17.87 15.76 -4.08
CA GLN D 393 17.33 16.67 -3.08
C GLN D 393 16.01 16.16 -2.51
N GLY D 394 15.97 14.86 -2.23
CA GLY D 394 14.79 14.28 -1.62
C GLY D 394 13.63 14.05 -2.56
N LYS D 395 13.85 14.16 -3.86
CA LYS D 395 12.78 14.10 -4.84
C LYS D 395 12.96 12.87 -5.72
N MET D 396 11.99 11.97 -5.70
CA MET D 396 12.11 10.70 -6.41
C MET D 396 11.38 10.78 -7.73
N PHE D 397 11.96 11.47 -8.71
CA PHE D 397 11.34 11.67 -10.01
C PHE D 397 12.11 10.94 -11.09
N ASP D 398 11.41 10.52 -12.13
CA ASP D 398 11.99 9.82 -13.27
C ASP D 398 12.07 10.80 -14.44
N GLU D 399 13.27 11.34 -14.67
CA GLU D 399 13.44 12.38 -15.68
C GLU D 399 13.29 11.81 -17.08
N GLU D 400 13.51 10.50 -17.25
CA GLU D 400 13.38 9.90 -18.57
C GLU D 400 11.93 9.79 -18.98
N SER D 401 11.08 9.26 -18.10
CA SER D 401 9.70 8.95 -18.49
C SER D 401 8.86 10.22 -18.61
N ILE D 402 9.17 11.22 -17.81
CA ILE D 402 8.41 12.47 -17.85
C ILE D 402 8.70 13.21 -19.14
N LEU D 403 9.98 13.25 -19.55
CA LEU D 403 10.31 13.85 -20.82
C LEU D 403 9.83 12.99 -21.97
N GLY D 404 9.67 11.69 -21.74
CA GLY D 404 9.15 10.82 -22.79
C GLY D 404 7.67 11.02 -23.01
N GLU D 405 6.93 11.35 -21.96
CA GLU D 405 5.48 11.44 -22.10
C GLU D 405 5.07 12.74 -22.76
N LEU D 406 5.96 13.72 -22.81
CA LEU D 406 5.62 15.02 -23.37
C LEU D 406 5.70 15.04 -24.87
N SER D 407 5.51 16.20 -25.48
CA SER D 407 5.70 16.40 -26.90
C SER D 407 6.97 17.20 -27.12
N GLU D 408 7.34 17.35 -28.39
CA GLU D 408 8.58 18.05 -28.74
C GLU D 408 8.62 19.53 -28.36
N PRO D 409 7.59 20.37 -28.62
CA PRO D 409 7.74 21.79 -28.23
C PRO D 409 7.78 22.02 -26.74
N LEU D 410 7.15 21.14 -25.96
CA LEU D 410 7.25 21.24 -24.52
C LEU D 410 8.66 20.96 -24.05
N ARG D 411 9.31 19.96 -24.63
CA ARG D 411 10.71 19.68 -24.32
C ARG D 411 11.58 20.86 -24.70
N GLU D 412 11.31 21.47 -25.84
CA GLU D 412 12.12 22.61 -26.28
C GLU D 412 11.97 23.79 -25.33
N GLU D 413 10.76 24.05 -24.86
CA GLU D 413 10.54 25.17 -23.96
C GLU D 413 11.16 24.92 -22.60
N ILE D 414 11.07 23.69 -22.10
CA ILE D 414 11.68 23.34 -20.82
C ILE D 414 13.19 23.47 -20.88
N ILE D 415 13.81 22.98 -21.95
CA ILE D 415 15.27 23.00 -22.02
C ILE D 415 15.77 24.42 -22.27
N ASN D 416 14.99 25.24 -22.98
CA ASN D 416 15.33 26.65 -23.11
C ASN D 416 15.31 27.37 -21.77
N PHE D 417 14.30 27.09 -20.95
CA PHE D 417 14.24 27.74 -19.64
C PHE D 417 15.31 27.20 -18.70
N THR D 418 15.75 25.97 -18.89
CA THR D 418 16.78 25.49 -17.99
C THR D 418 18.17 25.91 -18.42
N CYS D 419 18.38 26.24 -19.69
CA CYS D 419 19.73 26.50 -20.17
C CYS D 419 19.90 27.85 -20.85
N ARG D 420 19.01 28.82 -20.57
CA ARG D 420 19.23 30.16 -21.11
C ARG D 420 20.48 30.81 -20.54
N GLY D 421 20.96 30.36 -19.38
CA GLY D 421 22.24 30.84 -18.89
C GLY D 421 23.39 30.40 -19.78
N LEU D 422 23.38 29.13 -20.17
CA LEU D 422 24.38 28.64 -21.12
C LEU D 422 24.21 29.29 -22.48
N VAL D 423 22.99 29.67 -22.83
CA VAL D 423 22.77 30.45 -24.03
C VAL D 423 23.45 31.82 -23.91
N ALA D 424 23.27 32.48 -22.77
CA ALA D 424 23.74 33.84 -22.59
C ALA D 424 25.25 33.96 -22.47
N HIS D 425 25.91 33.02 -21.80
CA HIS D 425 27.35 33.17 -21.58
C HIS D 425 28.16 32.75 -22.80
N MET D 426 27.72 31.71 -23.48
CA MET D 426 28.46 31.19 -24.61
C MET D 426 28.33 32.12 -25.81
N PRO D 427 29.45 32.53 -26.42
CA PRO D 427 29.35 33.40 -27.60
C PRO D 427 28.92 32.65 -28.84
N LEU D 428 29.17 31.35 -28.91
CA LEU D 428 28.80 30.57 -30.08
C LEU D 428 27.29 30.41 -30.18
N PHE D 429 26.60 30.43 -29.04
CA PHE D 429 25.15 30.34 -29.07
C PHE D 429 24.52 31.72 -29.16
N ALA D 430 25.31 32.77 -28.97
CA ALA D 430 24.76 34.12 -29.01
C ALA D 430 24.45 34.55 -30.43
N HIS D 431 25.23 34.09 -31.39
CA HIS D 431 25.10 34.61 -32.75
C HIS D 431 24.30 33.68 -33.64
N ALA D 432 24.25 32.38 -33.31
CA ALA D 432 23.69 31.41 -34.23
C ALA D 432 22.16 31.45 -34.21
N ASP D 433 21.58 30.68 -35.12
CA ASP D 433 20.13 30.52 -35.22
C ASP D 433 19.59 29.82 -34.00
N PRO D 434 18.44 30.24 -33.47
CA PRO D 434 17.89 29.56 -32.30
C PRO D 434 17.41 28.16 -32.61
N SER D 435 17.14 27.87 -33.89
CA SER D 435 16.89 26.49 -34.30
C SER D 435 18.09 25.61 -34.03
N PHE D 436 19.29 26.11 -34.38
CA PHE D 436 20.53 25.41 -34.06
C PHE D 436 20.71 25.29 -32.56
N VAL D 437 20.33 26.33 -31.81
CA VAL D 437 20.50 26.34 -30.37
C VAL D 437 19.64 25.25 -29.73
N THR D 438 18.38 25.17 -30.14
CA THR D 438 17.50 24.13 -29.61
C THR D 438 17.94 22.76 -30.07
N ALA D 439 18.46 22.65 -31.30
CA ALA D 439 18.89 21.36 -31.81
C ALA D 439 20.11 20.85 -31.04
N VAL D 440 20.94 21.77 -30.54
CA VAL D 440 22.00 21.36 -29.65
C VAL D 440 21.43 20.99 -28.29
N LEU D 441 20.54 21.84 -27.75
CA LEU D 441 20.15 21.74 -26.36
C LEU D 441 19.27 20.53 -26.08
N THR D 442 18.57 20.03 -27.10
CA THR D 442 17.69 18.89 -26.86
C THR D 442 18.47 17.59 -26.68
N LYS D 443 19.75 17.59 -27.02
CA LYS D 443 20.52 16.37 -26.94
C LYS D 443 21.54 16.38 -25.82
N LEU D 444 21.36 17.18 -24.79
CA LEU D 444 22.30 17.18 -23.68
C LEU D 444 21.87 16.19 -22.61
N ARG D 445 22.79 15.92 -21.68
CA ARG D 445 22.51 15.08 -20.53
C ARG D 445 23.06 15.73 -19.28
N PHE D 446 22.24 15.74 -18.23
CA PHE D 446 22.59 16.42 -16.99
C PHE D 446 23.44 15.51 -16.12
N GLU D 447 24.60 16.00 -15.68
CA GLU D 447 25.52 15.22 -14.87
C GLU D 447 26.03 16.04 -13.70
N VAL D 448 26.32 15.36 -12.58
CA VAL D 448 26.71 15.97 -11.33
C VAL D 448 27.99 15.31 -10.86
N PHE D 449 29.00 16.10 -10.52
CA PHE D 449 30.24 15.55 -10.02
C PHE D 449 30.53 16.04 -8.60
N GLN D 450 31.32 15.26 -7.87
CA GLN D 450 31.79 15.57 -6.53
C GLN D 450 33.20 16.15 -6.63
N PRO D 451 33.59 17.02 -5.69
CA PRO D 451 34.91 17.65 -5.81
C PRO D 451 36.04 16.67 -5.56
N GLY D 452 37.17 16.95 -6.20
CA GLY D 452 38.29 16.03 -6.21
C GLY D 452 38.25 15.03 -7.35
N ASP D 453 37.10 14.83 -7.96
CA ASP D 453 36.99 13.87 -9.04
C ASP D 453 37.63 14.41 -10.31
N LEU D 454 38.17 13.50 -11.10
CA LEU D 454 38.77 13.85 -12.39
C LEU D 454 37.76 13.51 -13.46
N VAL D 455 37.25 14.53 -14.15
CA VAL D 455 36.25 14.28 -15.19
C VAL D 455 36.91 13.68 -16.41
N VAL D 456 37.96 14.31 -16.91
CA VAL D 456 38.70 13.79 -18.04
C VAL D 456 40.16 13.63 -17.62
N ARG D 457 40.68 12.41 -17.79
CA ARG D 457 42.07 12.11 -17.54
C ARG D 457 42.83 12.10 -18.86
N GLU D 458 44.10 12.49 -18.80
CA GLU D 458 44.90 12.64 -20.00
C GLU D 458 45.16 11.30 -20.66
N GLY D 459 45.16 11.29 -21.99
CA GLY D 459 45.33 10.06 -22.72
C GLY D 459 44.13 9.15 -22.57
N SER D 460 42.95 9.70 -22.77
CA SER D 460 41.73 8.92 -22.76
C SER D 460 41.41 8.51 -24.19
N VAL D 461 40.23 7.92 -24.38
CA VAL D 461 39.82 7.57 -25.73
C VAL D 461 39.18 8.78 -26.41
N GLY D 462 38.50 9.63 -25.65
CA GLY D 462 37.83 10.78 -26.22
C GLY D 462 36.41 10.45 -26.62
N ARG D 463 35.45 11.00 -25.91
CA ARG D 463 34.09 10.51 -26.06
C ARG D 463 33.02 11.60 -26.12
N LYS D 464 33.24 12.73 -25.45
CA LYS D 464 32.13 13.60 -25.07
C LYS D 464 32.65 15.02 -24.84
N MET D 465 31.73 15.98 -24.93
CA MET D 465 31.97 17.38 -24.62
C MET D 465 31.18 17.74 -23.37
N TYR D 466 31.64 18.75 -22.65
CA TYR D 466 30.95 19.17 -21.43
C TYR D 466 30.67 20.66 -21.45
N PHE D 467 29.55 21.04 -20.87
CA PHE D 467 29.20 22.44 -20.62
C PHE D 467 28.95 22.60 -19.13
N ILE D 468 29.13 23.82 -18.63
CA ILE D 468 29.24 24.04 -17.20
C ILE D 468 28.07 24.88 -16.72
N GLN D 469 27.20 24.25 -15.94
CA GLN D 469 26.08 24.99 -15.38
C GLN D 469 26.51 25.78 -14.15
N HIS D 470 27.05 25.09 -13.14
CA HIS D 470 27.45 25.75 -11.91
C HIS D 470 28.87 25.34 -11.56
N GLY D 471 29.37 25.92 -10.48
CA GLY D 471 30.65 25.54 -9.94
C GLY D 471 31.80 26.06 -10.78
N LEU D 472 33.00 25.78 -10.30
CA LEU D 472 34.22 26.08 -11.03
C LEU D 472 35.07 24.83 -11.11
N LEU D 473 35.85 24.76 -12.17
CA LEU D 473 36.65 23.58 -12.47
C LEU D 473 38.09 24.00 -12.68
N SER D 474 39.00 23.12 -12.29
CA SER D 474 40.43 23.36 -12.40
C SER D 474 41.06 22.37 -13.35
N VAL D 475 41.71 22.87 -14.37
CA VAL D 475 42.57 22.09 -15.25
C VAL D 475 43.99 22.42 -14.88
N LEU D 476 44.85 21.42 -14.71
CA LEU D 476 46.17 21.72 -14.16
C LEU D 476 47.08 22.25 -15.26
N THR D 483 45.04 28.01 -14.94
CA THR D 483 44.12 27.67 -16.04
C THR D 483 42.71 27.33 -15.57
N ARG D 484 42.25 27.98 -14.51
CA ARG D 484 40.97 27.64 -13.92
C ARG D 484 39.83 28.30 -14.68
N LEU D 485 38.64 27.72 -14.56
CA LEU D 485 37.45 28.22 -15.24
C LEU D 485 36.21 27.96 -14.41
N THR D 486 35.32 28.95 -14.38
CA THR D 486 34.11 28.94 -13.57
C THR D 486 32.90 28.58 -14.43
N ASP D 487 31.71 28.79 -13.88
CA ASP D 487 30.45 28.46 -14.53
C ASP D 487 30.27 29.28 -15.81
N GLY D 488 29.49 28.74 -16.72
CA GLY D 488 29.34 29.36 -18.02
C GLY D 488 30.42 28.99 -19.01
N SER D 489 31.39 28.18 -18.61
CA SER D 489 32.44 27.77 -19.51
C SER D 489 32.12 26.40 -20.12
N TYR D 490 33.10 25.85 -20.83
CA TYR D 490 32.91 24.63 -21.59
C TYR D 490 34.26 24.00 -21.86
N PHE D 491 34.28 22.69 -22.04
CA PHE D 491 35.50 21.96 -22.38
C PHE D 491 35.11 20.63 -23.02
N GLY D 492 36.12 19.84 -23.33
CA GLY D 492 35.90 18.64 -24.09
C GLY D 492 35.75 18.86 -25.58
N GLU D 493 36.28 19.97 -26.10
CA GLU D 493 35.97 20.37 -27.47
C GLU D 493 36.82 19.62 -28.48
N ILE D 494 38.14 19.79 -28.41
CA ILE D 494 39.00 19.49 -29.56
C ILE D 494 39.19 18.00 -29.72
N CYS D 495 38.90 17.22 -28.69
CA CYS D 495 39.14 15.79 -28.77
C CYS D 495 38.07 15.11 -29.61
N LEU D 496 36.92 15.76 -29.77
CA LEU D 496 35.91 15.23 -30.67
C LEU D 496 36.30 15.46 -32.11
N LEU D 497 36.92 16.60 -32.40
CA LEU D 497 37.30 16.90 -33.77
C LEU D 497 38.55 16.14 -34.17
N THR D 498 39.56 16.15 -33.32
CA THR D 498 40.82 15.52 -33.67
C THR D 498 40.75 14.00 -33.56
N ARG D 499 39.74 13.50 -32.84
CA ARG D 499 39.51 12.06 -32.58
C ARG D 499 40.70 11.42 -31.88
N GLY D 500 41.46 12.18 -31.11
CA GLY D 500 42.67 11.67 -30.52
C GLY D 500 42.50 11.33 -29.06
N ARG D 501 43.57 11.51 -28.29
CA ARG D 501 43.48 11.27 -26.86
C ARG D 501 43.27 12.58 -26.13
N ARG D 502 43.19 12.52 -24.81
CA ARG D 502 42.89 13.69 -24.01
C ARG D 502 44.18 14.44 -23.71
N THR D 503 44.17 15.75 -23.95
CA THR D 503 45.38 16.54 -23.78
C THR D 503 45.62 16.85 -22.31
N ALA D 504 44.69 17.54 -21.67
CA ALA D 504 44.90 17.97 -20.30
C ALA D 504 43.87 17.29 -19.40
N SER D 505 44.10 17.41 -18.10
CA SER D 505 43.30 16.73 -17.10
C SER D 505 42.46 17.75 -16.34
N VAL D 506 41.20 17.41 -16.12
CA VAL D 506 40.23 18.32 -15.52
C VAL D 506 39.82 17.78 -14.16
N ARG D 507 39.90 18.62 -13.14
CA ARG D 507 39.49 18.25 -11.79
C ARG D 507 38.19 18.94 -11.43
N ALA D 508 37.55 18.45 -10.38
CA ALA D 508 36.37 19.06 -9.83
C ALA D 508 36.75 19.78 -8.53
N ASP D 509 36.39 21.06 -8.45
CA ASP D 509 36.78 21.84 -7.28
C ASP D 509 35.66 21.85 -6.25
N THR D 510 34.41 21.88 -6.71
CA THR D 510 33.24 21.87 -5.85
C THR D 510 32.25 20.88 -6.42
N TYR D 511 31.04 20.92 -5.91
CA TYR D 511 29.91 20.37 -6.62
C TYR D 511 29.69 21.15 -7.91
N CYS D 512 29.72 20.45 -9.03
CA CYS D 512 29.66 21.10 -10.33
C CYS D 512 28.65 20.40 -11.21
N ARG D 513 27.58 21.11 -11.57
CA ARG D 513 26.56 20.59 -12.46
C ARG D 513 27.01 20.77 -13.89
N LEU D 514 26.99 19.69 -14.66
CA LEU D 514 27.49 19.72 -16.02
C LEU D 514 26.47 19.14 -16.96
N TYR D 515 26.44 19.68 -18.17
CA TYR D 515 25.71 19.08 -19.27
C TYR D 515 26.68 18.50 -20.27
N SER D 516 26.40 17.28 -20.70
CA SER D 516 27.30 16.51 -21.52
C SER D 516 26.70 16.30 -22.91
N LEU D 517 27.57 16.18 -23.89
CA LEU D 517 27.16 16.03 -25.28
C LEU D 517 27.89 14.84 -25.91
N SER D 518 27.12 13.94 -26.52
CA SER D 518 27.69 12.76 -27.15
C SER D 518 28.18 13.08 -28.54
N VAL D 519 29.20 12.33 -28.98
CA VAL D 519 29.89 12.65 -30.24
C VAL D 519 29.03 12.28 -31.44
N ASP D 520 28.19 11.25 -31.32
CA ASP D 520 27.33 10.88 -32.44
C ASP D 520 26.25 11.91 -32.65
N HIS D 521 25.64 12.39 -31.57
CA HIS D 521 24.71 13.50 -31.64
C HIS D 521 25.39 14.76 -32.15
N PHE D 522 26.66 14.94 -31.77
CA PHE D 522 27.41 16.12 -32.20
C PHE D 522 27.63 16.09 -33.71
N ASN D 523 28.01 14.95 -34.26
CA ASN D 523 28.18 14.83 -35.70
C ASN D 523 26.86 14.92 -36.43
N ALA D 524 25.77 14.46 -35.82
CA ALA D 524 24.46 14.61 -36.44
C ALA D 524 24.05 16.08 -36.54
N VAL D 525 24.32 16.84 -35.48
CA VAL D 525 24.00 18.27 -35.50
C VAL D 525 24.89 19.01 -36.50
N LEU D 526 26.15 18.57 -36.62
CA LEU D 526 27.01 19.16 -37.65
C LEU D 526 26.54 18.81 -39.05
N GLU D 527 25.97 17.63 -39.23
CA GLU D 527 25.35 17.28 -40.50
C GLU D 527 24.14 18.14 -40.77
N GLU D 528 23.42 18.53 -39.72
CA GLU D 528 22.27 19.41 -39.92
C GLU D 528 22.69 20.85 -40.17
N PHE D 529 23.88 21.25 -39.71
CA PHE D 529 24.31 22.64 -39.78
C PHE D 529 25.78 22.72 -40.13
N PRO D 530 26.12 23.11 -41.36
CA PRO D 530 27.52 23.07 -41.79
C PRO D 530 28.35 24.25 -41.36
N MET D 531 27.76 25.41 -41.07
CA MET D 531 28.57 26.59 -40.80
C MET D 531 29.13 26.57 -39.38
N MET D 532 28.37 26.00 -38.45
CA MET D 532 28.86 25.88 -37.09
C MET D 532 29.97 24.86 -36.97
N ARG D 533 30.11 23.95 -37.95
CA ARG D 533 31.30 23.12 -38.05
C ARG D 533 32.55 23.97 -38.16
N ARG D 534 32.52 24.95 -39.06
CA ARG D 534 33.65 25.85 -39.21
C ARG D 534 33.82 26.72 -37.97
N ALA D 535 32.72 27.08 -37.32
CA ALA D 535 32.80 27.82 -36.06
C ALA D 535 33.52 27.04 -34.97
N PHE D 536 33.18 25.75 -34.83
CA PHE D 536 33.86 24.90 -33.86
C PHE D 536 35.31 24.68 -34.25
N GLU D 537 35.61 24.61 -35.54
CA GLU D 537 36.99 24.43 -35.97
C GLU D 537 37.84 25.65 -35.63
N THR D 538 37.27 26.85 -35.83
CA THR D 538 37.98 28.07 -35.46
C THR D 538 38.19 28.17 -33.96
N VAL D 539 37.17 27.82 -33.16
CA VAL D 539 37.35 27.96 -31.72
C VAL D 539 38.22 26.83 -31.19
N ALA D 540 38.32 25.72 -31.91
CA ALA D 540 39.23 24.65 -31.50
C ALA D 540 40.66 25.02 -31.80
N MET D 541 40.90 25.71 -32.92
CA MET D 541 42.23 26.22 -33.20
C MET D 541 42.64 27.29 -32.20
N ASP D 542 41.67 28.12 -31.78
CA ASP D 542 41.95 29.11 -30.74
C ASP D 542 42.27 28.43 -29.42
N ARG D 543 41.59 27.32 -29.13
CA ARG D 543 41.85 26.56 -27.92
C ARG D 543 43.23 25.92 -27.96
N LEU D 544 43.63 25.44 -29.15
CA LEU D 544 44.99 24.93 -29.33
C LEU D 544 46.03 26.02 -29.14
N LEU D 545 45.72 27.24 -29.57
CA LEU D 545 46.60 28.36 -29.30
C LEU D 545 46.67 28.65 -27.81
N ARG D 546 45.58 28.42 -27.10
CA ARG D 546 45.61 28.50 -25.64
C ARG D 546 46.25 27.25 -25.04
#